data_1MS9
#
_entry.id   1MS9
#
_cell.length_a   51.046
_cell.length_b   74.204
_cell.length_c   87.496
_cell.angle_alpha   86.02
_cell.angle_beta   84.17
_cell.angle_gamma   88.31
#
_symmetry.space_group_name_H-M   'P 1'
#
loop_
_entity.id
_entity.type
_entity.pdbx_description
1 polymer trans-sialidase
2 branched beta-D-galactopyranose-(1-4)-beta-D-glucopyranose
3 water water
#
_entity_poly.entity_id   1
_entity_poly.type   'polypeptide(L)'
_entity_poly.pdbx_seq_one_letter_code
;MGGSHHHHHHGMASLAPGSSRVELFKRQSSKVPFEKDGKVTERVVHSFRLPALVNVDGVMVAIADARYETSFDNSLIDTV
AKYSVDDGETWETQIAIKNSRASSVSRVVDPTVIVKGNKLYVLVGSYNSSRSYWTSHGDARDWDILLAVGEVTKSTAGGK
ITASIKWGSPVSLKEFFPAEMEGMHTNQFLGGAGVAIVASNGNLVYPVQVTNKKKQVFSKIFYSEDEGKTWKFGKGRSAF
GCSEPVALEWEGKLIINTRVDYRRRLVYESSDMGNTWLEAVGTLSRVWGPSPKSNQPGSQSSFTAVTIEGMRVMLFTHPL
NFKGRWLRDRLNLWLTDNQRIYNVGQVSIGDENSAYSSVLYKDDKLYCLHEINSNEVYSLVFARLVGELRIIKSVLQSWK
NWDSHLSSICTPADPAASSSERGCGPAVTTVGLVGFLSHSATKTEWEDAYRCVNASTANAERVPNGLKFAGVGGGALWPV
SQQGQNQRYHFANHAFTLVASVTIHEVPKGASPLLGASLDSSGGKKLLGLSYDKRHQWQPIYGSTPVTPTGSWEMGKRYH
VVLTMANKIGSVYIDGEPLEGSGQTVVPDERTPDISHFYVGGYKRSGMPTDSRVTVNNVLLYNRQLNAEEIRTLFLSQDL
IGTEAHMD
;
_entity_poly.pdbx_strand_id   A,B
#
loop_
_chem_comp.id
_chem_comp.type
_chem_comp.name
_chem_comp.formula
BGC D-saccharide, beta linking beta-D-glucopyranose 'C6 H12 O6'
GAL D-saccharide, beta linking beta-D-galactopyranose 'C6 H12 O6'
#
# COMPACT_ATOMS: atom_id res chain seq x y z
N ALA A 16 -11.52 -14.00 4.56
CA ALA A 16 -12.38 -12.86 4.09
C ALA A 16 -12.67 -11.89 5.22
N PRO A 17 -11.88 -10.84 5.24
CA PRO A 17 -12.00 -9.91 6.34
C PRO A 17 -13.39 -9.30 6.41
N GLY A 18 -13.91 -9.27 7.63
CA GLY A 18 -15.22 -8.74 7.86
C GLY A 18 -16.31 -9.80 7.90
N SER A 19 -16.07 -10.94 7.25
CA SER A 19 -17.05 -12.00 7.19
C SER A 19 -17.09 -12.76 8.48
N SER A 20 -18.23 -13.40 8.74
CA SER A 20 -18.40 -14.19 9.93
C SER A 20 -19.49 -15.24 9.71
N ARG A 21 -19.61 -16.19 10.62
CA ARG A 21 -20.64 -17.19 10.45
C ARG A 21 -21.01 -17.81 11.79
N VAL A 22 -22.16 -18.50 11.78
CA VAL A 22 -22.56 -19.36 12.89
C VAL A 22 -22.86 -20.75 12.39
N GLU A 23 -22.78 -21.73 13.29
CA GLU A 23 -23.15 -23.10 12.98
C GLU A 23 -24.65 -23.24 13.26
N LEU A 24 -25.44 -22.95 12.24
CA LEU A 24 -26.87 -22.79 12.40
C LEU A 24 -27.59 -24.13 12.53
N PHE A 25 -27.29 -25.04 11.64
CA PHE A 25 -27.85 -26.37 11.70
C PHE A 25 -26.71 -27.23 12.22
N LYS A 26 -26.67 -27.45 13.53
CA LYS A 26 -25.50 -28.02 14.17
C LYS A 26 -25.64 -29.51 14.30
N ARG A 27 -24.73 -30.21 13.69
CA ARG A 27 -24.72 -31.65 13.73
C ARG A 27 -24.77 -32.22 15.13
N GLN A 28 -25.60 -33.23 15.35
CA GLN A 28 -25.60 -33.94 16.65
C GLN A 28 -26.03 -33.04 17.82
N SER A 29 -26.70 -31.94 17.52
CA SER A 29 -27.03 -30.92 18.50
C SER A 29 -28.35 -30.28 18.22
N SER A 30 -28.50 -29.66 17.03
CA SER A 30 -29.79 -29.07 16.74
C SER A 30 -30.96 -30.07 16.74
N LYS A 31 -32.04 -29.66 17.34
CA LYS A 31 -33.24 -30.49 17.45
C LYS A 31 -34.30 -30.00 16.43
N VAL A 32 -35.14 -30.93 15.97
CA VAL A 32 -36.30 -30.63 15.13
C VAL A 32 -37.54 -31.30 15.72
N PRO A 33 -38.73 -30.83 15.39
CA PRO A 33 -39.99 -31.44 15.87
C PRO A 33 -40.36 -32.67 15.05
N PHE A 34 -39.86 -33.82 15.51
CA PHE A 34 -40.10 -35.12 14.88
C PHE A 34 -41.46 -35.68 15.24
N GLU A 35 -42.29 -35.75 14.21
CA GLU A 35 -43.66 -36.23 14.35
C GLU A 35 -43.80 -37.65 13.83
N LYS A 36 -44.40 -38.50 14.64
CA LYS A 36 -44.69 -39.87 14.25
C LYS A 36 -46.00 -40.26 14.92
N ASP A 37 -47.00 -40.62 14.10
CA ASP A 37 -48.29 -41.09 14.62
C ASP A 37 -48.94 -40.17 15.61
N GLY A 38 -48.99 -38.91 15.25
CA GLY A 38 -49.64 -37.91 16.07
C GLY A 38 -48.90 -37.48 17.31
N LYS A 39 -47.67 -37.93 17.49
CA LYS A 39 -46.86 -37.53 18.65
C LYS A 39 -45.61 -36.77 18.12
N VAL A 40 -45.33 -35.63 18.71
CA VAL A 40 -44.16 -34.86 18.30
C VAL A 40 -43.14 -34.82 19.44
N THR A 41 -41.88 -35.02 19.09
CA THR A 41 -40.81 -35.02 20.07
C THR A 41 -39.66 -34.25 19.50
N GLU A 42 -39.08 -33.35 20.29
CA GLU A 42 -37.87 -32.64 19.87
C GLU A 42 -36.73 -33.63 19.76
N ARG A 43 -36.12 -33.70 18.57
CA ARG A 43 -35.19 -34.79 18.35
C ARG A 43 -33.89 -34.26 17.78
N VAL A 44 -32.78 -34.71 18.32
CA VAL A 44 -31.44 -34.34 17.84
C VAL A 44 -31.17 -35.00 16.51
N VAL A 45 -30.62 -34.22 15.59
CA VAL A 45 -30.32 -34.69 14.25
C VAL A 45 -28.82 -34.92 14.03
N HIS A 46 -28.44 -36.05 13.47
CA HIS A 46 -27.02 -36.38 13.20
C HIS A 46 -26.42 -35.39 12.23
N SER A 47 -27.04 -35.23 11.07
CA SER A 47 -26.42 -34.45 9.99
C SER A 47 -27.44 -33.65 9.24
N PHE A 48 -27.02 -32.46 8.79
CA PHE A 48 -27.81 -31.61 7.95
C PHE A 48 -27.09 -31.44 6.65
N ARG A 49 -27.80 -31.63 5.53
CA ARG A 49 -27.18 -31.50 4.19
C ARG A 49 -28.18 -30.80 3.25
N LEU A 50 -27.70 -30.48 2.06
N LEU A 50 -27.73 -30.51 2.04
CA LEU A 50 -28.53 -29.94 0.98
CA LEU A 50 -28.65 -29.98 1.01
C LEU A 50 -29.23 -28.62 1.28
C LEU A 50 -29.23 -28.62 1.28
N PRO A 51 -28.40 -27.60 1.54
CA PRO A 51 -28.93 -26.29 1.88
C PRO A 51 -29.65 -25.57 0.73
N ALA A 52 -30.72 -24.90 1.09
CA ALA A 52 -31.42 -23.98 0.17
C ALA A 52 -31.82 -22.75 1.00
N LEU A 53 -31.34 -21.56 0.66
CA LEU A 53 -31.55 -20.35 1.44
C LEU A 53 -32.27 -19.32 0.57
N VAL A 54 -33.43 -18.90 1.03
CA VAL A 54 -34.29 -18.01 0.20
C VAL A 54 -34.86 -16.88 1.01
N ASN A 55 -35.37 -15.88 0.28
CA ASN A 55 -36.11 -14.75 0.86
C ASN A 55 -37.53 -14.85 0.44
N VAL A 56 -38.44 -14.93 1.40
CA VAL A 56 -39.85 -14.83 1.06
C VAL A 56 -40.41 -13.61 1.76
N ASP A 57 -40.67 -12.54 1.00
CA ASP A 57 -41.29 -11.34 1.60
C ASP A 57 -40.56 -10.82 2.85
N GLY A 58 -39.24 -10.78 2.82
CA GLY A 58 -38.48 -10.34 3.95
C GLY A 58 -38.15 -11.34 4.99
N VAL A 59 -38.72 -12.53 4.87
CA VAL A 59 -38.47 -13.61 5.80
C VAL A 59 -37.39 -14.51 5.17
N MET A 60 -36.25 -14.70 5.85
N MET A 60 -36.27 -14.72 5.87
CA MET A 60 -35.26 -15.67 5.36
CA MET A 60 -35.22 -15.64 5.41
C MET A 60 -35.75 -17.05 5.75
C MET A 60 -35.67 -17.06 5.77
N VAL A 61 -35.62 -17.98 4.79
CA VAL A 61 -36.02 -19.37 5.00
C VAL A 61 -34.87 -20.28 4.55
N ALA A 62 -34.46 -21.16 5.46
CA ALA A 62 -33.37 -22.09 5.20
C ALA A 62 -33.95 -23.49 5.23
N ILE A 63 -33.84 -24.22 4.10
CA ILE A 63 -34.43 -25.52 3.94
C ILE A 63 -33.29 -26.49 3.73
N ALA A 64 -33.42 -27.68 4.28
CA ALA A 64 -32.37 -28.66 4.19
C ALA A 64 -32.88 -30.08 4.49
N ASP A 65 -32.01 -31.05 4.28
CA ASP A 65 -32.21 -32.41 4.80
C ASP A 65 -31.87 -32.47 6.30
N ALA A 66 -32.71 -33.07 7.10
CA ALA A 66 -32.41 -33.46 8.47
C ALA A 66 -32.28 -34.99 8.47
N ARG A 67 -31.04 -35.44 8.46
CA ARG A 67 -30.62 -36.86 8.41
C ARG A 67 -30.45 -37.30 9.84
N TYR A 68 -31.51 -37.81 10.39
CA TYR A 68 -31.61 -38.11 11.80
C TYR A 68 -30.51 -38.95 12.44
N GLU A 69 -30.10 -40.02 11.78
CA GLU A 69 -29.28 -41.04 12.43
C GLU A 69 -27.87 -41.19 11.87
N THR A 70 -27.68 -40.78 10.61
CA THR A 70 -26.42 -40.93 9.94
C THR A 70 -26.45 -40.02 8.74
N SER A 71 -25.28 -39.72 8.16
CA SER A 71 -25.26 -38.93 6.96
C SER A 71 -25.44 -39.77 5.70
N PHE A 72 -25.42 -41.07 5.83
CA PHE A 72 -25.59 -41.95 4.66
C PHE A 72 -26.84 -41.55 3.88
N ASP A 73 -26.72 -41.43 2.54
CA ASP A 73 -27.86 -41.02 1.76
C ASP A 73 -29.13 -41.81 1.98
N ASN A 74 -29.06 -43.12 2.09
CA ASN A 74 -30.29 -43.90 2.12
C ASN A 74 -30.59 -44.24 3.58
N SER A 75 -31.13 -43.26 4.28
CA SER A 75 -31.36 -43.34 5.71
C SER A 75 -32.54 -42.43 6.01
N LEU A 76 -32.89 -42.32 7.28
CA LEU A 76 -34.06 -41.57 7.69
C LEU A 76 -33.88 -40.08 7.60
N ILE A 77 -34.67 -39.45 6.73
CA ILE A 77 -34.54 -38.02 6.42
C ILE A 77 -35.90 -37.34 6.28
N ASP A 78 -36.03 -36.21 6.96
CA ASP A 78 -37.15 -35.29 6.80
C ASP A 78 -36.59 -33.98 6.26
N THR A 79 -37.44 -33.15 5.64
CA THR A 79 -37.03 -31.81 5.19
C THR A 79 -37.31 -30.79 6.28
N VAL A 80 -36.24 -30.18 6.80
CA VAL A 80 -36.32 -29.19 7.87
C VAL A 80 -36.34 -27.80 7.27
N ALA A 81 -37.07 -26.90 7.93
CA ALA A 81 -37.03 -25.48 7.62
C ALA A 81 -36.74 -24.67 8.85
N LYS A 82 -35.80 -23.75 8.75
CA LYS A 82 -35.68 -22.69 9.74
C LYS A 82 -36.07 -21.35 9.09
N TYR A 83 -36.66 -20.46 9.87
CA TYR A 83 -36.98 -19.15 9.32
C TYR A 83 -36.68 -18.04 10.30
N SER A 84 -36.32 -16.88 9.76
CA SER A 84 -35.85 -15.73 10.55
C SER A 84 -36.40 -14.43 9.97
N VAL A 85 -36.77 -13.52 10.87
CA VAL A 85 -37.30 -12.21 10.47
C VAL A 85 -36.27 -11.13 10.80
N ASP A 86 -35.16 -11.52 11.39
CA ASP A 86 -34.09 -10.61 11.82
C ASP A 86 -32.77 -10.86 11.12
N ASP A 87 -32.83 -11.20 9.83
CA ASP A 87 -31.59 -11.31 9.02
C ASP A 87 -30.70 -12.43 9.50
N GLY A 88 -31.30 -13.44 10.12
CA GLY A 88 -30.51 -14.61 10.47
C GLY A 88 -29.87 -14.62 11.84
N GLU A 89 -30.22 -13.66 12.69
CA GLU A 89 -29.76 -13.62 14.07
C GLU A 89 -30.52 -14.64 14.92
N THR A 90 -31.84 -14.72 14.77
CA THR A 90 -32.62 -15.77 15.45
C THR A 90 -33.54 -16.46 14.45
N TRP A 91 -33.81 -17.72 14.76
CA TRP A 91 -34.65 -18.61 13.92
C TRP A 91 -35.64 -19.46 14.67
N GLU A 92 -36.73 -19.77 13.98
CA GLU A 92 -37.71 -20.78 14.39
C GLU A 92 -37.47 -22.04 13.54
N THR A 93 -37.83 -23.19 14.07
CA THR A 93 -37.49 -24.46 13.42
C THR A 93 -38.71 -25.32 13.23
N GLN A 94 -38.89 -25.88 12.02
CA GLN A 94 -40.00 -26.77 11.73
C GLN A 94 -39.53 -27.94 10.88
N ILE A 95 -40.41 -28.95 10.74
CA ILE A 95 -40.28 -29.95 9.70
C ILE A 95 -41.29 -29.54 8.61
N ALA A 96 -40.75 -29.21 7.44
CA ALA A 96 -41.52 -28.80 6.30
C ALA A 96 -42.22 -30.01 5.66
N ILE A 97 -41.51 -31.12 5.53
CA ILE A 97 -42.02 -32.31 4.93
C ILE A 97 -41.52 -33.51 5.66
N LYS A 98 -42.42 -34.37 6.09
CA LYS A 98 -42.03 -35.62 6.71
C LYS A 98 -42.02 -36.75 5.69
N ASN A 99 -41.11 -37.68 5.88
CA ASN A 99 -41.09 -38.89 5.09
C ASN A 99 -42.24 -39.81 5.47
N SER A 100 -42.38 -40.88 4.69
CA SER A 100 -43.49 -41.81 4.86
C SER A 100 -43.52 -42.62 6.15
N ARG A 101 -42.42 -42.67 6.87
CA ARG A 101 -42.37 -43.43 8.10
C ARG A 101 -42.55 -44.96 7.84
N ALA A 102 -42.37 -45.41 6.60
CA ALA A 102 -42.49 -46.81 6.26
C ALA A 102 -41.43 -47.68 6.88
N SER A 103 -40.21 -47.14 7.01
CA SER A 103 -39.08 -47.90 7.52
C SER A 103 -38.06 -47.00 8.13
N SER A 104 -37.00 -47.62 8.62
CA SER A 104 -35.94 -46.88 9.25
C SER A 104 -35.14 -46.08 8.27
N VAL A 105 -35.32 -46.27 6.94
CA VAL A 105 -34.63 -45.47 5.89
C VAL A 105 -35.60 -44.68 4.96
N SER A 106 -36.84 -44.54 5.39
CA SER A 106 -37.78 -43.71 4.70
C SER A 106 -37.19 -42.30 4.61
N ARG A 107 -37.40 -41.60 3.49
CA ARG A 107 -36.71 -40.30 3.31
C ARG A 107 -37.37 -39.46 2.27
N VAL A 108 -37.42 -38.17 2.54
CA VAL A 108 -37.73 -37.18 1.48
C VAL A 108 -36.41 -36.52 1.20
N VAL A 109 -36.09 -36.39 -0.09
CA VAL A 109 -34.70 -36.06 -0.46
C VAL A 109 -34.61 -34.99 -1.53
N ASP A 110 -33.43 -34.36 -1.56
CA ASP A 110 -33.08 -33.36 -2.55
C ASP A 110 -34.12 -32.22 -2.63
N PRO A 111 -34.44 -31.64 -1.49
CA PRO A 111 -35.46 -30.56 -1.52
C PRO A 111 -35.06 -29.42 -2.39
N THR A 112 -35.95 -29.06 -3.34
CA THR A 112 -35.66 -28.01 -4.32
C THR A 112 -36.77 -26.99 -4.21
N VAL A 113 -36.34 -25.77 -4.03
CA VAL A 113 -37.23 -24.73 -3.60
C VAL A 113 -37.47 -23.63 -4.63
N ILE A 114 -38.73 -23.23 -4.81
CA ILE A 114 -39.13 -22.07 -5.58
C ILE A 114 -39.95 -21.13 -4.67
N VAL A 115 -39.58 -19.85 -4.69
CA VAL A 115 -40.40 -18.83 -4.07
C VAL A 115 -41.29 -18.10 -5.08
N LYS A 116 -42.59 -18.10 -4.83
CA LYS A 116 -43.50 -17.23 -5.60
C LYS A 116 -44.49 -16.55 -4.67
N GLY A 117 -44.38 -15.24 -4.62
CA GLY A 117 -45.23 -14.49 -3.71
C GLY A 117 -44.88 -14.92 -2.30
N ASN A 118 -45.91 -15.31 -1.55
N ASN A 118 -45.90 -15.28 -1.52
CA ASN A 118 -45.73 -15.75 -0.19
CA ASN A 118 -45.67 -15.73 -0.17
C ASN A 118 -45.58 -17.26 -0.06
C ASN A 118 -45.63 -17.26 -0.06
N LYS A 119 -45.44 -17.94 -1.19
CA LYS A 119 -45.38 -19.39 -1.21
C LYS A 119 -43.99 -19.97 -1.45
N LEU A 120 -43.72 -21.02 -0.69
CA LEU A 120 -42.53 -21.83 -0.85
C LEU A 120 -43.01 -23.14 -1.51
N TYR A 121 -42.55 -23.40 -2.71
CA TYR A 121 -42.81 -24.67 -3.38
C TYR A 121 -41.59 -25.54 -3.16
N VAL A 122 -41.78 -26.72 -2.54
CA VAL A 122 -40.68 -27.61 -2.23
C VAL A 122 -40.90 -28.98 -2.86
N LEU A 123 -40.00 -29.35 -3.76
CA LEU A 123 -40.11 -30.61 -4.53
C LEU A 123 -39.11 -31.60 -3.95
N VAL A 124 -39.59 -32.79 -3.54
CA VAL A 124 -38.73 -33.81 -2.93
C VAL A 124 -39.01 -35.15 -3.55
N GLY A 125 -37.96 -35.93 -3.74
CA GLY A 125 -38.21 -37.33 -3.98
C GLY A 125 -38.63 -37.96 -2.64
N SER A 126 -39.37 -39.07 -2.71
CA SER A 126 -39.72 -39.83 -1.51
C SER A 126 -39.48 -41.32 -1.71
N TYR A 127 -38.76 -41.89 -0.78
CA TYR A 127 -38.37 -43.30 -0.83
C TYR A 127 -38.82 -43.95 0.42
N ASN A 128 -39.27 -45.22 0.30
CA ASN A 128 -39.78 -45.94 1.50
C ASN A 128 -38.80 -46.88 2.23
N SER A 129 -38.11 -47.75 1.49
N SER A 129 -38.10 -47.75 1.51
CA SER A 129 -37.34 -48.81 2.12
CA SER A 129 -37.31 -48.77 2.16
C SER A 129 -36.01 -49.14 1.48
C SER A 129 -36.01 -49.15 1.48
N SER A 130 -35.72 -48.58 0.31
CA SER A 130 -34.47 -48.93 -0.39
C SER A 130 -33.22 -48.53 0.32
N ARG A 131 -32.17 -49.38 0.29
CA ARG A 131 -30.89 -49.04 0.87
C ARG A 131 -29.80 -48.70 -0.18
N SER A 132 -30.21 -48.63 -1.44
CA SER A 132 -29.32 -48.23 -2.56
C SER A 132 -29.68 -46.85 -3.11
N TYR A 133 -28.71 -46.17 -3.71
CA TYR A 133 -28.99 -44.80 -4.19
C TYR A 133 -29.86 -44.88 -5.45
N TRP A 134 -30.68 -43.85 -5.61
CA TRP A 134 -31.74 -43.87 -6.62
C TRP A 134 -31.28 -44.15 -8.02
N THR A 135 -30.08 -43.72 -8.40
CA THR A 135 -29.65 -43.95 -9.76
C THR A 135 -29.35 -45.39 -10.04
N SER A 136 -29.22 -46.22 -9.02
N SER A 136 -29.15 -46.20 -9.01
CA SER A 136 -28.93 -47.61 -9.24
CA SER A 136 -28.87 -47.63 -9.17
C SER A 136 -30.19 -48.45 -9.29
C SER A 136 -30.19 -48.41 -9.41
N HIS A 137 -31.32 -47.82 -9.04
CA HIS A 137 -32.54 -48.62 -9.04
C HIS A 137 -32.92 -49.14 -10.42
N GLY A 138 -33.30 -50.42 -10.49
CA GLY A 138 -33.82 -50.98 -11.72
C GLY A 138 -35.31 -50.82 -11.97
N ASP A 139 -36.03 -50.18 -11.06
CA ASP A 139 -37.44 -49.95 -11.14
C ASP A 139 -37.83 -48.76 -10.30
N ALA A 140 -39.10 -48.43 -10.26
CA ALA A 140 -39.56 -47.24 -9.54
C ALA A 140 -40.52 -47.63 -8.40
N ARG A 141 -40.39 -48.86 -7.90
CA ARG A 141 -41.32 -49.33 -6.88
C ARG A 141 -41.17 -48.61 -5.54
N ASP A 142 -39.99 -48.08 -5.27
CA ASP A 142 -39.70 -47.44 -3.96
C ASP A 142 -39.82 -45.93 -4.02
N TRP A 143 -40.20 -45.38 -5.16
CA TRP A 143 -40.13 -43.94 -5.45
C TRP A 143 -41.44 -43.21 -5.68
N ASP A 144 -41.52 -41.96 -5.19
CA ASP A 144 -42.58 -41.01 -5.52
C ASP A 144 -41.90 -39.63 -5.57
N ILE A 145 -42.60 -38.68 -6.14
CA ILE A 145 -42.11 -37.34 -6.34
C ILE A 145 -43.15 -36.42 -5.80
N LEU A 146 -42.81 -35.64 -4.78
CA LEU A 146 -43.83 -34.91 -4.03
C LEU A 146 -43.56 -33.42 -4.04
N LEU A 147 -44.66 -32.67 -4.07
CA LEU A 147 -44.62 -31.21 -4.00
C LEU A 147 -45.37 -30.73 -2.76
N ALA A 148 -44.71 -29.98 -1.87
CA ALA A 148 -45.38 -29.39 -0.72
C ALA A 148 -45.31 -27.87 -0.88
N VAL A 149 -46.30 -27.20 -0.38
CA VAL A 149 -46.37 -25.74 -0.42
C VAL A 149 -46.42 -25.18 0.97
N GLY A 150 -45.48 -24.30 1.28
CA GLY A 150 -45.47 -23.58 2.54
C GLY A 150 -45.98 -22.17 2.36
N GLU A 151 -46.95 -21.77 3.17
N GLU A 151 -46.98 -21.79 3.15
CA GLU A 151 -47.52 -20.44 3.06
CA GLU A 151 -47.53 -20.43 3.08
C GLU A 151 -46.99 -19.56 4.18
C GLU A 151 -46.93 -19.60 4.17
N VAL A 152 -46.22 -18.55 3.79
CA VAL A 152 -45.57 -17.64 4.73
C VAL A 152 -46.45 -16.46 5.03
N THR A 153 -46.71 -16.22 6.30
CA THR A 153 -47.48 -15.01 6.70
C THR A 153 -46.70 -14.26 7.76
N LYS A 154 -46.92 -12.97 7.84
CA LYS A 154 -46.25 -12.12 8.84
C LYS A 154 -47.29 -11.36 9.63
N SER A 155 -46.95 -11.05 10.89
CA SER A 155 -47.83 -10.30 11.82
C SER A 155 -47.05 -9.20 12.47
N THR A 156 -47.68 -8.06 12.70
CA THR A 156 -47.04 -6.97 13.42
C THR A 156 -47.70 -6.79 14.79
N ALA A 157 -48.48 -7.76 15.22
CA ALA A 157 -49.11 -7.68 16.53
C ALA A 157 -48.08 -7.43 17.64
N GLY A 158 -48.41 -6.49 18.52
CA GLY A 158 -47.55 -6.23 19.66
C GLY A 158 -46.33 -5.39 19.37
N GLY A 159 -46.29 -4.84 18.17
CA GLY A 159 -45.20 -3.97 17.79
C GLY A 159 -43.98 -4.71 17.36
N LYS A 160 -44.15 -5.96 16.98
CA LYS A 160 -43.01 -6.70 16.51
C LYS A 160 -43.36 -7.46 15.27
N ILE A 161 -42.31 -7.87 14.56
CA ILE A 161 -42.58 -8.71 13.39
C ILE A 161 -42.45 -10.18 13.80
N THR A 162 -43.51 -10.94 13.52
CA THR A 162 -43.60 -12.38 13.77
C THR A 162 -43.99 -13.04 12.44
N ALA A 163 -43.22 -14.04 12.01
CA ALA A 163 -43.58 -14.82 10.81
C ALA A 163 -44.06 -16.18 11.19
N SER A 164 -44.82 -16.79 10.31
N SER A 164 -44.89 -16.77 10.33
CA SER A 164 -45.22 -18.19 10.47
CA SER A 164 -45.41 -18.13 10.47
C SER A 164 -45.35 -18.83 9.09
C SER A 164 -45.27 -18.81 9.09
N ILE A 165 -45.07 -20.13 9.06
CA ILE A 165 -45.10 -20.85 7.79
C ILE A 165 -46.00 -22.06 8.07
N LYS A 166 -47.09 -22.16 7.26
CA LYS A 166 -47.99 -23.29 7.31
C LYS A 166 -47.71 -24.21 6.13
N TRP A 167 -47.20 -25.39 6.43
CA TRP A 167 -46.84 -26.37 5.36
C TRP A 167 -48.05 -27.23 5.04
N GLY A 168 -48.50 -27.20 3.80
CA GLY A 168 -49.53 -28.12 3.35
C GLY A 168 -49.03 -29.56 3.26
N SER A 169 -49.96 -30.49 3.13
CA SER A 169 -49.64 -31.87 2.86
C SER A 169 -49.03 -31.99 1.50
N PRO A 170 -48.04 -32.88 1.34
CA PRO A 170 -47.45 -33.06 0.03
C PRO A 170 -48.42 -33.74 -0.94
N VAL A 171 -48.26 -33.38 -2.21
CA VAL A 171 -49.06 -33.97 -3.34
C VAL A 171 -48.10 -34.68 -4.26
N SER A 172 -48.43 -35.90 -4.68
CA SER A 172 -47.56 -36.60 -5.61
C SER A 172 -47.71 -36.01 -7.02
N LEU A 173 -46.60 -35.76 -7.71
CA LEU A 173 -46.63 -35.33 -9.10
C LEU A 173 -46.36 -36.48 -10.07
N LYS A 174 -46.47 -37.73 -9.61
CA LYS A 174 -46.11 -38.90 -10.44
C LYS A 174 -46.93 -38.96 -11.74
N GLU A 175 -48.18 -38.49 -11.66
CA GLU A 175 -49.09 -38.51 -12.79
C GLU A 175 -48.60 -37.69 -13.98
N PHE A 176 -47.61 -36.82 -13.74
CA PHE A 176 -47.05 -35.98 -14.80
C PHE A 176 -45.76 -36.49 -15.42
N PHE A 177 -45.36 -37.70 -15.04
CA PHE A 177 -44.13 -38.32 -15.54
C PHE A 177 -44.47 -39.32 -16.63
N PRO A 178 -44.09 -39.03 -17.87
CA PRO A 178 -44.43 -39.96 -18.96
C PRO A 178 -43.54 -41.18 -18.88
N ALA A 179 -44.12 -42.33 -19.29
CA ALA A 179 -43.39 -43.57 -19.28
C ALA A 179 -42.31 -43.60 -20.34
N GLU A 180 -42.48 -42.81 -21.40
CA GLU A 180 -41.48 -42.69 -22.47
C GLU A 180 -41.09 -41.25 -22.69
N MET A 181 -39.85 -41.06 -23.10
CA MET A 181 -39.28 -39.79 -23.51
C MET A 181 -38.39 -40.09 -24.71
N GLU A 182 -38.37 -39.13 -25.63
CA GLU A 182 -37.61 -39.19 -26.87
C GLU A 182 -36.87 -40.51 -26.97
N GLY A 183 -37.70 -41.50 -27.24
CA GLY A 183 -37.30 -42.89 -27.38
C GLY A 183 -37.36 -43.73 -26.10
N MET A 184 -36.42 -43.44 -25.20
N MET A 184 -36.42 -43.44 -25.20
CA MET A 184 -36.19 -44.15 -23.94
CA MET A 184 -36.20 -44.15 -23.93
C MET A 184 -37.40 -44.36 -23.02
C MET A 184 -37.41 -44.37 -23.03
N HIS A 185 -37.23 -45.23 -22.04
CA HIS A 185 -38.27 -45.51 -21.04
C HIS A 185 -37.76 -44.91 -19.71
N THR A 186 -38.61 -44.11 -19.05
CA THR A 186 -38.22 -43.42 -17.82
C THR A 186 -38.31 -44.30 -16.59
N ASN A 187 -37.45 -44.02 -15.61
CA ASN A 187 -37.49 -44.72 -14.35
C ASN A 187 -37.92 -43.78 -13.22
N GLN A 188 -37.09 -42.76 -12.87
CA GLN A 188 -37.39 -41.84 -11.80
C GLN A 188 -36.94 -40.42 -12.11
N PHE A 189 -37.37 -39.42 -11.34
CA PHE A 189 -36.78 -38.09 -11.44
C PHE A 189 -36.81 -37.44 -10.07
N LEU A 190 -35.87 -36.51 -9.89
CA LEU A 190 -35.76 -35.68 -8.71
C LEU A 190 -35.48 -34.24 -9.12
N GLY A 191 -35.74 -33.30 -8.22
CA GLY A 191 -35.26 -31.95 -8.41
C GLY A 191 -33.73 -31.95 -8.36
N GLY A 192 -33.12 -30.85 -8.83
CA GLY A 192 -31.68 -30.75 -8.82
C GLY A 192 -31.06 -30.27 -7.53
N ALA A 193 -31.90 -30.01 -6.55
CA ALA A 193 -31.54 -29.54 -5.20
C ALA A 193 -31.35 -28.04 -5.17
N GLY A 194 -31.31 -27.46 -3.98
CA GLY A 194 -31.09 -26.01 -3.88
C GLY A 194 -32.33 -25.22 -4.27
N VAL A 195 -32.11 -24.11 -4.97
CA VAL A 195 -33.10 -23.11 -5.29
C VAL A 195 -33.30 -23.01 -6.80
N ALA A 196 -34.56 -23.21 -7.18
CA ALA A 196 -34.99 -23.05 -8.58
C ALA A 196 -35.70 -21.70 -8.77
N ILE A 197 -36.47 -21.51 -9.85
CA ILE A 197 -36.98 -20.17 -10.15
C ILE A 197 -38.42 -20.10 -10.63
N VAL A 198 -38.94 -18.89 -10.54
CA VAL A 198 -40.10 -18.49 -11.31
C VAL A 198 -39.53 -17.77 -12.52
N ALA A 199 -39.95 -18.19 -13.71
CA ALA A 199 -39.51 -17.54 -14.95
C ALA A 199 -40.29 -16.21 -15.11
N SER A 200 -39.81 -15.41 -16.05
CA SER A 200 -40.34 -14.06 -16.27
C SER A 200 -41.79 -14.19 -16.74
N ASN A 201 -42.15 -15.32 -17.36
CA ASN A 201 -43.56 -15.54 -17.76
C ASN A 201 -44.47 -16.12 -16.66
N GLY A 202 -43.96 -16.20 -15.42
CA GLY A 202 -44.61 -16.73 -14.27
C GLY A 202 -44.54 -18.25 -14.09
N ASN A 203 -44.01 -18.98 -15.06
CA ASN A 203 -43.95 -20.45 -14.91
C ASN A 203 -43.07 -20.83 -13.69
N LEU A 204 -43.49 -21.81 -12.90
CA LEU A 204 -42.60 -22.47 -11.93
C LEU A 204 -41.67 -23.39 -12.76
N VAL A 205 -40.34 -23.28 -12.56
CA VAL A 205 -39.37 -24.02 -13.34
C VAL A 205 -38.42 -24.74 -12.46
N TYR A 206 -38.49 -26.05 -12.50
CA TYR A 206 -37.51 -26.89 -11.80
C TYR A 206 -36.62 -27.58 -12.82
N PRO A 207 -35.32 -27.41 -12.78
CA PRO A 207 -34.43 -28.29 -13.51
C PRO A 207 -34.44 -29.58 -12.73
N VAL A 208 -34.65 -30.70 -13.43
CA VAL A 208 -34.70 -31.99 -12.81
C VAL A 208 -33.69 -32.94 -13.38
N GLN A 209 -33.30 -33.89 -12.55
CA GLN A 209 -32.45 -35.00 -12.94
C GLN A 209 -33.36 -36.26 -13.07
N VAL A 210 -33.17 -36.99 -14.17
CA VAL A 210 -34.07 -38.08 -14.59
C VAL A 210 -33.21 -39.28 -14.93
N THR A 211 -33.74 -40.47 -14.64
CA THR A 211 -33.09 -41.72 -15.06
C THR A 211 -34.00 -42.44 -16.05
N ASN A 212 -33.37 -43.23 -16.91
CA ASN A 212 -34.08 -44.13 -17.80
C ASN A 212 -33.79 -45.58 -17.36
N LYS A 213 -34.29 -46.55 -18.16
CA LYS A 213 -34.15 -47.96 -17.82
C LYS A 213 -32.77 -48.53 -18.06
N LYS A 214 -31.91 -47.77 -18.77
CA LYS A 214 -30.48 -48.12 -18.87
C LYS A 214 -29.66 -47.55 -17.72
N LYS A 215 -30.35 -46.92 -16.78
CA LYS A 215 -29.74 -46.29 -15.60
C LYS A 215 -28.86 -45.10 -15.98
N GLN A 216 -29.12 -44.51 -17.14
CA GLN A 216 -28.46 -43.26 -17.50
C GLN A 216 -29.17 -42.14 -16.79
N VAL A 217 -28.41 -41.11 -16.42
N VAL A 217 -28.40 -41.09 -16.47
CA VAL A 217 -28.99 -39.91 -15.79
CA VAL A 217 -28.92 -39.91 -15.80
C VAL A 217 -28.84 -38.73 -16.74
C VAL A 217 -28.86 -38.75 -16.76
N PHE A 218 -29.87 -37.90 -16.76
CA PHE A 218 -29.85 -36.71 -17.64
C PHE A 218 -30.69 -35.62 -17.05
N SER A 219 -30.52 -34.41 -17.52
CA SER A 219 -31.30 -33.26 -17.01
C SER A 219 -32.36 -32.77 -17.97
N LYS A 220 -33.50 -32.36 -17.41
CA LYS A 220 -34.65 -31.80 -18.15
C LYS A 220 -35.17 -30.59 -17.42
N ILE A 221 -36.09 -29.88 -18.08
CA ILE A 221 -36.87 -28.81 -17.49
C ILE A 221 -38.28 -29.37 -17.18
N PHE A 222 -38.70 -29.23 -15.93
CA PHE A 222 -40.01 -29.64 -15.42
C PHE A 222 -40.67 -28.35 -14.96
N TYR A 223 -41.81 -27.99 -15.55
CA TYR A 223 -42.34 -26.67 -15.37
C TYR A 223 -43.85 -26.66 -15.25
N SER A 224 -44.35 -25.60 -14.64
CA SER A 224 -45.80 -25.47 -14.45
C SER A 224 -46.24 -24.07 -14.87
N GLU A 225 -47.35 -24.05 -15.62
CA GLU A 225 -47.92 -22.80 -16.12
C GLU A 225 -49.12 -22.38 -15.28
N ASP A 226 -49.45 -23.18 -14.25
CA ASP A 226 -50.68 -22.98 -13.47
C ASP A 226 -50.52 -23.09 -11.95
N GLU A 227 -49.44 -22.49 -11.50
CA GLU A 227 -49.10 -22.37 -10.07
C GLU A 227 -48.89 -23.71 -9.40
N GLY A 228 -48.42 -24.69 -10.16
CA GLY A 228 -48.12 -25.97 -9.57
C GLY A 228 -49.15 -27.04 -9.59
N LYS A 229 -50.29 -26.74 -10.20
CA LYS A 229 -51.33 -27.75 -10.22
C LYS A 229 -51.07 -28.88 -11.19
N THR A 230 -50.52 -28.53 -12.35
CA THR A 230 -50.10 -29.48 -13.37
C THR A 230 -48.68 -29.15 -13.82
N TRP A 231 -48.00 -30.19 -14.30
CA TRP A 231 -46.62 -30.10 -14.72
C TRP A 231 -46.35 -30.74 -16.07
N LYS A 232 -45.35 -30.20 -16.75
CA LYS A 232 -44.89 -30.65 -18.05
C LYS A 232 -43.38 -30.74 -18.10
N PHE A 233 -42.90 -31.57 -19.02
CA PHE A 233 -41.49 -31.67 -19.31
C PHE A 233 -41.21 -31.05 -20.64
N GLY A 234 -40.11 -30.33 -20.75
CA GLY A 234 -39.61 -29.97 -22.07
C GLY A 234 -39.16 -31.23 -22.78
N LYS A 235 -39.14 -31.25 -24.12
CA LYS A 235 -38.81 -32.48 -24.85
C LYS A 235 -37.30 -32.71 -25.01
N GLY A 236 -36.52 -31.67 -24.81
CA GLY A 236 -35.08 -31.77 -24.97
C GLY A 236 -34.42 -32.18 -23.64
N ARG A 237 -33.12 -32.35 -23.66
CA ARG A 237 -32.40 -32.81 -22.50
C ARG A 237 -30.92 -32.46 -22.61
N SER A 238 -30.23 -32.53 -21.46
CA SER A 238 -28.78 -32.47 -21.46
C SER A 238 -28.21 -33.75 -22.03
N ALA A 239 -26.90 -33.77 -22.17
CA ALA A 239 -26.18 -35.02 -22.36
C ALA A 239 -26.42 -35.98 -21.19
N PHE A 240 -26.22 -37.24 -21.43
CA PHE A 240 -26.21 -38.23 -20.37
C PHE A 240 -25.01 -37.95 -19.42
N GLY A 241 -25.23 -38.18 -18.15
CA GLY A 241 -24.19 -37.95 -17.15
C GLY A 241 -24.30 -36.62 -16.43
N CYS A 242 -25.27 -35.81 -16.85
CA CYS A 242 -25.54 -34.50 -16.20
C CYS A 242 -26.57 -34.66 -15.10
N SER A 243 -26.16 -34.45 -13.86
CA SER A 243 -27.07 -34.59 -12.71
C SER A 243 -27.15 -33.26 -11.96
N GLU A 244 -27.93 -33.25 -10.88
CA GLU A 244 -28.07 -32.06 -10.00
C GLU A 244 -28.05 -30.73 -10.75
N PRO A 245 -28.95 -30.56 -11.70
CA PRO A 245 -28.96 -29.31 -12.48
C PRO A 245 -29.47 -28.14 -11.66
N VAL A 246 -28.87 -26.97 -11.84
CA VAL A 246 -29.32 -25.74 -11.25
C VAL A 246 -29.51 -24.68 -12.33
N ALA A 247 -30.58 -23.94 -12.26
CA ALA A 247 -30.92 -23.03 -13.37
C ALA A 247 -31.28 -21.64 -12.91
N LEU A 248 -31.04 -20.69 -13.83
CA LEU A 248 -31.48 -19.33 -13.67
C LEU A 248 -32.00 -18.85 -15.03
N GLU A 249 -32.58 -17.65 -15.05
CA GLU A 249 -33.06 -17.07 -16.33
C GLU A 249 -32.23 -15.82 -16.61
N TRP A 250 -31.64 -15.73 -17.80
CA TRP A 250 -30.76 -14.68 -18.21
C TRP A 250 -31.13 -14.23 -19.62
N GLU A 251 -31.56 -12.98 -19.72
CA GLU A 251 -31.82 -12.42 -21.04
C GLU A 251 -32.77 -13.29 -21.84
N GLY A 252 -33.81 -13.74 -21.16
CA GLY A 252 -34.90 -14.49 -21.76
C GLY A 252 -34.66 -15.97 -22.00
N LYS A 253 -33.51 -16.45 -21.54
CA LYS A 253 -33.17 -17.85 -21.69
C LYS A 253 -32.88 -18.50 -20.36
N LEU A 254 -33.20 -19.79 -20.25
CA LEU A 254 -32.78 -20.55 -19.06
C LEU A 254 -31.34 -20.94 -19.28
N ILE A 255 -30.52 -20.81 -18.24
CA ILE A 255 -29.14 -21.26 -18.23
C ILE A 255 -29.11 -22.35 -17.20
N ILE A 256 -28.83 -23.56 -17.68
CA ILE A 256 -28.89 -24.77 -16.89
C ILE A 256 -27.48 -25.26 -16.71
N ASN A 257 -27.05 -25.21 -15.44
CA ASN A 257 -25.64 -25.49 -15.04
C ASN A 257 -25.61 -26.86 -14.36
N THR A 258 -24.91 -27.83 -14.95
CA THR A 258 -25.02 -29.18 -14.50
C THR A 258 -23.77 -29.76 -13.85
N ARG A 259 -24.02 -30.70 -12.97
CA ARG A 259 -22.96 -31.50 -12.36
C ARG A 259 -22.66 -32.70 -13.26
N VAL A 260 -21.37 -32.92 -13.53
CA VAL A 260 -20.92 -34.12 -14.25
C VAL A 260 -19.82 -34.77 -13.46
N ASP A 261 -20.12 -35.89 -12.82
CA ASP A 261 -19.09 -36.57 -12.02
C ASP A 261 -17.92 -36.91 -12.95
N TYR A 262 -16.71 -36.65 -12.44
CA TYR A 262 -15.49 -37.02 -13.15
C TYR A 262 -15.17 -36.27 -14.40
N ARG A 263 -15.90 -35.18 -14.67
N ARG A 263 -15.87 -35.16 -14.64
CA ARG A 263 -15.71 -34.38 -15.87
CA ARG A 263 -15.68 -34.37 -15.86
C ARG A 263 -16.02 -32.91 -15.57
C ARG A 263 -16.03 -32.92 -15.58
N ARG A 264 -15.70 -32.04 -16.52
CA ARG A 264 -16.02 -30.62 -16.38
C ARG A 264 -17.55 -30.38 -16.43
N ARG A 265 -18.03 -29.37 -15.70
CA ARG A 265 -19.45 -29.05 -15.75
C ARG A 265 -19.92 -28.53 -17.10
N LEU A 266 -21.05 -29.08 -17.55
CA LEU A 266 -21.67 -28.67 -18.81
C LEU A 266 -22.74 -27.67 -18.49
N VAL A 267 -22.88 -26.62 -19.30
CA VAL A 267 -23.85 -25.60 -19.13
C VAL A 267 -24.59 -25.44 -20.42
N TYR A 268 -25.89 -25.34 -20.30
CA TYR A 268 -26.78 -25.23 -21.47
C TYR A 268 -27.69 -24.00 -21.40
N GLU A 269 -28.19 -23.60 -22.59
CA GLU A 269 -29.16 -22.53 -22.67
C GLU A 269 -30.43 -23.06 -23.37
N SER A 270 -31.60 -22.68 -22.89
CA SER A 270 -32.87 -23.08 -23.53
C SER A 270 -33.79 -21.88 -23.46
N SER A 271 -34.37 -21.55 -24.58
CA SER A 271 -35.30 -20.43 -24.69
C SER A 271 -36.77 -20.86 -24.79
N ASP A 272 -37.01 -22.16 -24.72
CA ASP A 272 -38.32 -22.74 -24.91
C ASP A 272 -38.76 -23.72 -23.85
N MET A 273 -38.48 -23.42 -22.58
CA MET A 273 -38.80 -24.29 -21.44
C MET A 273 -38.31 -25.69 -21.62
N GLY A 274 -37.12 -25.84 -22.13
CA GLY A 274 -36.54 -27.15 -22.28
C GLY A 274 -36.85 -27.98 -23.51
N ASN A 275 -37.56 -27.42 -24.48
CA ASN A 275 -37.76 -28.16 -25.70
C ASN A 275 -36.47 -28.30 -26.52
N THR A 276 -35.63 -27.25 -26.53
CA THR A 276 -34.30 -27.33 -27.12
C THR A 276 -33.23 -26.85 -26.12
N TRP A 277 -32.11 -27.54 -26.18
CA TRP A 277 -30.96 -27.30 -25.28
C TRP A 277 -29.74 -27.10 -26.14
N LEU A 278 -29.02 -26.02 -25.92
CA LEU A 278 -27.83 -25.75 -26.68
C LEU A 278 -26.66 -25.55 -25.71
N GLU A 279 -25.58 -26.28 -25.89
CA GLU A 279 -24.46 -26.17 -24.94
C GLU A 279 -23.91 -24.74 -25.03
N ALA A 280 -23.66 -24.15 -23.87
CA ALA A 280 -23.23 -22.74 -23.82
C ALA A 280 -21.71 -22.63 -24.01
N VAL A 281 -21.24 -23.09 -25.18
CA VAL A 281 -19.82 -23.20 -25.40
C VAL A 281 -19.11 -21.86 -25.45
N GLY A 282 -19.87 -20.84 -25.77
CA GLY A 282 -19.31 -19.48 -25.92
C GLY A 282 -19.22 -18.67 -24.67
N THR A 283 -19.65 -19.24 -23.55
CA THR A 283 -19.71 -18.48 -22.29
C THR A 283 -19.26 -19.26 -21.05
N LEU A 284 -20.12 -20.18 -20.59
CA LEU A 284 -19.92 -20.86 -19.30
C LEU A 284 -19.69 -22.36 -19.33
N SER A 285 -20.02 -23.04 -20.43
CA SER A 285 -19.80 -24.45 -20.46
C SER A 285 -18.34 -24.83 -20.43
N ARG A 286 -18.02 -25.88 -19.63
CA ARG A 286 -16.70 -26.46 -19.45
C ARG A 286 -15.73 -25.58 -18.70
N VAL A 287 -16.22 -24.43 -18.21
CA VAL A 287 -15.37 -23.54 -17.44
C VAL A 287 -14.96 -24.21 -16.13
N TRP A 288 -15.92 -24.72 -15.40
CA TRP A 288 -15.66 -25.17 -14.04
C TRP A 288 -15.37 -26.64 -13.91
N GLY A 289 -14.19 -26.98 -13.42
CA GLY A 289 -13.80 -28.36 -13.17
C GLY A 289 -14.10 -28.78 -11.72
N PRO A 290 -14.45 -30.06 -11.51
CA PRO A 290 -14.80 -30.52 -10.15
C PRO A 290 -13.67 -30.76 -9.22
N SER A 291 -12.43 -30.77 -9.72
CA SER A 291 -11.25 -30.95 -8.89
C SER A 291 -10.11 -30.45 -9.74
N PRO A 292 -8.94 -30.28 -9.12
CA PRO A 292 -7.78 -29.80 -9.88
C PRO A 292 -7.50 -30.50 -11.19
N LYS A 293 -7.67 -31.82 -11.27
CA LYS A 293 -7.49 -32.58 -12.51
C LYS A 293 -8.79 -33.00 -13.17
N SER A 294 -9.93 -32.47 -12.69
CA SER A 294 -11.27 -32.64 -13.22
C SER A 294 -11.59 -34.10 -13.44
N ASN A 295 -11.28 -34.91 -12.42
CA ASN A 295 -11.40 -36.36 -12.46
C ASN A 295 -11.91 -36.95 -11.13
N GLN A 296 -12.77 -36.17 -10.52
CA GLN A 296 -13.34 -36.54 -9.22
C GLN A 296 -14.85 -36.25 -9.28
N PRO A 297 -15.59 -36.69 -8.27
CA PRO A 297 -17.02 -36.35 -8.24
C PRO A 297 -17.29 -34.88 -8.25
N GLY A 298 -18.44 -34.50 -8.79
CA GLY A 298 -18.85 -33.09 -8.77
C GLY A 298 -19.65 -32.76 -7.54
N SER A 299 -20.49 -31.72 -7.69
CA SER A 299 -21.25 -31.16 -6.59
C SER A 299 -22.49 -30.45 -6.99
N GLN A 300 -23.35 -30.25 -6.01
CA GLN A 300 -24.41 -29.27 -6.08
C GLN A 300 -23.75 -27.91 -6.03
N SER A 301 -24.43 -26.97 -6.67
CA SER A 301 -24.00 -25.58 -6.81
C SER A 301 -25.15 -24.62 -6.68
N SER A 302 -24.87 -23.50 -5.97
CA SER A 302 -25.74 -22.37 -5.99
C SER A 302 -25.49 -21.60 -7.28
N PHE A 303 -26.55 -21.21 -8.00
CA PHE A 303 -26.39 -20.48 -9.28
C PHE A 303 -27.60 -19.55 -9.42
N THR A 304 -27.40 -18.23 -9.20
CA THR A 304 -28.48 -17.26 -9.19
C THR A 304 -28.13 -16.02 -10.00
N ALA A 305 -29.17 -15.35 -10.48
CA ALA A 305 -29.05 -14.08 -11.15
C ALA A 305 -29.58 -13.03 -10.20
N VAL A 306 -28.82 -11.94 -10.00
CA VAL A 306 -29.18 -10.89 -9.04
C VAL A 306 -28.72 -9.56 -9.61
N THR A 307 -29.18 -8.47 -9.03
CA THR A 307 -28.82 -7.15 -9.46
C THR A 307 -28.08 -6.47 -8.31
N ILE A 308 -26.83 -6.14 -8.53
CA ILE A 308 -25.96 -5.54 -7.53
C ILE A 308 -25.50 -4.21 -8.09
N GLU A 309 -25.76 -3.14 -7.33
CA GLU A 309 -25.39 -1.78 -7.74
C GLU A 309 -25.86 -1.47 -9.16
N GLY A 310 -27.07 -1.92 -9.47
CA GLY A 310 -27.68 -1.64 -10.76
C GLY A 310 -27.30 -2.59 -11.89
N MET A 311 -26.42 -3.55 -11.61
N MET A 311 -26.45 -3.56 -11.60
CA MET A 311 -25.91 -4.44 -12.65
CA MET A 311 -25.88 -4.43 -12.63
C MET A 311 -26.38 -5.87 -12.45
C MET A 311 -26.36 -5.87 -12.46
N ARG A 312 -26.95 -6.45 -13.52
CA ARG A 312 -27.40 -7.87 -13.48
C ARG A 312 -26.18 -8.74 -13.61
N VAL A 313 -26.04 -9.68 -12.69
CA VAL A 313 -24.90 -10.56 -12.68
C VAL A 313 -25.32 -11.92 -12.19
N MET A 314 -24.42 -12.91 -12.34
CA MET A 314 -24.65 -14.23 -11.83
C MET A 314 -23.65 -14.58 -10.76
N LEU A 315 -24.14 -15.26 -9.73
CA LEU A 315 -23.25 -15.76 -8.68
C LEU A 315 -23.26 -17.31 -8.71
N PHE A 316 -22.08 -17.94 -8.64
CA PHE A 316 -21.97 -19.38 -8.74
C PHE A 316 -21.01 -19.94 -7.69
N THR A 317 -21.41 -20.99 -6.98
CA THR A 317 -20.54 -21.67 -6.01
C THR A 317 -20.28 -23.14 -6.37
N HIS A 318 -19.06 -23.57 -6.09
CA HIS A 318 -18.64 -24.96 -6.21
C HIS A 318 -17.39 -25.18 -5.39
N PRO A 319 -17.26 -26.33 -4.72
CA PRO A 319 -15.96 -26.66 -4.09
C PRO A 319 -14.82 -26.90 -5.06
N LEU A 320 -13.59 -26.58 -4.67
CA LEU A 320 -12.47 -26.93 -5.48
C LEU A 320 -12.06 -28.39 -5.37
N ASN A 321 -12.30 -29.01 -4.23
CA ASN A 321 -12.11 -30.47 -4.08
C ASN A 321 -10.66 -30.91 -4.33
N PHE A 322 -9.72 -30.24 -3.64
CA PHE A 322 -8.31 -30.57 -3.71
C PHE A 322 -8.09 -31.96 -3.10
N LYS A 323 -8.90 -32.29 -2.07
CA LYS A 323 -8.80 -33.60 -1.41
C LYS A 323 -9.26 -34.77 -2.26
N GLY A 324 -10.28 -34.56 -3.10
CA GLY A 324 -10.78 -35.60 -3.94
C GLY A 324 -11.90 -36.39 -3.37
N ARG A 325 -12.38 -37.35 -4.15
CA ARG A 325 -13.55 -38.12 -3.79
C ARG A 325 -14.68 -37.18 -3.47
N TRP A 326 -15.53 -37.48 -2.48
CA TRP A 326 -16.65 -36.59 -2.18
C TRP A 326 -16.33 -35.59 -1.05
N LEU A 327 -15.07 -35.49 -0.63
CA LEU A 327 -14.72 -34.57 0.47
C LEU A 327 -15.06 -33.11 0.12
N ARG A 328 -14.64 -32.64 -1.05
CA ARG A 328 -15.16 -31.41 -1.59
C ARG A 328 -14.94 -30.24 -0.68
N ASP A 329 -13.67 -30.09 -0.34
CA ASP A 329 -13.15 -28.94 0.38
C ASP A 329 -13.08 -27.69 -0.51
N ARG A 330 -12.98 -26.52 0.16
CA ARG A 330 -12.65 -25.24 -0.45
C ARG A 330 -13.79 -24.78 -1.36
N LEU A 331 -14.92 -24.51 -0.72
CA LEU A 331 -16.08 -23.90 -1.41
C LEU A 331 -15.70 -22.53 -1.98
N ASN A 332 -15.85 -22.35 -3.29
N ASN A 332 -15.80 -22.36 -3.30
CA ASN A 332 -15.42 -21.11 -3.94
CA ASN A 332 -15.42 -21.09 -3.92
C ASN A 332 -16.61 -20.39 -4.56
C ASN A 332 -16.61 -20.39 -4.56
N LEU A 333 -16.55 -19.06 -4.57
CA LEU A 333 -17.57 -18.20 -5.11
C LEU A 333 -17.09 -17.47 -6.36
N TRP A 334 -17.95 -17.42 -7.38
CA TRP A 334 -17.64 -16.82 -8.66
C TRP A 334 -18.73 -15.80 -9.08
N LEU A 335 -18.30 -14.75 -9.77
CA LEU A 335 -19.13 -13.65 -10.26
C LEU A 335 -18.96 -13.54 -11.75
N THR A 336 -20.07 -13.52 -12.48
CA THR A 336 -19.99 -13.37 -13.90
C THR A 336 -21.13 -12.57 -14.46
N ASP A 337 -20.83 -11.84 -15.54
CA ASP A 337 -21.83 -11.12 -16.29
C ASP A 337 -22.08 -11.78 -17.62
N ASN A 338 -21.78 -13.08 -17.72
CA ASN A 338 -21.92 -13.86 -18.97
C ASN A 338 -20.83 -13.53 -19.98
N GLN A 339 -19.80 -12.76 -19.56
CA GLN A 339 -18.69 -12.40 -20.39
C GLN A 339 -17.40 -12.66 -19.58
N ARG A 340 -17.23 -11.90 -18.51
CA ARG A 340 -16.06 -12.04 -17.66
C ARG A 340 -16.43 -12.99 -16.49
N ILE A 341 -15.46 -13.69 -15.98
CA ILE A 341 -15.69 -14.65 -14.91
C ILE A 341 -14.61 -14.42 -13.83
N TYR A 342 -15.08 -13.92 -12.68
CA TYR A 342 -14.19 -13.48 -11.58
C TYR A 342 -14.27 -14.43 -10.37
N ASN A 343 -13.10 -14.84 -9.87
CA ASN A 343 -13.04 -15.68 -8.69
C ASN A 343 -13.11 -14.78 -7.47
N VAL A 344 -14.26 -14.74 -6.78
CA VAL A 344 -14.42 -13.86 -5.59
C VAL A 344 -13.56 -14.42 -4.47
N GLY A 345 -13.52 -15.75 -4.39
CA GLY A 345 -12.60 -16.46 -3.52
C GLY A 345 -13.22 -17.60 -2.73
N GLN A 346 -12.51 -18.03 -1.68
CA GLN A 346 -12.95 -19.15 -0.89
C GLN A 346 -13.86 -18.73 0.26
N VAL A 347 -15.08 -19.28 0.24
CA VAL A 347 -16.10 -18.98 1.23
C VAL A 347 -15.86 -19.81 2.50
N SER A 348 -15.45 -21.08 2.32
CA SER A 348 -15.24 -21.94 3.45
C SER A 348 -13.92 -21.55 4.13
N ILE A 349 -13.66 -22.18 5.27
CA ILE A 349 -12.50 -21.88 6.09
C ILE A 349 -11.44 -22.95 6.07
N GLY A 350 -10.22 -22.51 5.72
CA GLY A 350 -9.10 -23.41 5.62
C GLY A 350 -9.37 -24.60 4.74
N ASP A 351 -9.01 -25.78 5.19
CA ASP A 351 -9.16 -26.98 4.40
C ASP A 351 -10.42 -27.80 4.82
N GLU A 352 -11.39 -27.18 5.46
CA GLU A 352 -12.57 -27.94 5.85
C GLU A 352 -13.30 -28.44 4.60
N ASN A 353 -13.94 -29.57 4.75
CA ASN A 353 -14.76 -30.15 3.69
C ASN A 353 -16.07 -29.36 3.67
N SER A 354 -16.54 -28.91 2.48
CA SER A 354 -17.60 -27.93 2.44
C SER A 354 -18.25 -27.99 1.05
N ALA A 355 -19.10 -28.97 0.82
CA ALA A 355 -19.50 -29.26 -0.55
C ALA A 355 -20.70 -28.44 -1.05
N TYR A 356 -21.88 -28.68 -0.48
N TYR A 356 -21.84 -28.61 -0.40
CA TYR A 356 -23.09 -28.02 -0.96
CA TYR A 356 -23.09 -28.04 -0.89
C TYR A 356 -23.35 -26.64 -0.31
C TYR A 356 -23.39 -26.65 -0.28
N SER A 357 -24.04 -25.79 -1.07
CA SER A 357 -24.18 -24.42 -0.66
C SER A 357 -25.36 -23.67 -1.27
N SER A 358 -25.67 -22.52 -0.70
CA SER A 358 -26.76 -21.72 -1.16
C SER A 358 -26.50 -20.28 -0.83
N VAL A 359 -26.43 -19.44 -1.86
CA VAL A 359 -26.10 -18.03 -1.69
C VAL A 359 -27.32 -17.16 -1.86
N LEU A 360 -27.53 -16.25 -0.91
CA LEU A 360 -28.65 -15.37 -0.94
C LEU A 360 -28.15 -13.91 -0.83
N TYR A 361 -28.70 -13.06 -1.71
CA TYR A 361 -28.48 -11.62 -1.73
C TYR A 361 -29.80 -10.99 -1.34
N LYS A 362 -29.80 -10.38 -0.17
CA LYS A 362 -31.02 -9.82 0.40
C LYS A 362 -30.72 -8.47 1.07
N ASP A 363 -31.49 -7.46 0.69
CA ASP A 363 -31.34 -6.09 1.27
C ASP A 363 -29.89 -5.65 1.21
N ASP A 364 -29.25 -5.94 0.09
CA ASP A 364 -27.85 -5.53 -0.15
C ASP A 364 -26.87 -6.14 0.82
N LYS A 365 -27.18 -7.35 1.29
CA LYS A 365 -26.26 -8.11 2.09
C LYS A 365 -26.18 -9.51 1.47
N LEU A 366 -25.02 -10.11 1.53
CA LEU A 366 -24.76 -11.43 0.93
C LEU A 366 -24.61 -12.47 2.01
N TYR A 367 -25.26 -13.64 1.82
CA TYR A 367 -25.19 -14.68 2.81
C TYR A 367 -24.96 -16.00 2.12
N CYS A 368 -24.43 -16.95 2.87
CA CYS A 368 -24.25 -18.31 2.32
C CYS A 368 -24.57 -19.31 3.39
N LEU A 369 -25.50 -20.25 3.09
CA LEU A 369 -25.73 -21.38 3.97
C LEU A 369 -24.97 -22.55 3.33
N HIS A 370 -24.03 -23.16 3.99
CA HIS A 370 -23.24 -24.22 3.37
C HIS A 370 -22.82 -25.32 4.33
N GLU A 371 -22.54 -26.46 3.76
CA GLU A 371 -22.10 -27.59 4.53
C GLU A 371 -20.70 -27.47 5.05
N ILE A 372 -20.49 -28.04 6.22
CA ILE A 372 -19.15 -28.39 6.70
C ILE A 372 -19.26 -29.85 7.12
N ASN A 373 -18.25 -30.63 6.81
CA ASN A 373 -18.19 -32.06 7.03
C ASN A 373 -16.91 -32.49 7.71
N SER A 374 -17.05 -33.09 8.89
CA SER A 374 -15.91 -33.75 9.56
C SER A 374 -16.33 -35.17 9.86
N ASN A 375 -15.57 -36.14 9.35
CA ASN A 375 -15.84 -37.53 9.61
C ASN A 375 -17.24 -37.99 9.20
N GLU A 376 -17.73 -37.41 8.10
CA GLU A 376 -19.09 -37.67 7.59
C GLU A 376 -20.21 -37.34 8.57
N VAL A 377 -19.95 -36.30 9.37
CA VAL A 377 -20.98 -35.66 10.21
C VAL A 377 -21.09 -34.21 9.68
N TYR A 378 -22.28 -33.80 9.24
CA TYR A 378 -22.41 -32.52 8.53
C TYR A 378 -23.25 -31.51 9.25
N SER A 379 -22.73 -30.29 9.39
CA SER A 379 -23.56 -29.14 9.81
C SER A 379 -23.76 -28.21 8.65
N LEU A 380 -24.70 -27.27 8.77
CA LEU A 380 -24.82 -26.14 7.84
C LEU A 380 -24.45 -24.88 8.62
N VAL A 381 -23.48 -24.15 8.11
CA VAL A 381 -23.11 -22.89 8.70
C VAL A 381 -23.83 -21.81 7.93
N PHE A 382 -24.15 -20.72 8.60
CA PHE A 382 -24.84 -19.55 8.02
C PHE A 382 -23.83 -18.40 8.06
N ALA A 383 -23.30 -18.03 6.89
CA ALA A 383 -22.20 -17.06 6.75
C ALA A 383 -22.68 -15.74 6.25
N ARG A 384 -22.18 -14.67 6.89
CA ARG A 384 -22.42 -13.28 6.47
C ARG A 384 -21.20 -12.88 5.58
N LEU A 385 -21.38 -12.89 4.26
CA LEU A 385 -20.26 -12.70 3.33
C LEU A 385 -20.00 -11.21 3.10
N VAL A 386 -19.48 -10.57 4.14
CA VAL A 386 -19.16 -9.17 4.10
C VAL A 386 -17.94 -8.86 3.20
N GLY A 387 -16.84 -9.53 3.41
CA GLY A 387 -15.62 -9.37 2.60
C GLY A 387 -15.93 -9.67 1.16
N GLU A 388 -16.72 -10.70 0.91
CA GLU A 388 -17.03 -11.10 -0.49
C GLU A 388 -17.86 -10.08 -1.24
N LEU A 389 -18.83 -9.48 -0.59
CA LEU A 389 -19.65 -8.50 -1.24
C LEU A 389 -18.82 -7.26 -1.52
N ARG A 390 -17.92 -6.93 -0.60
CA ARG A 390 -16.99 -5.80 -0.82
C ARG A 390 -16.15 -5.98 -2.11
N ILE A 391 -15.57 -7.17 -2.28
CA ILE A 391 -14.81 -7.49 -3.49
C ILE A 391 -15.72 -7.47 -4.72
N ILE A 392 -16.92 -8.04 -4.60
CA ILE A 392 -17.83 -8.05 -5.73
C ILE A 392 -18.16 -6.66 -6.19
N LYS A 393 -18.46 -5.75 -5.26
CA LYS A 393 -18.83 -4.39 -5.66
C LYS A 393 -17.59 -3.69 -6.31
N SER A 394 -16.41 -3.96 -5.80
CA SER A 394 -15.19 -3.39 -6.38
C SER A 394 -15.02 -3.83 -7.81
N VAL A 395 -15.17 -5.13 -8.05
CA VAL A 395 -14.98 -5.66 -9.38
C VAL A 395 -16.05 -5.12 -10.31
N LEU A 396 -17.31 -5.14 -9.87
CA LEU A 396 -18.40 -4.61 -10.70
C LEU A 396 -18.19 -3.14 -11.06
N GLN A 397 -17.57 -2.38 -10.17
CA GLN A 397 -17.33 -0.96 -10.47
C GLN A 397 -16.23 -0.84 -11.52
N SER A 398 -15.24 -1.73 -11.48
CA SER A 398 -14.20 -1.77 -12.53
C SER A 398 -14.84 -2.15 -13.87
N TRP A 399 -15.71 -3.15 -13.88
CA TRP A 399 -16.39 -3.49 -15.16
C TRP A 399 -17.16 -2.32 -15.71
N LYS A 400 -17.94 -1.70 -14.85
CA LYS A 400 -18.72 -0.56 -15.23
C LYS A 400 -17.83 0.57 -15.75
N ASN A 401 -16.73 0.82 -15.08
CA ASN A 401 -15.86 1.93 -15.39
C ASN A 401 -15.26 1.76 -16.78
N TRP A 402 -14.77 0.56 -17.07
CA TRP A 402 -14.10 0.33 -18.35
C TRP A 402 -15.07 0.20 -19.49
N ASP A 403 -16.24 -0.39 -19.26
CA ASP A 403 -17.21 -0.45 -20.31
C ASP A 403 -17.61 0.96 -20.66
N SER A 404 -17.81 1.78 -19.61
CA SER A 404 -18.19 3.17 -19.78
C SER A 404 -17.10 3.94 -20.52
N HIS A 405 -15.85 3.75 -20.12
CA HIS A 405 -14.73 4.39 -20.79
C HIS A 405 -14.78 4.11 -22.31
N LEU A 406 -14.91 2.84 -22.66
CA LEU A 406 -14.84 2.46 -24.09
C LEU A 406 -16.05 2.96 -24.85
N SER A 407 -17.22 2.74 -24.29
CA SER A 407 -18.44 3.20 -24.90
C SER A 407 -18.55 4.70 -25.10
N SER A 408 -17.86 5.47 -24.28
CA SER A 408 -18.00 6.95 -24.24
C SER A 408 -17.14 7.64 -25.28
N ILE A 409 -16.19 6.91 -25.83
CA ILE A 409 -15.22 7.45 -26.77
C ILE A 409 -15.91 7.88 -28.02
N CYS A 410 -15.58 9.10 -28.44
CA CYS A 410 -16.12 9.65 -29.66
C CYS A 410 -15.17 9.17 -30.75
N THR A 411 -15.60 8.19 -31.54
CA THR A 411 -14.68 7.61 -32.48
C THR A 411 -14.69 8.47 -33.75
N PRO A 412 -13.56 8.45 -34.46
CA PRO A 412 -13.41 9.18 -35.72
C PRO A 412 -14.59 8.99 -36.66
N ALA A 413 -15.21 10.10 -37.04
CA ALA A 413 -16.37 10.05 -37.92
C ALA A 413 -15.91 9.81 -39.35
N GLY A 423 -18.57 15.24 -35.74
CA GLY A 423 -19.46 14.23 -35.18
C GLY A 423 -18.65 13.05 -34.67
N CYS A 424 -19.34 12.02 -34.21
CA CYS A 424 -18.65 10.81 -33.79
C CYS A 424 -19.11 9.63 -34.66
N GLY A 425 -18.21 8.67 -34.87
CA GLY A 425 -18.51 7.44 -35.56
C GLY A 425 -19.22 6.46 -34.62
N PRO A 426 -19.37 5.23 -35.09
CA PRO A 426 -19.93 4.16 -34.25
C PRO A 426 -19.14 3.97 -32.98
N ALA A 427 -19.84 3.62 -31.93
CA ALA A 427 -19.20 3.39 -30.65
C ALA A 427 -18.34 2.14 -30.71
N VAL A 428 -17.23 2.18 -30.01
CA VAL A 428 -16.45 0.98 -29.77
C VAL A 428 -17.36 -0.04 -29.07
N THR A 429 -17.34 -1.30 -29.53
CA THR A 429 -18.21 -2.30 -28.93
C THR A 429 -17.62 -2.93 -27.63
N THR A 430 -18.44 -3.04 -26.59
CA THR A 430 -18.04 -3.76 -25.37
C THR A 430 -18.85 -5.07 -25.25
N VAL A 431 -19.66 -5.39 -26.25
CA VAL A 431 -20.49 -6.59 -26.21
C VAL A 431 -19.57 -7.77 -26.48
N GLY A 432 -19.40 -8.62 -25.48
CA GLY A 432 -18.54 -9.78 -25.60
C GLY A 432 -17.08 -9.49 -25.29
N LEU A 433 -16.80 -8.30 -24.78
CA LEU A 433 -15.48 -7.91 -24.40
C LEU A 433 -15.13 -8.56 -23.04
N VAL A 434 -14.24 -9.53 -23.06
CA VAL A 434 -13.91 -10.31 -21.86
C VAL A 434 -12.64 -9.84 -21.10
N GLY A 435 -11.62 -9.46 -21.84
CA GLY A 435 -10.37 -9.11 -21.20
C GLY A 435 -9.70 -7.92 -21.93
N PHE A 436 -8.84 -7.18 -21.25
CA PHE A 436 -8.27 -5.97 -21.87
C PHE A 436 -6.97 -5.69 -21.15
N LEU A 437 -5.87 -5.73 -21.89
CA LEU A 437 -4.50 -5.50 -21.34
C LEU A 437 -4.05 -4.13 -21.85
N SER A 438 -3.89 -3.19 -20.94
CA SER A 438 -3.57 -1.84 -21.34
C SER A 438 -2.44 -1.28 -20.47
N HIS A 439 -2.67 -0.14 -19.84
CA HIS A 439 -1.60 0.52 -19.14
C HIS A 439 -1.13 -0.17 -17.86
N SER A 440 -2.06 -0.65 -17.02
CA SER A 440 -1.64 -1.28 -15.79
C SER A 440 -0.80 -2.56 -16.00
N ALA A 441 0.34 -2.62 -15.34
CA ALA A 441 1.16 -3.80 -15.35
C ALA A 441 2.07 -3.75 -14.13
N THR A 442 2.57 -4.91 -13.73
CA THR A 442 3.64 -5.02 -12.71
C THR A 442 4.87 -5.61 -13.35
N LYS A 443 5.86 -6.00 -12.54
CA LYS A 443 7.08 -6.46 -13.12
C LYS A 443 6.94 -7.74 -13.89
N THR A 444 6.02 -8.62 -13.48
CA THR A 444 5.92 -9.92 -14.13
C THR A 444 4.53 -10.21 -14.69
N GLU A 445 3.61 -9.26 -14.56
CA GLU A 445 2.24 -9.43 -15.09
C GLU A 445 1.71 -8.19 -15.84
N TRP A 446 0.88 -8.46 -16.85
CA TRP A 446 0.16 -7.44 -17.60
C TRP A 446 -1.25 -7.63 -17.07
N GLU A 447 -1.77 -6.60 -16.46
CA GLU A 447 -3.04 -6.75 -15.73
C GLU A 447 -4.31 -6.59 -16.58
N ASP A 448 -5.24 -7.52 -16.39
CA ASP A 448 -6.53 -7.39 -16.98
C ASP A 448 -7.30 -6.23 -16.37
N ALA A 449 -7.76 -5.30 -17.18
CA ALA A 449 -8.55 -4.18 -16.69
C ALA A 449 -9.84 -4.73 -16.09
N TYR A 450 -10.27 -5.92 -16.57
CA TYR A 450 -11.51 -6.52 -16.07
C TYR A 450 -11.25 -7.44 -14.89
N ARG A 451 -9.99 -7.47 -14.50
CA ARG A 451 -9.54 -8.09 -13.22
C ARG A 451 -9.73 -9.58 -13.06
N CYS A 452 -9.88 -10.30 -14.16
CA CYS A 452 -10.12 -11.75 -14.07
C CYS A 452 -8.91 -12.62 -14.39
N VAL A 453 -8.20 -12.30 -15.48
CA VAL A 453 -7.08 -13.13 -15.91
C VAL A 453 -5.96 -12.25 -16.40
N ASN A 454 -4.90 -12.20 -15.62
CA ASN A 454 -3.73 -11.44 -16.04
C ASN A 454 -2.89 -12.25 -16.96
N ALA A 455 -1.98 -11.57 -17.66
CA ALA A 455 -1.04 -12.27 -18.50
C ALA A 455 0.34 -12.22 -17.82
N SER A 456 1.09 -13.30 -17.87
CA SER A 456 2.44 -13.32 -17.35
C SER A 456 3.37 -12.77 -18.38
N THR A 457 4.42 -12.08 -17.93
CA THR A 457 5.36 -11.48 -18.87
C THR A 457 6.81 -11.79 -18.59
N ALA A 458 7.63 -11.67 -19.65
CA ALA A 458 9.08 -11.71 -19.51
C ALA A 458 9.71 -10.65 -20.41
N ASN A 459 10.80 -10.06 -19.93
CA ASN A 459 11.61 -9.06 -20.68
C ASN A 459 10.77 -7.93 -21.23
N ALA A 460 9.89 -7.45 -20.38
CA ALA A 460 8.92 -6.45 -20.69
C ALA A 460 9.23 -5.12 -19.99
N GLU A 461 9.22 -4.06 -20.77
CA GLU A 461 9.39 -2.70 -20.28
C GLU A 461 8.07 -1.94 -20.40
N ARG A 462 7.65 -1.31 -19.31
CA ARG A 462 6.41 -0.59 -19.33
C ARG A 462 6.49 0.66 -20.18
N VAL A 463 5.53 0.80 -21.07
CA VAL A 463 5.30 2.01 -21.89
C VAL A 463 3.84 2.41 -21.81
N PRO A 464 3.45 3.59 -22.25
CA PRO A 464 2.05 3.99 -22.14
C PRO A 464 1.12 2.97 -22.80
N ASN A 465 0.17 2.49 -22.02
CA ASN A 465 -0.87 1.58 -22.51
C ASN A 465 -0.36 0.25 -23.01
N GLY A 466 0.77 -0.17 -22.52
CA GLY A 466 1.28 -1.48 -22.82
C GLY A 466 2.67 -1.83 -22.42
N LEU A 467 3.29 -2.70 -23.19
CA LEU A 467 4.61 -3.20 -22.90
C LEU A 467 5.48 -3.29 -24.13
N LYS A 468 6.78 -3.07 -23.92
CA LYS A 468 7.80 -3.22 -24.95
C LYS A 468 8.66 -4.44 -24.60
N PHE A 469 8.83 -5.30 -25.59
CA PHE A 469 9.44 -6.59 -25.40
C PHE A 469 10.74 -6.68 -26.21
N ALA A 470 11.69 -7.44 -25.66
CA ALA A 470 12.96 -7.67 -26.32
C ALA A 470 13.63 -8.95 -25.86
N GLY A 471 14.27 -9.66 -26.77
CA GLY A 471 15.17 -10.73 -26.40
C GLY A 471 14.54 -12.08 -26.36
N VAL A 472 15.37 -13.10 -26.48
CA VAL A 472 14.89 -14.47 -26.41
C VAL A 472 14.16 -14.68 -25.10
N GLY A 473 13.00 -15.32 -25.13
CA GLY A 473 12.17 -15.50 -23.96
C GLY A 473 11.16 -14.39 -23.66
N GLY A 474 11.21 -13.33 -24.47
CA GLY A 474 10.35 -12.18 -24.26
C GLY A 474 8.91 -12.48 -24.68
N GLY A 475 7.97 -11.69 -24.14
CA GLY A 475 6.58 -11.78 -24.48
C GLY A 475 5.67 -11.88 -23.27
N ALA A 476 4.40 -12.06 -23.58
CA ALA A 476 3.39 -12.17 -22.59
C ALA A 476 2.57 -13.39 -22.95
N LEU A 477 2.07 -14.05 -21.91
CA LEU A 477 1.32 -15.28 -22.08
C LEU A 477 0.01 -15.12 -21.33
N TRP A 478 -1.11 -15.17 -22.07
CA TRP A 478 -2.42 -15.01 -21.47
C TRP A 478 -3.04 -16.43 -21.48
N PRO A 479 -3.14 -17.07 -20.31
CA PRO A 479 -3.49 -18.50 -20.24
C PRO A 479 -4.93 -18.81 -20.63
N VAL A 480 -5.10 -19.93 -21.31
CA VAL A 480 -6.43 -20.48 -21.68
C VAL A 480 -6.52 -21.81 -20.95
N SER A 481 -6.20 -22.93 -21.55
CA SER A 481 -6.26 -24.16 -20.76
C SER A 481 -5.27 -24.09 -19.60
N GLN A 482 -4.22 -23.29 -19.76
CA GLN A 482 -3.24 -23.14 -18.68
C GLN A 482 -3.86 -22.52 -17.42
N GLN A 483 -5.08 -21.99 -17.47
CA GLN A 483 -5.79 -21.55 -16.30
C GLN A 483 -6.00 -22.67 -15.30
N GLY A 484 -6.01 -23.91 -15.79
CA GLY A 484 -6.02 -25.09 -14.92
C GLY A 484 -7.43 -25.59 -14.65
N GLN A 485 -7.76 -25.71 -13.39
CA GLN A 485 -9.09 -26.25 -13.03
C GLN A 485 -10.27 -25.49 -13.61
N ASN A 486 -10.23 -24.18 -13.51
CA ASN A 486 -11.32 -23.30 -13.92
C ASN A 486 -10.82 -22.46 -15.11
N GLN A 487 -11.44 -22.72 -16.24
CA GLN A 487 -10.96 -22.28 -17.56
C GLN A 487 -11.93 -21.27 -18.10
N ARG A 488 -11.75 -20.01 -17.69
CA ARG A 488 -12.64 -18.92 -18.07
C ARG A 488 -12.65 -18.57 -19.54
N TYR A 489 -11.60 -18.94 -20.24
CA TYR A 489 -11.46 -18.60 -21.65
C TYR A 489 -11.73 -19.77 -22.59
N HIS A 490 -12.47 -20.77 -22.07
CA HIS A 490 -12.72 -21.95 -22.87
C HIS A 490 -13.44 -21.54 -24.14
N PHE A 491 -14.22 -20.47 -24.08
CA PHE A 491 -14.99 -19.99 -25.25
C PHE A 491 -14.12 -19.82 -26.47
N ALA A 492 -12.84 -19.53 -26.27
CA ALA A 492 -11.93 -19.28 -27.41
C ALA A 492 -11.75 -20.47 -28.36
N ASN A 493 -12.03 -21.65 -27.84
CA ASN A 493 -11.97 -22.86 -28.68
C ASN A 493 -13.04 -22.91 -29.70
N HIS A 494 -14.07 -22.08 -29.51
CA HIS A 494 -15.23 -22.01 -30.37
C HIS A 494 -15.34 -20.72 -31.19
N ALA A 495 -15.06 -19.58 -30.58
CA ALA A 495 -15.01 -18.34 -31.32
C ALA A 495 -14.27 -17.28 -30.48
N PHE A 496 -13.41 -16.48 -31.13
CA PHE A 496 -12.87 -15.30 -30.40
C PHE A 496 -12.42 -14.22 -31.37
N THR A 497 -12.21 -13.01 -30.86
CA THR A 497 -11.47 -11.98 -31.59
C THR A 497 -10.39 -11.48 -30.61
N LEU A 498 -9.16 -11.39 -31.09
CA LEU A 498 -8.01 -10.95 -30.28
C LEU A 498 -7.47 -9.73 -31.05
N VAL A 499 -7.37 -8.59 -30.38
CA VAL A 499 -7.04 -7.31 -31.03
C VAL A 499 -5.82 -6.70 -30.35
N ALA A 500 -4.88 -6.12 -31.12
CA ALA A 500 -3.80 -5.37 -30.44
C ALA A 500 -3.23 -4.36 -31.39
N SER A 501 -2.50 -3.36 -30.84
CA SER A 501 -1.70 -2.46 -31.65
C SER A 501 -0.25 -2.86 -31.48
N VAL A 502 0.48 -2.94 -32.60
CA VAL A 502 1.84 -3.45 -32.54
C VAL A 502 2.78 -2.54 -33.30
N THR A 503 3.98 -2.43 -32.78
CA THR A 503 5.02 -1.64 -33.45
C THR A 503 6.30 -2.48 -33.45
N ILE A 504 6.93 -2.61 -34.62
CA ILE A 504 8.12 -3.46 -34.73
C ILE A 504 9.32 -2.53 -34.70
N HIS A 505 10.24 -2.78 -33.79
CA HIS A 505 11.44 -1.94 -33.64
C HIS A 505 12.65 -2.45 -34.35
N GLU A 506 12.72 -3.74 -34.66
CA GLU A 506 13.87 -4.30 -35.33
C GLU A 506 13.47 -5.32 -36.38
N VAL A 507 14.17 -5.29 -37.51
CA VAL A 507 13.96 -6.25 -38.56
C VAL A 507 14.47 -7.56 -37.99
N PRO A 508 13.69 -8.62 -38.07
CA PRO A 508 14.13 -9.87 -37.47
C PRO A 508 15.04 -10.73 -38.37
N LYS A 509 15.75 -11.69 -37.76
CA LYS A 509 16.67 -12.61 -38.45
C LYS A 509 15.89 -13.58 -39.32
N GLY A 510 14.70 -13.91 -38.85
CA GLY A 510 13.77 -14.78 -39.57
C GLY A 510 12.37 -14.48 -39.06
N ALA A 511 11.42 -15.34 -39.39
CA ALA A 511 10.05 -15.12 -38.95
C ALA A 511 9.97 -15.10 -37.40
N SER A 512 9.32 -14.07 -36.86
CA SER A 512 9.22 -13.90 -35.40
C SER A 512 7.75 -13.63 -35.04
N PRO A 513 7.31 -14.08 -33.89
CA PRO A 513 5.90 -13.94 -33.55
C PRO A 513 5.51 -12.56 -33.00
N LEU A 514 4.25 -12.20 -33.26
CA LEU A 514 3.68 -11.02 -32.68
C LEU A 514 2.48 -11.36 -31.81
N LEU A 515 1.61 -12.24 -32.29
CA LEU A 515 0.33 -12.39 -31.61
C LEU A 515 -0.29 -13.70 -32.06
N GLY A 516 -0.91 -14.47 -31.16
CA GLY A 516 -1.50 -15.72 -31.63
C GLY A 516 -2.15 -16.56 -30.54
N ALA A 517 -2.86 -17.62 -31.00
CA ALA A 517 -3.47 -18.62 -30.11
C ALA A 517 -2.63 -19.88 -30.30
N SER A 518 -1.99 -20.35 -29.23
CA SER A 518 -1.19 -21.55 -29.27
C SER A 518 -2.00 -22.76 -28.81
N LEU A 519 -1.79 -23.89 -29.48
CA LEU A 519 -2.39 -25.15 -29.08
C LEU A 519 -1.46 -25.99 -28.17
N ASP A 520 -0.19 -25.65 -28.08
CA ASP A 520 0.70 -26.40 -27.21
C ASP A 520 1.43 -25.48 -26.28
N SER A 521 2.22 -26.02 -25.36
CA SER A 521 2.86 -25.20 -24.37
C SER A 521 3.92 -24.23 -24.95
N SER A 522 4.52 -24.57 -26.06
CA SER A 522 5.60 -23.75 -26.58
C SER A 522 5.19 -22.61 -27.49
N GLY A 523 4.10 -22.80 -28.19
CA GLY A 523 3.71 -21.89 -29.25
C GLY A 523 4.08 -22.40 -30.62
N GLY A 524 4.74 -23.54 -30.73
CA GLY A 524 5.10 -24.07 -32.04
C GLY A 524 3.96 -24.61 -32.85
N LYS A 525 2.92 -25.09 -32.17
CA LYS A 525 1.72 -25.53 -32.85
C LYS A 525 0.65 -24.46 -32.60
N LYS A 526 0.21 -23.80 -33.65
CA LYS A 526 -0.71 -22.67 -33.52
C LYS A 526 -2.09 -22.94 -34.11
N LEU A 527 -3.09 -22.31 -33.54
CA LEU A 527 -4.40 -22.34 -34.13
C LEU A 527 -4.50 -21.23 -35.14
N LEU A 528 -4.10 -20.02 -34.70
CA LEU A 528 -4.16 -18.83 -35.54
C LEU A 528 -3.19 -17.82 -35.00
N GLY A 529 -2.39 -17.22 -35.89
CA GLY A 529 -1.47 -16.22 -35.41
C GLY A 529 -0.88 -15.36 -36.47
N LEU A 530 0.00 -14.46 -36.02
CA LEU A 530 0.63 -13.49 -36.88
C LEU A 530 2.07 -13.34 -36.48
N SER A 531 2.93 -13.50 -37.48
CA SER A 531 4.38 -13.35 -37.39
C SER A 531 4.77 -12.33 -38.45
N TYR A 532 6.01 -11.90 -38.37
CA TYR A 532 6.62 -10.91 -39.29
C TYR A 532 8.02 -11.41 -39.63
N ASP A 533 8.50 -11.06 -40.82
CA ASP A 533 9.79 -11.62 -41.27
C ASP A 533 10.82 -10.62 -41.76
N LYS A 534 11.98 -11.16 -42.08
CA LYS A 534 13.14 -10.36 -42.48
C LYS A 534 12.97 -9.60 -43.80
N ARG A 535 11.99 -9.99 -44.62
CA ARG A 535 11.69 -9.32 -45.90
C ARG A 535 10.58 -8.27 -45.76
N HIS A 536 10.23 -7.91 -44.53
CA HIS A 536 9.23 -6.89 -44.31
C HIS A 536 7.84 -7.37 -44.73
N GLN A 537 7.61 -8.68 -44.68
CA GLN A 537 6.29 -9.18 -44.93
C GLN A 537 5.65 -9.72 -43.68
N TRP A 538 4.33 -9.80 -43.73
CA TRP A 538 3.57 -10.45 -42.65
C TRP A 538 3.52 -11.96 -42.94
N GLN A 539 3.41 -12.77 -41.88
CA GLN A 539 3.27 -14.22 -42.02
C GLN A 539 2.11 -14.62 -41.13
N PRO A 540 0.92 -14.53 -41.68
CA PRO A 540 -0.27 -15.00 -40.95
C PRO A 540 -0.21 -16.54 -40.98
N ILE A 541 -0.60 -17.15 -39.89
CA ILE A 541 -0.48 -18.59 -39.71
C ILE A 541 -1.87 -19.13 -39.45
N TYR A 542 -2.31 -19.98 -40.36
CA TYR A 542 -3.64 -20.56 -40.28
C TYR A 542 -3.54 -22.03 -39.92
N GLY A 543 -3.78 -22.36 -38.66
CA GLY A 543 -3.57 -23.71 -38.17
C GLY A 543 -2.24 -24.33 -38.59
N SER A 544 -2.35 -25.50 -39.24
CA SER A 544 -1.21 -26.28 -39.66
C SER A 544 -0.88 -26.10 -41.14
N THR A 545 -1.59 -25.18 -41.79
CA THR A 545 -1.35 -24.85 -43.18
C THR A 545 0.02 -24.24 -43.42
N PRO A 546 0.61 -24.53 -44.58
CA PRO A 546 1.86 -23.90 -44.93
C PRO A 546 1.63 -22.39 -44.99
N VAL A 547 2.64 -21.66 -44.55
CA VAL A 547 2.52 -20.23 -44.44
C VAL A 547 2.96 -19.53 -45.70
N THR A 548 2.14 -18.60 -46.14
CA THR A 548 2.46 -17.77 -47.29
C THR A 548 2.62 -16.33 -46.81
N PRO A 549 3.84 -15.83 -46.85
CA PRO A 549 4.08 -14.42 -46.49
C PRO A 549 3.32 -13.51 -47.43
N THR A 550 2.88 -12.36 -46.93
CA THR A 550 2.04 -11.45 -47.71
C THR A 550 2.14 -10.03 -47.17
N GLY A 551 1.69 -9.06 -47.94
CA GLY A 551 1.73 -7.66 -47.51
C GLY A 551 3.12 -7.11 -47.23
N SER A 552 3.16 -5.99 -46.50
CA SER A 552 4.43 -5.31 -46.23
C SER A 552 4.29 -4.50 -44.95
N TRP A 553 5.34 -4.42 -44.13
CA TRP A 553 5.37 -3.53 -42.97
C TRP A 553 6.68 -2.74 -42.89
N GLU A 554 6.60 -1.63 -42.17
CA GLU A 554 7.65 -0.66 -42.01
C GLU A 554 7.98 -0.61 -40.51
N MET A 555 9.26 -0.49 -40.19
CA MET A 555 9.73 -0.34 -38.80
C MET A 555 9.19 0.94 -38.19
N GLY A 556 8.77 0.86 -36.92
CA GLY A 556 8.31 2.01 -36.19
C GLY A 556 6.88 2.49 -36.36
N LYS A 557 6.16 1.91 -37.30
CA LYS A 557 4.80 2.27 -37.61
C LYS A 557 3.87 1.42 -36.76
N ARG A 558 2.90 2.04 -36.14
CA ARG A 558 1.92 1.30 -35.30
C ARG A 558 0.86 0.64 -36.16
N TYR A 559 0.74 -0.69 -36.08
CA TYR A 559 -0.22 -1.42 -36.89
C TYR A 559 -1.28 -1.96 -35.98
N HIS A 560 -2.49 -2.01 -36.51
CA HIS A 560 -3.67 -2.60 -35.83
C HIS A 560 -3.84 -4.02 -36.29
N VAL A 561 -3.76 -4.96 -35.33
CA VAL A 561 -3.87 -6.39 -35.62
C VAL A 561 -5.21 -6.96 -35.08
N VAL A 562 -5.97 -7.64 -35.92
CA VAL A 562 -7.16 -8.36 -35.45
C VAL A 562 -7.08 -9.81 -35.90
N LEU A 563 -7.20 -10.73 -34.95
CA LEU A 563 -7.29 -12.16 -35.27
C LEU A 563 -8.72 -12.54 -34.93
N THR A 564 -9.43 -13.16 -35.88
CA THR A 564 -10.75 -13.68 -35.55
C THR A 564 -10.81 -15.20 -35.85
N MET A 565 -11.59 -15.90 -35.03
CA MET A 565 -11.87 -17.30 -35.30
C MET A 565 -13.31 -17.56 -34.94
N ALA A 566 -14.06 -18.08 -35.90
CA ALA A 566 -15.41 -18.58 -35.67
C ALA A 566 -15.68 -19.63 -36.71
N ASN A 567 -16.59 -20.55 -36.39
CA ASN A 567 -16.99 -21.64 -37.31
C ASN A 567 -15.78 -22.28 -38.01
N LYS A 568 -14.76 -22.55 -37.21
CA LYS A 568 -13.55 -23.20 -37.62
C LYS A 568 -12.68 -22.49 -38.65
N ILE A 569 -12.98 -21.21 -38.89
CA ILE A 569 -12.27 -20.41 -39.85
C ILE A 569 -11.58 -19.23 -39.18
N GLY A 570 -10.34 -18.99 -39.59
CA GLY A 570 -9.56 -17.89 -39.04
C GLY A 570 -9.19 -16.83 -40.08
N SER A 571 -9.18 -15.57 -39.61
CA SER A 571 -8.91 -14.42 -40.43
C SER A 571 -7.95 -13.51 -39.65
N VAL A 572 -7.04 -12.89 -40.40
CA VAL A 572 -6.08 -11.95 -39.84
C VAL A 572 -6.21 -10.60 -40.59
N TYR A 573 -6.43 -9.51 -39.85
CA TYR A 573 -6.60 -8.19 -40.41
C TYR A 573 -5.46 -7.29 -39.93
N ILE A 574 -4.94 -6.49 -40.85
CA ILE A 574 -3.98 -5.44 -40.51
C ILE A 574 -4.60 -4.09 -40.93
N ASP A 575 -4.66 -3.14 -39.99
CA ASP A 575 -5.21 -1.82 -40.27
C ASP A 575 -6.61 -1.93 -40.87
N GLY A 576 -7.36 -2.90 -40.34
CA GLY A 576 -8.76 -3.05 -40.68
C GLY A 576 -9.04 -3.82 -41.96
N GLU A 577 -8.01 -4.30 -42.63
CA GLU A 577 -8.20 -4.95 -43.89
C GLU A 577 -7.68 -6.38 -43.79
N PRO A 578 -8.48 -7.34 -44.28
CA PRO A 578 -8.04 -8.72 -44.26
C PRO A 578 -6.77 -8.87 -45.03
N LEU A 579 -5.87 -9.71 -44.56
CA LEU A 579 -4.66 -9.98 -45.30
C LEU A 579 -5.15 -10.80 -46.50
N GLU A 580 -4.47 -10.69 -47.63
CA GLU A 580 -4.84 -11.51 -48.77
C GLU A 580 -4.72 -12.96 -48.31
N GLY A 581 -5.72 -13.79 -48.61
CA GLY A 581 -5.68 -15.20 -48.23
C GLY A 581 -6.26 -15.56 -46.87
N SER A 582 -6.89 -14.59 -46.21
CA SER A 582 -7.43 -14.81 -44.89
C SER A 582 -8.76 -15.51 -45.09
N GLY A 583 -9.32 -16.10 -44.04
CA GLY A 583 -10.58 -16.78 -44.11
C GLY A 583 -10.43 -18.26 -44.45
N GLN A 584 -9.40 -18.91 -43.89
CA GLN A 584 -9.08 -20.32 -44.12
C GLN A 584 -9.43 -21.12 -42.89
N THR A 585 -9.67 -22.42 -43.12
CA THR A 585 -9.94 -23.37 -42.06
C THR A 585 -8.75 -23.54 -41.16
N VAL A 586 -8.98 -23.49 -39.86
CA VAL A 586 -7.91 -23.61 -38.89
C VAL A 586 -8.15 -24.78 -37.96
N VAL A 587 -9.35 -25.37 -38.07
CA VAL A 587 -9.76 -26.51 -37.24
C VAL A 587 -10.40 -27.63 -38.09
N PRO A 588 -9.86 -28.83 -38.09
CA PRO A 588 -10.48 -29.99 -38.75
C PRO A 588 -11.86 -30.25 -38.16
N ASP A 589 -12.87 -30.37 -39.01
CA ASP A 589 -14.23 -30.37 -38.48
C ASP A 589 -14.55 -31.45 -37.42
N GLU A 590 -13.70 -32.46 -37.33
CA GLU A 590 -13.89 -33.46 -36.32
C GLU A 590 -13.66 -32.83 -34.94
N ARG A 591 -12.40 -32.47 -34.66
CA ARG A 591 -12.06 -32.06 -33.30
C ARG A 591 -12.37 -30.63 -32.86
N THR A 592 -12.37 -30.50 -31.54
CA THR A 592 -12.49 -29.21 -30.86
C THR A 592 -11.14 -28.86 -30.32
N PRO A 593 -10.72 -27.66 -30.64
CA PRO A 593 -9.41 -27.18 -30.23
C PRO A 593 -9.30 -27.15 -28.72
N ASP A 594 -8.09 -27.21 -28.22
CA ASP A 594 -7.80 -27.01 -26.79
C ASP A 594 -6.67 -26.03 -26.68
N ILE A 595 -6.98 -24.75 -26.84
CA ILE A 595 -5.95 -23.69 -26.83
C ILE A 595 -5.26 -23.66 -25.46
N SER A 596 -3.95 -23.54 -25.49
CA SER A 596 -3.11 -23.50 -24.31
C SER A 596 -3.08 -22.08 -23.75
N HIS A 597 -2.84 -21.14 -24.65
CA HIS A 597 -2.69 -19.78 -24.19
C HIS A 597 -2.68 -18.88 -25.43
N PHE A 598 -2.86 -17.58 -25.20
CA PHE A 598 -2.53 -16.61 -26.24
C PHE A 598 -1.13 -16.10 -25.94
N TYR A 599 -0.35 -15.89 -26.99
CA TYR A 599 0.99 -15.30 -26.84
C TYR A 599 0.97 -13.90 -27.47
N VAL A 600 1.69 -12.96 -26.84
CA VAL A 600 1.67 -11.56 -27.24
C VAL A 600 3.03 -10.97 -27.16
N GLY A 601 3.54 -10.44 -28.28
CA GLY A 601 4.83 -9.75 -28.29
C GLY A 601 6.05 -10.65 -28.13
N GLY A 602 5.88 -11.91 -28.53
CA GLY A 602 6.87 -12.94 -28.35
C GLY A 602 6.13 -14.18 -27.90
N TYR A 603 6.87 -15.28 -27.70
CA TYR A 603 6.29 -16.51 -27.18
C TYR A 603 6.31 -16.59 -25.65
N LYS A 604 7.08 -15.71 -25.02
CA LYS A 604 7.41 -15.85 -23.60
C LYS A 604 8.03 -17.24 -23.30
N ARG A 605 8.86 -17.73 -24.20
CA ARG A 605 9.53 -19.03 -24.04
C ARG A 605 10.99 -18.91 -24.43
N SER A 606 11.86 -19.05 -23.43
CA SER A 606 13.28 -19.05 -23.66
C SER A 606 13.74 -20.27 -24.46
N GLY A 607 12.90 -21.29 -24.58
CA GLY A 607 13.17 -22.44 -25.43
C GLY A 607 12.93 -22.17 -26.91
N MET A 608 12.28 -21.04 -27.19
CA MET A 608 12.02 -20.60 -28.56
C MET A 608 13.11 -19.61 -28.96
N PRO A 609 13.83 -19.90 -30.02
CA PRO A 609 14.99 -19.10 -30.45
C PRO A 609 14.70 -17.70 -31.04
N THR A 610 13.43 -17.33 -31.14
CA THR A 610 13.06 -16.04 -31.74
C THR A 610 13.25 -14.88 -30.80
N ASP A 611 13.47 -13.71 -31.38
CA ASP A 611 13.69 -12.47 -30.64
C ASP A 611 12.78 -11.40 -31.23
N SER A 612 11.63 -11.21 -30.59
CA SER A 612 10.68 -10.23 -31.06
C SER A 612 10.91 -8.88 -30.35
N ARG A 613 11.32 -7.87 -31.12
CA ARG A 613 11.57 -6.52 -30.57
C ARG A 613 10.40 -5.70 -30.96
N VAL A 614 9.40 -5.63 -30.07
CA VAL A 614 8.13 -5.01 -30.46
C VAL A 614 7.43 -4.40 -29.23
N THR A 615 6.63 -3.38 -29.50
CA THR A 615 5.77 -2.81 -28.51
C THR A 615 4.33 -3.20 -28.81
N VAL A 616 3.63 -3.65 -27.78
CA VAL A 616 2.22 -4.02 -27.94
C VAL A 616 1.43 -3.17 -26.99
N ASN A 617 0.39 -2.51 -27.48
CA ASN A 617 -0.53 -1.77 -26.65
C ASN A 617 -1.96 -2.30 -26.81
N ASN A 618 -2.76 -2.15 -25.77
CA ASN A 618 -4.21 -2.29 -25.80
C ASN A 618 -4.69 -3.60 -26.42
N VAL A 619 -4.45 -4.68 -25.69
CA VAL A 619 -4.88 -6.01 -26.21
C VAL A 619 -6.34 -6.28 -25.74
N LEU A 620 -7.25 -6.57 -26.67
CA LEU A 620 -8.65 -6.83 -26.33
C LEU A 620 -8.93 -8.26 -26.75
N LEU A 621 -9.70 -8.94 -25.90
CA LEU A 621 -10.20 -10.30 -26.18
C LEU A 621 -11.72 -10.31 -26.09
N TYR A 622 -12.38 -10.70 -27.18
CA TYR A 622 -13.83 -10.87 -27.28
C TYR A 622 -14.17 -12.33 -27.46
N ASN A 623 -15.35 -12.68 -26.95
CA ASN A 623 -15.85 -14.05 -27.04
C ASN A 623 -16.71 -14.33 -28.28
N ARG A 624 -16.47 -13.60 -29.35
CA ARG A 624 -17.23 -13.72 -30.59
C ARG A 624 -16.40 -13.14 -31.71
N GLN A 625 -16.77 -13.43 -32.95
CA GLN A 625 -16.14 -12.81 -34.11
C GLN A 625 -16.74 -11.45 -34.39
N LEU A 626 -15.92 -10.40 -34.25
CA LEU A 626 -16.36 -9.04 -34.48
C LEU A 626 -16.69 -8.85 -35.96
N ASN A 627 -17.66 -8.00 -36.25
CA ASN A 627 -18.07 -7.76 -37.63
C ASN A 627 -17.16 -6.67 -38.23
N ALA A 628 -17.37 -6.39 -39.51
CA ALA A 628 -16.57 -5.44 -40.23
C ALA A 628 -16.54 -4.07 -39.64
N GLU A 629 -17.69 -3.52 -39.30
CA GLU A 629 -17.80 -2.16 -38.76
C GLU A 629 -17.07 -2.10 -37.42
N GLU A 630 -17.23 -3.17 -36.63
CA GLU A 630 -16.60 -3.22 -35.29
C GLU A 630 -15.09 -3.21 -35.37
N ILE A 631 -14.56 -4.01 -36.29
CA ILE A 631 -13.12 -4.01 -36.56
C ILE A 631 -12.64 -2.66 -37.06
N ARG A 632 -13.36 -2.06 -37.99
CA ARG A 632 -12.99 -0.76 -38.52
C ARG A 632 -12.99 0.30 -37.41
N THR A 633 -13.98 0.27 -36.55
CA THR A 633 -14.05 1.23 -35.43
C THR A 633 -12.87 1.09 -34.49
N LEU A 634 -12.51 -0.16 -34.17
CA LEU A 634 -11.36 -0.38 -33.33
C LEU A 634 -10.08 0.12 -33.99
N PHE A 635 -9.93 -0.10 -35.28
CA PHE A 635 -8.75 0.40 -35.98
C PHE A 635 -8.67 1.93 -35.89
N LEU A 636 -9.81 2.58 -36.15
CA LEU A 636 -9.85 4.03 -36.19
C LEU A 636 -9.68 4.70 -34.81
N SER A 637 -10.01 3.98 -33.74
CA SER A 637 -9.97 4.51 -32.39
C SER A 637 -8.74 4.01 -31.59
N GLN A 638 -7.73 3.46 -32.25
CA GLN A 638 -6.54 2.94 -31.53
C GLN A 638 -5.90 3.86 -30.52
N ASP A 639 -5.90 5.16 -30.78
CA ASP A 639 -5.29 6.16 -29.87
C ASP A 639 -6.16 6.67 -28.78
N LEU A 640 -7.40 6.20 -28.74
CA LEU A 640 -8.31 6.72 -27.80
C LEU A 640 -8.67 5.71 -26.75
N ILE A 641 -8.34 4.41 -26.92
CA ILE A 641 -8.92 3.41 -26.01
C ILE A 641 -8.06 3.09 -24.77
N GLY A 642 -6.83 3.56 -24.74
CA GLY A 642 -5.90 3.30 -23.63
C GLY A 642 -6.42 3.72 -22.26
N THR A 643 -6.05 2.97 -21.24
CA THR A 643 -6.51 3.29 -19.89
C THR A 643 -5.55 4.26 -19.18
N GLU A 644 -4.39 4.57 -19.74
CA GLU A 644 -3.39 5.40 -19.02
C GLU A 644 -3.95 6.68 -18.49
N ALA A 645 -4.69 7.41 -19.32
CA ALA A 645 -5.14 8.75 -18.94
C ALA A 645 -6.32 8.79 -18.01
N HIS A 646 -6.99 7.64 -17.82
CA HIS A 646 -8.21 7.58 -17.02
C HIS A 646 -8.07 6.84 -15.70
N ALA B 16 11.22 26.35 -4.27
CA ALA B 16 11.72 27.67 -3.74
C ALA B 16 11.77 28.72 -4.83
N PRO B 17 10.93 29.73 -4.82
CA PRO B 17 10.98 30.66 -5.96
C PRO B 17 12.32 31.39 -6.08
N GLY B 18 12.79 31.43 -7.32
CA GLY B 18 14.01 32.13 -7.64
C GLY B 18 15.19 31.17 -7.65
N SER B 19 15.08 30.04 -6.95
CA SER B 19 16.19 29.10 -6.92
C SER B 19 16.27 28.37 -8.27
N SER B 20 17.45 27.83 -8.54
CA SER B 20 17.71 27.10 -9.76
C SER B 20 18.91 26.20 -9.55
N ARG B 21 19.20 25.32 -10.47
CA ARG B 21 20.32 24.42 -10.34
C ARG B 21 20.74 23.86 -11.71
N VAL B 22 21.93 23.32 -11.70
CA VAL B 22 22.51 22.58 -12.85
C VAL B 22 23.02 21.25 -12.41
N GLU B 23 23.04 20.30 -13.35
CA GLU B 23 23.65 18.97 -13.06
C GLU B 23 25.11 19.14 -13.31
N LEU B 24 25.88 19.42 -12.29
CA LEU B 24 27.30 19.77 -12.44
C LEU B 24 28.18 18.54 -12.62
N PHE B 25 27.96 17.55 -11.78
CA PHE B 25 28.67 16.28 -11.88
C PHE B 25 27.61 15.33 -12.45
N LYS B 26 27.64 15.13 -13.76
N LYS B 26 27.63 15.18 -13.77
CA LYS B 26 26.59 14.37 -14.39
CA LYS B 26 26.63 14.45 -14.51
C LYS B 26 26.93 12.91 -14.59
C LYS B 26 26.94 12.96 -14.62
N ARG B 27 26.15 12.08 -13.95
N ARG B 27 26.15 12.12 -13.94
CA ARG B 27 26.34 10.63 -13.99
CA ARG B 27 26.34 10.68 -14.00
C ARG B 27 26.34 10.11 -15.41
C ARG B 27 26.41 10.20 -15.43
N GLN B 28 27.27 9.22 -15.67
CA GLN B 28 27.41 8.58 -16.98
C GLN B 28 27.71 9.53 -18.11
N SER B 29 28.15 10.73 -17.78
CA SER B 29 28.43 11.75 -18.80
C SER B 29 29.68 12.57 -18.54
N SER B 30 29.82 13.13 -17.33
CA SER B 30 30.96 13.96 -17.00
C SER B 30 32.25 13.11 -16.97
N LYS B 31 33.30 13.69 -17.48
CA LYS B 31 34.60 13.02 -17.52
C LYS B 31 35.58 13.63 -16.53
N VAL B 32 36.53 12.80 -16.08
CA VAL B 32 37.61 13.21 -15.18
C VAL B 32 38.91 12.70 -15.74
N PRO B 33 40.01 13.36 -15.41
CA PRO B 33 41.34 12.95 -15.93
C PRO B 33 41.86 11.73 -15.13
N PHE B 34 41.52 10.54 -15.61
CA PHE B 34 41.90 9.29 -15.01
C PHE B 34 43.35 8.92 -15.32
N GLU B 35 44.20 8.92 -14.31
CA GLU B 35 45.61 8.65 -14.50
C GLU B 35 45.99 7.26 -14.01
N LYS B 36 46.70 6.51 -14.87
CA LYS B 36 47.18 5.18 -14.50
C LYS B 36 48.50 4.95 -15.21
N ASP B 37 49.53 4.64 -14.46
CA ASP B 37 50.81 4.32 -15.05
C ASP B 37 51.36 5.37 -15.99
N GLY B 38 51.27 6.61 -15.53
CA GLY B 38 51.83 7.72 -16.26
C GLY B 38 50.99 8.14 -17.44
N LYS B 39 49.83 7.53 -17.64
CA LYS B 39 48.98 7.86 -18.77
C LYS B 39 47.67 8.49 -18.25
N VAL B 40 47.29 9.62 -18.81
CA VAL B 40 46.01 10.20 -18.41
C VAL B 40 44.98 10.08 -19.53
N THR B 41 43.78 9.64 -19.20
CA THR B 41 42.72 9.55 -20.17
C THR B 41 41.43 10.19 -19.58
N GLU B 42 40.73 10.97 -20.39
CA GLU B 42 39.45 11.54 -19.98
C GLU B 42 38.44 10.41 -19.91
N ARG B 43 37.93 10.14 -18.69
CA ARG B 43 37.10 8.96 -18.48
C ARG B 43 35.77 9.28 -17.87
N VAL B 44 34.73 8.68 -18.43
CA VAL B 44 33.39 8.84 -17.92
C VAL B 44 33.22 8.17 -16.56
N VAL B 45 32.46 8.82 -15.70
CA VAL B 45 32.19 8.32 -14.35
C VAL B 45 30.71 7.95 -14.20
N HIS B 46 30.47 6.75 -13.70
CA HIS B 46 29.10 6.25 -13.47
C HIS B 46 28.34 7.11 -12.48
N SER B 47 28.92 7.33 -11.30
CA SER B 47 28.22 8.04 -10.23
C SER B 47 29.17 8.93 -9.44
N PHE B 48 28.60 10.02 -8.97
CA PHE B 48 29.29 10.98 -8.11
C PHE B 48 28.53 11.07 -6.81
N ARG B 49 29.22 10.91 -5.69
CA ARG B 49 28.60 10.91 -4.39
C ARG B 49 29.46 11.72 -3.40
N LEU B 50 28.92 11.93 -2.22
N LEU B 50 28.94 11.94 -2.21
CA LEU B 50 29.63 12.58 -1.10
CA LEU B 50 29.74 12.52 -1.14
C LEU B 50 30.20 13.98 -1.38
C LEU B 50 30.19 13.98 -1.37
N PRO B 51 29.27 14.88 -1.69
CA PRO B 51 29.62 16.27 -1.97
C PRO B 51 30.22 17.02 -0.79
N ALA B 52 31.20 17.86 -1.13
CA ALA B 52 31.75 18.81 -0.22
C ALA B 52 31.99 20.08 -1.02
N LEU B 53 31.39 21.18 -0.58
CA LEU B 53 31.45 22.43 -1.32
C LEU B 53 32.00 23.51 -0.43
N VAL B 54 33.12 24.09 -0.88
CA VAL B 54 33.84 25.09 -0.11
C VAL B 54 34.29 26.31 -0.85
N ASN B 55 34.66 27.32 -0.09
CA ASN B 55 35.26 28.54 -0.61
C ASN B 55 36.68 28.66 -0.17
N VAL B 56 37.63 28.76 -1.11
CA VAL B 56 39.01 29.05 -0.77
C VAL B 56 39.39 30.34 -1.45
N ASP B 57 39.49 31.41 -0.66
CA ASP B 57 39.99 32.70 -1.19
C ASP B 57 39.21 33.16 -2.43
N GLY B 58 37.90 32.95 -2.47
CA GLY B 58 37.07 33.39 -3.60
C GLY B 58 36.89 32.37 -4.69
N VAL B 59 37.61 31.24 -4.57
CA VAL B 59 37.52 30.11 -5.50
C VAL B 59 36.56 29.05 -4.90
N MET B 60 35.46 28.75 -5.59
N MET B 60 35.50 28.73 -5.61
CA MET B 60 34.57 27.66 -5.18
CA MET B 60 34.57 27.68 -5.21
C MET B 60 35.25 26.36 -5.56
C MET B 60 35.17 26.34 -5.59
N VAL B 61 35.23 25.42 -4.63
CA VAL B 61 35.80 24.07 -4.88
C VAL B 61 34.77 23.06 -4.49
N ALA B 62 34.49 22.13 -5.40
CA ALA B 62 33.51 21.05 -5.23
C ALA B 62 34.23 19.74 -5.23
N ILE B 63 34.24 19.04 -4.12
CA ILE B 63 34.98 17.77 -3.96
C ILE B 63 33.99 16.65 -3.80
N ALA B 64 34.29 15.47 -4.37
CA ALA B 64 33.37 14.37 -4.29
C ALA B 64 34.04 13.05 -4.61
N ASP B 65 33.31 11.96 -4.37
CA ASP B 65 33.70 10.65 -4.92
C ASP B 65 33.39 10.60 -6.41
N ALA B 66 34.37 10.16 -7.21
CA ALA B 66 34.09 9.75 -8.60
C ALA B 66 34.11 8.20 -8.62
N ARG B 67 32.89 7.62 -8.68
CA ARG B 67 32.72 6.16 -8.65
C ARG B 67 32.63 5.75 -10.10
N TYR B 68 33.75 5.30 -10.62
CA TYR B 68 33.90 5.11 -12.08
C TYR B 68 32.94 4.12 -12.70
N GLU B 69 32.72 3.00 -12.05
CA GLU B 69 32.01 1.89 -12.68
C GLU B 69 30.61 1.53 -12.20
N THR B 70 30.30 1.88 -10.96
CA THR B 70 29.09 1.51 -10.31
C THR B 70 29.00 2.43 -9.11
N SER B 71 27.81 2.57 -8.52
CA SER B 71 27.68 3.34 -7.29
C SER B 71 27.95 2.53 -6.05
N PHE B 72 28.19 1.24 -6.22
CA PHE B 72 28.46 0.40 -5.05
C PHE B 72 29.61 0.92 -4.26
N ASP B 73 29.47 0.95 -2.91
CA ASP B 73 30.52 1.53 -2.09
C ASP B 73 31.90 0.94 -2.31
N ASN B 74 31.99 -0.37 -2.50
CA ASN B 74 33.26 -1.03 -2.57
C ASN B 74 33.58 -1.26 -4.07
N SER B 75 34.03 -0.19 -4.73
CA SER B 75 34.28 -0.19 -6.17
C SER B 75 35.39 0.84 -6.42
N LEU B 76 35.76 1.03 -7.68
CA LEU B 76 36.84 1.90 -8.05
C LEU B 76 36.42 3.37 -7.85
N ILE B 77 37.11 4.08 -6.96
CA ILE B 77 36.73 5.46 -6.64
C ILE B 77 38.00 6.34 -6.51
N ASP B 78 37.96 7.52 -7.18
CA ASP B 78 38.97 8.55 -7.02
C ASP B 78 38.26 9.73 -6.43
N THR B 79 38.97 10.62 -5.76
CA THR B 79 38.40 11.91 -5.28
C THR B 79 38.51 12.96 -6.40
N VAL B 80 37.36 13.45 -6.92
CA VAL B 80 37.34 14.50 -7.95
C VAL B 80 37.21 15.87 -7.28
N ALA B 81 37.82 16.87 -7.92
CA ALA B 81 37.61 18.27 -7.59
C ALA B 81 37.22 19.05 -8.81
N LYS B 82 36.22 19.90 -8.65
CA LYS B 82 35.91 20.90 -9.68
C LYS B 82 36.10 22.25 -9.02
N TYR B 83 36.63 23.25 -9.74
CA TYR B 83 36.79 24.57 -9.14
C TYR B 83 36.36 25.67 -10.11
N SER B 84 35.87 26.77 -9.54
CA SER B 84 35.26 27.86 -10.30
C SER B 84 35.66 29.18 -9.70
N VAL B 85 35.97 30.13 -10.56
CA VAL B 85 36.27 31.48 -10.10
C VAL B 85 35.10 32.40 -10.36
N ASP B 86 34.00 31.92 -10.93
CA ASP B 86 32.88 32.78 -11.27
C ASP B 86 31.59 32.36 -10.64
N ASP B 87 31.69 31.96 -9.38
CA ASP B 87 30.52 31.58 -8.59
C ASP B 87 29.75 30.41 -9.20
N GLY B 88 30.46 29.48 -9.85
CA GLY B 88 29.77 28.29 -10.29
C GLY B 88 29.18 28.32 -11.65
N GLU B 89 29.47 29.35 -12.41
CA GLU B 89 29.03 29.39 -13.79
C GLU B 89 29.91 28.42 -14.62
N THR B 90 31.23 28.51 -14.47
CA THR B 90 32.12 27.67 -15.24
C THR B 90 33.09 26.99 -14.29
N TRP B 91 33.45 25.76 -14.60
CA TRP B 91 34.33 24.96 -13.74
C TRP B 91 35.45 24.26 -14.48
N GLU B 92 36.58 24.14 -13.81
CA GLU B 92 37.66 23.22 -14.22
C GLU B 92 37.60 21.91 -13.40
N THR B 93 38.06 20.79 -13.98
CA THR B 93 37.96 19.47 -13.37
C THR B 93 39.30 18.78 -13.21
N GLN B 94 39.50 18.18 -12.04
CA GLN B 94 40.73 17.44 -11.68
C GLN B 94 40.39 16.24 -10.87
N ILE B 95 41.39 15.34 -10.77
CA ILE B 95 41.37 14.34 -9.75
C ILE B 95 42.30 14.85 -8.62
N ALA B 96 41.72 15.01 -7.42
CA ALA B 96 42.46 15.51 -6.27
C ALA B 96 43.33 14.41 -5.70
N ILE B 97 42.72 13.21 -5.59
CA ILE B 97 43.36 12.06 -4.99
C ILE B 97 43.04 10.84 -5.76
N LYS B 98 44.08 10.11 -6.11
CA LYS B 98 43.89 8.88 -6.82
C LYS B 98 44.01 7.69 -5.81
N ASN B 99 43.22 6.64 -6.06
CA ASN B 99 43.34 5.39 -5.34
C ASN B 99 44.65 4.66 -5.69
N SER B 100 44.89 3.57 -4.99
CA SER B 100 46.15 2.84 -5.16
C SER B 100 46.30 2.07 -6.45
N ARG B 101 45.22 1.88 -7.23
CA ARG B 101 45.22 1.13 -8.50
C ARG B 101 45.53 -0.34 -8.30
N ALA B 102 45.37 -0.84 -7.09
CA ALA B 102 45.68 -2.25 -6.85
C ALA B 102 44.71 -3.26 -7.47
N SER B 103 43.44 -2.91 -7.49
CA SER B 103 42.40 -3.79 -7.93
C SER B 103 41.31 -3.01 -8.52
N SER B 104 40.31 -3.75 -8.93
CA SER B 104 39.13 -3.18 -9.52
C SER B 104 38.29 -2.47 -8.46
N VAL B 105 38.62 -2.61 -7.17
CA VAL B 105 37.83 -1.99 -6.12
C VAL B 105 38.66 -1.04 -5.22
N SER B 106 39.83 -0.71 -5.71
CA SER B 106 40.69 0.24 -5.03
C SER B 106 39.96 1.57 -4.97
N ARG B 107 40.02 2.19 -3.80
CA ARG B 107 39.20 3.38 -3.55
C ARG B 107 39.75 4.28 -2.50
N VAL B 108 39.56 5.56 -2.75
CA VAL B 108 39.76 6.59 -1.74
C VAL B 108 38.36 7.09 -1.44
N VAL B 109 38.05 7.10 -0.16
CA VAL B 109 36.68 7.25 0.33
C VAL B 109 36.42 8.31 1.37
N ASP B 110 35.15 8.73 1.40
CA ASP B 110 34.63 9.70 2.36
C ASP B 110 35.50 10.96 2.47
N PRO B 111 35.78 11.60 1.35
CA PRO B 111 36.67 12.77 1.40
C PRO B 111 36.12 13.84 2.30
N THR B 112 36.92 14.28 3.28
CA THR B 112 36.47 15.26 4.25
C THR B 112 37.43 16.42 4.16
N VAL B 113 36.86 17.60 3.98
CA VAL B 113 37.59 18.80 3.61
C VAL B 113 37.69 19.84 4.67
N ILE B 114 38.90 20.40 4.84
CA ILE B 114 39.14 21.61 5.65
C ILE B 114 39.82 22.65 4.79
N VAL B 115 39.30 23.89 4.85
CA VAL B 115 39.97 25.01 4.25
C VAL B 115 40.75 25.81 5.26
N LYS B 116 42.04 26.07 5.04
CA LYS B 116 42.76 27.02 5.89
C LYS B 116 43.64 27.86 4.97
N GLY B 117 43.38 29.15 4.95
CA GLY B 117 44.14 29.96 4.02
C GLY B 117 43.86 29.53 2.59
N ASN B 118 44.92 29.42 1.78
N ASN B 118 44.93 29.40 1.81
CA ASN B 118 44.73 28.94 0.43
CA ASN B 118 44.84 28.96 0.45
C ASN B 118 44.94 27.41 0.28
C ASN B 118 44.95 27.42 0.28
N LYS B 119 44.90 26.67 1.39
CA LYS B 119 45.05 25.21 1.38
C LYS B 119 43.74 24.46 1.63
N LEU B 120 43.61 23.40 0.87
CA LEU B 120 42.52 22.41 0.99
C LEU B 120 43.12 21.17 1.61
N TYR B 121 42.65 20.79 2.78
CA TYR B 121 43.10 19.57 3.43
C TYR B 121 42.01 18.56 3.15
N VAL B 122 42.34 17.46 2.52
CA VAL B 122 41.39 16.41 2.18
C VAL B 122 41.81 15.10 2.83
N LEU B 123 40.98 14.60 3.72
CA LEU B 123 41.20 13.36 4.46
C LEU B 123 40.38 12.24 3.85
N VAL B 124 41.01 11.14 3.41
CA VAL B 124 40.33 10.01 2.82
C VAL B 124 40.76 8.71 3.43
N GLY B 125 39.85 7.74 3.55
CA GLY B 125 40.30 6.38 3.78
C GLY B 125 40.82 5.87 2.41
N SER B 126 41.67 4.84 2.46
CA SER B 126 42.15 4.21 1.25
C SER B 126 42.10 2.72 1.43
N TYR B 127 41.47 2.06 0.48
CA TYR B 127 41.25 0.62 0.47
C TYR B 127 41.81 0.03 -0.79
N ASN B 128 42.41 -1.16 -0.71
CA ASN B 128 43.02 -1.77 -1.89
C ASN B 128 42.20 -2.82 -2.61
N SER B 129 41.65 -3.77 -1.84
CA SER B 129 41.02 -4.94 -2.42
C SER B 129 39.74 -5.46 -1.78
N SER B 130 39.30 -4.90 -0.64
CA SER B 130 38.17 -5.49 0.06
C SER B 130 36.85 -5.28 -0.68
N ARG B 131 35.97 -6.30 -0.62
CA ARG B 131 34.68 -6.24 -1.26
C ARG B 131 33.55 -6.03 -0.24
N SER B 132 33.91 -5.90 1.03
CA SER B 132 32.94 -5.65 2.08
C SER B 132 33.13 -4.26 2.68
N TYR B 133 32.05 -3.75 3.24
CA TYR B 133 32.07 -2.37 3.79
C TYR B 133 32.98 -2.35 5.05
N TRP B 134 33.68 -1.23 5.23
CA TRP B 134 34.71 -1.11 6.25
C TRP B 134 34.27 -1.46 7.66
N THR B 135 33.03 -1.14 8.02
CA THR B 135 32.61 -1.49 9.38
C THR B 135 32.53 -2.98 9.67
N SER B 136 32.53 -3.82 8.64
CA SER B 136 32.46 -5.24 8.83
C SER B 136 33.85 -5.82 8.97
N HIS B 137 34.93 -5.06 8.73
CA HIS B 137 36.25 -5.68 8.71
C HIS B 137 36.67 -6.12 10.11
N GLY B 138 37.26 -7.32 10.19
CA GLY B 138 37.85 -7.77 11.44
C GLY B 138 39.26 -7.31 11.66
N ASP B 139 39.90 -6.75 10.63
CA ASP B 139 41.28 -6.23 10.78
C ASP B 139 41.47 -5.00 9.93
N ALA B 140 42.70 -4.48 9.90
CA ALA B 140 42.99 -3.28 9.13
C ALA B 140 43.95 -3.54 8.00
N ARG B 141 44.03 -4.76 7.50
CA ARG B 141 45.02 -5.06 6.48
C ARG B 141 44.78 -4.42 5.16
N ASP B 142 43.54 -4.00 4.90
CA ASP B 142 43.21 -3.35 3.60
C ASP B 142 43.11 -1.83 3.70
N TRP B 143 43.31 -1.29 4.89
CA TRP B 143 43.05 0.12 5.18
C TRP B 143 44.29 1.02 5.40
N ASP B 144 44.21 2.25 4.93
CA ASP B 144 45.11 3.31 5.30
C ASP B 144 44.21 4.55 5.36
N ILE B 145 44.77 5.59 5.94
CA ILE B 145 44.10 6.87 6.14
C ILE B 145 45.05 7.92 5.65
N LEU B 146 44.63 8.68 4.65
CA LEU B 146 45.55 9.58 3.91
C LEU B 146 45.06 11.03 3.95
N LEU B 147 46.04 11.94 3.96
CA LEU B 147 45.77 13.39 3.91
C LEU B 147 46.48 13.93 2.69
N ALA B 148 45.72 14.69 1.89
CA ALA B 148 46.25 15.38 0.71
C ALA B 148 45.98 16.84 0.85
N VAL B 149 46.93 17.64 0.43
CA VAL B 149 46.82 19.10 0.46
C VAL B 149 46.79 19.68 -0.95
N GLY B 150 45.75 20.47 -1.21
CA GLY B 150 45.59 21.15 -2.48
C GLY B 150 45.93 22.63 -2.25
N GLU B 151 46.81 23.17 -3.07
N GLU B 151 46.99 23.15 -2.91
CA GLU B 151 47.27 24.51 -2.91
CA GLU B 151 47.33 24.57 -2.79
C GLU B 151 46.60 25.34 -3.96
C GLU B 151 46.65 25.37 -3.94
N VAL B 152 45.83 26.32 -3.55
CA VAL B 152 45.08 27.16 -4.48
C VAL B 152 45.76 28.47 -4.73
N THR B 153 46.05 28.75 -6.00
CA THR B 153 46.62 30.06 -6.36
C THR B 153 45.78 30.71 -7.41
N LYS B 154 45.87 32.04 -7.46
CA LYS B 154 45.10 32.81 -8.43
C LYS B 154 46.01 33.69 -9.20
N SER B 155 45.71 33.92 -10.47
CA SER B 155 46.50 34.85 -11.30
C SER B 155 45.59 35.87 -11.89
N THR B 156 46.08 37.08 -12.08
CA THR B 156 45.28 38.12 -12.77
C THR B 156 45.86 38.44 -14.13
N ALA B 157 46.73 37.58 -14.62
CA ALA B 157 47.32 37.76 -15.95
C ALA B 157 46.26 37.88 -17.02
N GLY B 158 46.44 38.83 -17.94
CA GLY B 158 45.49 38.99 -19.02
C GLY B 158 44.18 39.73 -18.70
N GLY B 159 44.14 40.38 -17.53
CA GLY B 159 42.97 41.08 -17.03
C GLY B 159 41.83 40.13 -16.64
N LYS B 160 42.17 38.92 -16.26
CA LYS B 160 41.14 37.99 -15.87
C LYS B 160 41.61 37.23 -14.63
N ILE B 161 40.68 36.64 -13.87
CA ILE B 161 41.10 35.75 -12.77
C ILE B 161 41.17 34.30 -13.26
N THR B 162 42.29 33.65 -13.02
CA THR B 162 42.49 32.26 -13.37
C THR B 162 43.02 31.60 -12.09
N ALA B 163 42.34 30.55 -11.69
CA ALA B 163 42.83 29.76 -10.54
C ALA B 163 43.52 28.50 -10.98
N SER B 164 44.31 27.94 -10.08
N SER B 164 44.33 27.96 -10.06
CA SER B 164 44.87 26.63 -10.28
CA SER B 164 45.03 26.72 -10.23
C SER B 164 45.06 26.01 -8.90
C SER B 164 44.99 26.02 -8.89
N ILE B 165 44.97 24.70 -8.88
CA ILE B 165 45.08 23.93 -7.63
C ILE B 165 46.06 22.82 -7.91
N LYS B 166 47.12 22.83 -7.11
CA LYS B 166 48.17 21.83 -7.18
C LYS B 166 48.01 20.89 -6.00
N TRP B 167 47.62 19.68 -6.35
CA TRP B 167 47.38 18.62 -5.34
C TRP B 167 48.68 17.93 -5.01
N GLY B 168 49.05 17.94 -3.76
CA GLY B 168 50.21 17.22 -3.29
C GLY B 168 49.93 15.74 -3.23
N SER B 169 51.01 14.97 -3.07
CA SER B 169 50.89 13.54 -2.90
C SER B 169 50.36 13.33 -1.48
N PRO B 170 49.47 12.35 -1.31
CA PRO B 170 48.89 12.05 0.01
C PRO B 170 49.94 11.46 0.93
N VAL B 171 49.75 11.79 2.20
CA VAL B 171 50.56 11.29 3.32
C VAL B 171 49.71 10.45 4.24
N SER B 172 50.20 9.28 4.63
CA SER B 172 49.46 8.47 5.61
C SER B 172 49.53 9.05 7.00
N LEU B 173 48.37 9.13 7.68
CA LEU B 173 48.30 9.49 9.06
C LEU B 173 48.15 8.30 9.99
N LYS B 174 48.40 7.11 9.49
CA LYS B 174 48.27 5.91 10.30
C LYS B 174 49.08 5.92 11.57
N GLU B 175 50.25 6.53 11.50
CA GLU B 175 51.10 6.58 12.67
C GLU B 175 50.50 7.29 13.88
N PHE B 176 49.39 8.04 13.67
CA PHE B 176 48.75 8.76 14.71
C PHE B 176 47.55 8.07 15.27
N PHE B 177 47.33 6.84 14.83
CA PHE B 177 46.22 6.00 15.32
C PHE B 177 46.69 5.08 16.43
N PRO B 178 46.20 5.31 17.64
CA PRO B 178 46.62 4.44 18.79
C PRO B 178 45.96 3.11 18.69
N ALA B 179 46.66 2.05 19.10
CA ALA B 179 46.10 0.73 19.12
C ALA B 179 44.96 0.54 20.14
N GLU B 180 44.94 1.38 21.17
CA GLU B 180 43.94 1.33 22.20
C GLU B 180 43.39 2.70 22.48
N MET B 181 42.13 2.71 22.85
CA MET B 181 41.42 3.90 23.29
C MET B 181 40.59 3.50 24.46
N GLU B 182 40.74 4.23 25.54
CA GLU B 182 39.91 4.00 26.72
C GLU B 182 39.52 2.54 26.90
N GLY B 183 40.54 1.70 26.95
CA GLY B 183 40.29 0.29 27.11
C GLY B 183 40.38 -0.35 25.76
N MET B 184 39.28 -0.20 24.93
CA MET B 184 38.99 -0.83 23.62
C MET B 184 40.22 -0.88 22.75
N HIS B 185 40.19 -1.78 21.77
CA HIS B 185 41.24 -1.91 20.79
C HIS B 185 40.74 -1.42 19.45
N THR B 186 41.50 -0.55 18.80
CA THR B 186 41.01 0.10 17.60
C THR B 186 41.23 -0.76 16.36
N ASN B 187 40.40 -0.50 15.34
CA ASN B 187 40.54 -1.17 14.07
C ASN B 187 40.83 -0.19 12.90
N GLN B 188 39.92 0.73 12.59
CA GLN B 188 40.09 1.66 11.45
C GLN B 188 39.42 2.97 11.85
N PHE B 189 39.68 4.04 11.08
CA PHE B 189 38.88 5.25 11.18
C PHE B 189 38.85 5.94 9.84
N LEU B 190 37.84 6.79 9.68
CA LEU B 190 37.64 7.59 8.46
C LEU B 190 37.10 8.94 8.91
N GLY B 191 37.24 9.92 8.05
CA GLY B 191 36.51 11.16 8.24
C GLY B 191 35.02 10.93 8.17
N GLY B 192 34.28 11.95 8.61
CA GLY B 192 32.81 11.88 8.59
C GLY B 192 32.21 12.35 7.28
N ALA B 193 33.03 12.74 6.31
CA ALA B 193 32.68 13.22 4.96
C ALA B 193 32.27 14.66 5.03
N GLY B 194 32.12 15.25 3.86
CA GLY B 194 31.72 16.65 3.80
C GLY B 194 32.82 17.60 4.26
N VAL B 195 32.43 18.65 4.96
CA VAL B 195 33.31 19.75 5.33
C VAL B 195 33.47 19.81 6.87
N ALA B 196 34.74 19.86 7.28
CA ALA B 196 35.15 20.02 8.64
C ALA B 196 35.67 21.46 8.85
N ILE B 197 36.44 21.74 9.91
CA ILE B 197 36.74 23.09 10.27
C ILE B 197 38.14 23.32 10.76
N VAL B 198 38.51 24.62 10.69
CA VAL B 198 39.58 25.15 11.49
C VAL B 198 38.91 25.75 12.73
N ALA B 199 39.32 25.33 13.92
CA ALA B 199 38.78 25.83 15.18
C ALA B 199 39.30 27.26 15.40
N SER B 200 38.68 27.99 16.33
CA SER B 200 39.09 29.38 16.60
C SER B 200 40.58 29.46 16.96
N ASN B 201 41.11 28.46 17.63
CA ASN B 201 42.54 28.47 17.96
C ASN B 201 43.46 28.11 16.83
N GLY B 202 42.94 27.90 15.60
CA GLY B 202 43.80 27.52 14.50
C GLY B 202 43.92 26.01 14.28
N ASN B 203 43.44 25.18 15.20
CA ASN B 203 43.61 23.74 15.05
C ASN B 203 42.80 23.27 13.82
N LEU B 204 43.33 22.31 13.08
CA LEU B 204 42.54 21.58 12.09
C LEU B 204 41.74 20.55 12.89
N VAL B 205 40.41 20.49 12.70
CA VAL B 205 39.57 19.56 13.44
C VAL B 205 38.70 18.74 12.50
N TYR B 206 38.94 17.44 12.51
CA TYR B 206 38.06 16.49 11.80
C TYR B 206 37.30 15.66 12.83
N PRO B 207 35.98 15.63 12.77
CA PRO B 207 35.25 14.63 13.45
C PRO B 207 35.43 13.35 12.63
N VAL B 208 35.76 12.25 13.31
CA VAL B 208 36.00 10.98 12.67
C VAL B 208 35.12 9.87 13.20
N GLN B 209 34.90 8.89 12.34
CA GLN B 209 34.15 7.68 12.70
C GLN B 209 35.23 6.60 12.82
N VAL B 210 35.15 5.84 13.91
CA VAL B 210 36.17 4.86 14.31
C VAL B 210 35.50 3.54 14.60
N THR B 211 36.21 2.45 14.31
CA THR B 211 35.75 1.14 14.69
C THR B 211 36.73 0.51 15.69
N ASN B 212 36.20 -0.34 16.54
CA ASN B 212 37.01 -1.18 17.40
C ASN B 212 36.97 -2.65 16.95
N LYS B 213 37.65 -3.51 17.71
CA LYS B 213 37.75 -4.90 17.37
C LYS B 213 36.48 -5.65 17.60
N LYS B 214 35.50 -5.05 18.29
CA LYS B 214 34.15 -5.61 18.44
C LYS B 214 33.22 -5.18 17.29
N LYS B 215 33.78 -4.37 16.41
CA LYS B 215 33.12 -3.86 15.21
C LYS B 215 32.07 -2.82 15.55
N GLN B 216 32.16 -2.24 16.75
CA GLN B 216 31.30 -1.10 17.12
C GLN B 216 31.84 0.14 16.42
N VAL B 217 30.96 1.06 16.05
N VAL B 217 30.96 1.09 16.15
CA VAL B 217 31.37 2.34 15.48
CA VAL B 217 31.29 2.33 15.44
C VAL B 217 31.10 3.43 16.48
C VAL B 217 31.01 3.50 16.35
N PHE B 218 31.94 4.43 16.44
CA PHE B 218 31.76 5.60 17.32
C PHE B 218 32.47 6.78 16.73
N SER B 219 32.16 7.96 17.27
CA SER B 219 32.77 9.20 16.75
C SER B 219 33.73 9.78 17.74
N LYS B 220 34.79 10.39 17.23
CA LYS B 220 35.84 11.07 17.99
C LYS B 220 36.24 12.40 17.32
N ILE B 221 37.01 13.22 18.01
CA ILE B 221 37.66 14.39 17.44
C ILE B 221 39.12 14.06 17.17
N PHE B 222 39.58 14.37 15.95
CA PHE B 222 40.93 14.07 15.46
C PHE B 222 41.44 15.43 15.00
N TYR B 223 42.48 15.92 15.65
CA TYR B 223 42.86 17.31 15.51
C TYR B 223 44.37 17.53 15.40
N SER B 224 44.74 18.63 14.77
CA SER B 224 46.18 18.95 14.56
C SER B 224 46.43 20.39 14.99
N GLU B 225 47.53 20.60 15.75
CA GLU B 225 47.93 21.92 16.25
C GLU B 225 49.04 22.52 15.41
N ASP B 226 49.47 21.78 14.39
CA ASP B 226 50.68 22.15 13.59
C ASP B 226 50.46 22.07 12.06
N GLU B 227 49.28 22.53 11.63
CA GLU B 227 48.94 22.60 10.23
C GLU B 227 48.82 21.24 9.54
N GLY B 228 48.39 20.25 10.30
CA GLY B 228 48.15 18.96 9.72
C GLY B 228 49.34 18.01 9.68
N LYS B 229 50.48 18.42 10.25
CA LYS B 229 51.64 17.55 10.23
C LYS B 229 51.61 16.43 11.25
N THR B 230 51.11 16.71 12.44
CA THR B 230 50.90 15.69 13.46
C THR B 230 49.46 15.82 13.99
N TRP B 231 48.95 14.69 14.43
CA TRP B 231 47.54 14.53 14.82
C TRP B 231 47.39 13.88 16.18
N LYS B 232 46.29 14.23 16.85
CA LYS B 232 45.92 13.75 18.15
C LYS B 232 44.42 13.41 18.18
N PHE B 233 44.08 12.46 19.02
CA PHE B 233 42.67 12.16 19.28
C PHE B 233 42.25 12.72 20.62
N GLY B 234 41.07 13.32 20.65
CA GLY B 234 40.45 13.61 21.92
C GLY B 234 40.12 12.32 22.67
N LYS B 235 40.24 12.32 24.00
CA LYS B 235 39.95 11.12 24.80
C LYS B 235 38.51 10.64 24.84
N GLY B 236 37.56 11.55 24.67
CA GLY B 236 36.20 11.12 24.75
C GLY B 236 35.63 10.61 23.45
N ARG B 237 34.34 10.28 23.45
CA ARG B 237 33.67 9.77 22.27
C ARG B 237 32.19 9.88 22.37
N SER B 238 31.52 9.70 21.25
CA SER B 238 30.08 9.56 21.22
C SER B 238 29.68 8.19 21.78
N ALA B 239 28.37 7.97 21.86
CA ALA B 239 27.85 6.64 22.02
C ALA B 239 28.23 5.77 20.84
N PHE B 240 28.20 4.47 21.06
CA PHE B 240 28.32 3.55 19.97
C PHE B 240 27.12 3.64 19.05
N GLY B 241 27.40 3.46 17.75
CA GLY B 241 26.37 3.48 16.73
C GLY B 241 26.30 4.86 16.05
N CYS B 242 27.18 5.79 16.47
CA CYS B 242 27.23 7.15 15.86
C CYS B 242 28.31 7.18 14.78
N SER B 243 27.89 7.39 13.54
CA SER B 243 28.82 7.38 12.36
C SER B 243 28.71 8.69 11.62
N GLU B 244 29.54 8.86 10.60
CA GLU B 244 29.49 10.07 9.74
C GLU B 244 29.26 11.36 10.53
N PRO B 245 30.12 11.68 11.50
CA PRO B 245 29.93 12.88 12.28
C PRO B 245 30.30 14.11 11.47
N VAL B 246 29.60 15.20 11.74
CA VAL B 246 29.86 16.48 11.14
C VAL B 246 29.92 17.49 12.25
N ALA B 247 30.89 18.38 12.21
CA ALA B 247 31.12 19.28 13.31
C ALA B 247 31.28 20.74 12.93
N LEU B 248 30.94 21.58 13.88
CA LEU B 248 31.19 23.00 13.81
C LEU B 248 31.59 23.54 15.15
N GLU B 249 31.99 24.82 15.25
CA GLU B 249 32.37 25.37 16.55
C GLU B 249 31.38 26.52 16.83
N TRP B 250 30.79 26.49 18.01
CA TRP B 250 29.76 27.47 18.38
C TRP B 250 30.04 27.92 19.78
N GLU B 251 30.23 29.23 19.95
CA GLU B 251 30.43 29.78 21.31
C GLU B 251 31.46 29.01 22.15
N GLY B 252 32.56 28.71 21.47
CA GLY B 252 33.67 28.07 22.18
C GLY B 252 33.62 26.54 22.29
N LYS B 253 32.56 25.91 21.80
CA LYS B 253 32.43 24.47 21.92
C LYS B 253 32.37 23.85 20.54
N LEU B 254 32.93 22.67 20.40
CA LEU B 254 32.67 21.92 19.21
C LEU B 254 31.28 21.30 19.38
N ILE B 255 30.48 21.34 18.31
CA ILE B 255 29.17 20.70 18.29
C ILE B 255 29.35 19.58 17.27
N ILE B 256 29.20 18.34 17.70
CA ILE B 256 29.39 17.19 16.86
C ILE B 256 28.03 16.54 16.65
N ASN B 257 27.55 16.52 15.39
CA ASN B 257 26.19 16.11 15.00
C ASN B 257 26.35 14.77 14.25
N THR B 258 25.78 13.69 14.80
CA THR B 258 26.07 12.36 14.29
C THR B 258 24.92 11.69 13.60
N ARG B 259 25.28 10.81 12.67
CA ARG B 259 24.33 9.90 12.02
C ARG B 259 24.15 8.72 12.90
N VAL B 260 22.90 8.33 13.13
CA VAL B 260 22.64 7.09 13.88
C VAL B 260 21.69 6.22 13.09
N ASP B 261 22.16 5.16 12.44
CA ASP B 261 21.22 4.42 11.64
C ASP B 261 20.10 3.88 12.54
N TYR B 262 18.87 3.99 12.03
CA TYR B 262 17.65 3.45 12.67
C TYR B 262 17.25 4.14 13.97
N ARG B 263 17.81 5.31 14.25
CA ARG B 263 17.55 6.07 15.45
C ARG B 263 17.66 7.56 15.22
N ARG B 264 17.16 8.36 16.16
CA ARG B 264 17.31 9.79 16.09
C ARG B 264 18.78 10.26 16.21
N ARG B 265 19.14 11.30 15.49
CA ARG B 265 20.50 11.80 15.52
C ARG B 265 20.92 12.30 16.91
N LEU B 266 22.12 11.91 17.39
CA LEU B 266 22.70 12.34 18.64
C LEU B 266 23.69 13.44 18.39
N VAL B 267 23.66 14.48 19.19
CA VAL B 267 24.52 15.63 19.04
C VAL B 267 25.21 15.85 20.36
N TYR B 268 26.49 16.16 20.27
CA TYR B 268 27.36 16.31 21.44
C TYR B 268 28.09 17.65 21.42
N GLU B 269 28.45 18.10 22.61
CA GLU B 269 29.26 19.30 22.76
C GLU B 269 30.59 18.94 23.46
N SER B 270 31.68 19.58 23.04
CA SER B 270 33.00 19.42 23.71
C SER B 270 33.73 20.78 23.66
N SER B 271 34.13 21.24 24.84
CA SER B 271 34.84 22.49 25.00
C SER B 271 36.36 22.30 25.06
N ASP B 272 36.81 21.07 25.10
CA ASP B 272 38.21 20.73 25.30
C ASP B 272 38.77 19.82 24.23
N MET B 273 38.46 20.13 22.98
CA MET B 273 39.04 19.40 21.85
C MET B 273 38.75 17.95 21.91
N GLY B 274 37.52 17.60 22.35
CA GLY B 274 37.14 16.23 22.36
C GLY B 274 37.57 15.37 23.54
N ASN B 275 38.21 15.94 24.54
CA ASN B 275 38.57 15.15 25.71
C ASN B 275 37.33 14.81 26.51
N THR B 276 36.33 15.68 26.52
CA THR B 276 35.11 15.47 27.28
C THR B 276 33.92 15.75 26.37
N TRP B 277 33.01 14.79 26.25
CA TRP B 277 31.83 14.91 25.39
C TRP B 277 30.60 14.90 26.28
N LEU B 278 29.67 15.82 26.00
CA LEU B 278 28.37 15.85 26.72
C LEU B 278 27.31 15.89 25.68
N GLU B 279 26.29 15.04 25.83
CA GLU B 279 25.23 15.06 24.86
C GLU B 279 24.48 16.40 24.98
N ALA B 280 24.15 16.98 23.84
CA ALA B 280 23.50 18.29 23.78
C ALA B 280 22.00 18.18 23.96
N VAL B 281 21.61 17.59 25.09
CA VAL B 281 20.22 17.34 25.36
C VAL B 281 19.36 18.57 25.50
N GLY B 282 19.96 19.69 25.82
CA GLY B 282 19.25 20.94 25.99
C GLY B 282 19.08 21.76 24.77
N THR B 283 19.60 21.30 23.64
CA THR B 283 19.55 22.06 22.41
C THR B 283 19.20 21.28 21.19
N LEU B 284 20.17 20.51 20.64
CA LEU B 284 19.95 19.87 19.35
C LEU B 284 19.92 18.34 19.35
N SER B 285 20.33 17.65 20.41
CA SER B 285 20.32 16.22 20.36
C SER B 285 18.92 15.63 20.34
N ARG B 286 18.74 14.62 19.50
CA ARG B 286 17.50 13.87 19.31
C ARG B 286 16.43 14.68 18.58
N VAL B 287 16.74 15.88 18.12
CA VAL B 287 15.81 16.65 17.33
C VAL B 287 15.49 15.97 16.02
N TRP B 288 16.51 15.61 15.28
CA TRP B 288 16.32 15.21 13.91
C TRP B 288 16.23 13.71 13.73
N GLY B 289 15.10 13.21 13.20
CA GLY B 289 14.95 11.79 12.95
C GLY B 289 15.19 11.46 11.50
N PRO B 290 15.74 10.27 11.26
CA PRO B 290 16.18 9.90 9.91
C PRO B 290 15.07 9.50 8.93
N SER B 291 13.84 9.38 9.40
CA SER B 291 12.70 9.05 8.55
C SER B 291 11.47 9.38 9.41
N PRO B 292 10.29 9.40 8.82
CA PRO B 292 9.08 9.70 9.58
C PRO B 292 8.89 8.91 10.85
N LYS B 293 9.25 7.63 10.90
CA LYS B 293 9.16 6.89 12.11
C LYS B 293 10.52 6.60 12.75
N SER B 294 11.56 7.31 12.32
CA SER B 294 12.92 7.22 12.89
C SER B 294 13.38 5.79 13.04
N ASN B 295 13.18 4.98 11.99
CA ASN B 295 13.49 3.56 11.98
C ASN B 295 14.10 3.05 10.65
N GLN B 296 14.90 3.93 10.07
CA GLN B 296 15.49 3.71 8.77
C GLN B 296 16.92 4.21 8.83
N PRO B 297 17.73 3.91 7.82
CA PRO B 297 19.09 4.43 7.79
C PRO B 297 19.14 5.96 7.86
N GLY B 298 20.23 6.47 8.42
CA GLY B 298 20.51 7.90 8.48
C GLY B 298 21.25 8.40 7.22
N SER B 299 21.92 9.56 7.38
CA SER B 299 22.58 10.21 6.27
C SER B 299 23.71 11.06 6.73
N GLN B 300 24.56 11.39 5.75
CA GLN B 300 25.50 12.45 5.87
C GLN B 300 24.71 13.73 5.90
N SER B 301 25.25 14.75 6.55
CA SER B 301 24.58 16.05 6.73
C SER B 301 25.62 17.18 6.62
N SER B 302 25.19 18.26 6.02
CA SER B 302 25.98 19.47 6.05
C SER B 302 25.61 20.23 7.33
N PHE B 303 26.60 20.74 8.05
CA PHE B 303 26.35 21.37 9.32
C PHE B 303 27.37 22.47 9.50
N THR B 304 26.98 23.73 9.35
CA THR B 304 27.94 24.86 9.34
C THR B 304 27.45 26.00 10.18
N ALA B 305 28.40 26.76 10.70
CA ALA B 305 28.16 27.99 11.41
C ALA B 305 28.59 29.14 10.53
N VAL B 306 27.67 30.09 10.33
CA VAL B 306 27.89 31.21 9.43
C VAL B 306 27.31 32.48 10.02
N THR B 307 27.61 33.64 9.40
CA THR B 307 27.09 34.91 9.84
C THR B 307 26.28 35.51 8.70
N ILE B 308 24.96 35.62 8.90
CA ILE B 308 24.07 36.16 7.93
C ILE B 308 23.45 37.44 8.50
N GLU B 309 23.53 38.53 7.76
CA GLU B 309 22.91 39.81 8.22
C GLU B 309 23.38 40.18 9.65
N GLY B 310 24.65 39.92 9.93
CA GLY B 310 25.20 40.18 11.24
C GLY B 310 24.90 39.19 12.35
N MET B 311 24.16 38.12 12.04
N MET B 311 24.21 38.11 12.03
CA MET B 311 23.79 37.17 13.08
CA MET B 311 23.80 37.19 13.06
C MET B 311 24.45 35.82 12.86
C MET B 311 24.43 35.81 12.86
N ARG B 312 25.09 35.31 13.91
CA ARG B 312 25.64 33.96 13.85
C ARG B 312 24.54 32.96 13.93
N VAL B 313 24.58 31.99 13.03
CA VAL B 313 23.59 30.93 12.96
C VAL B 313 24.18 29.66 12.41
N MET B 314 23.45 28.56 12.55
CA MET B 314 23.86 27.29 12.02
C MET B 314 22.88 26.86 10.93
N LEU B 315 23.37 26.17 9.91
CA LEU B 315 22.63 25.60 8.82
C LEU B 315 22.86 24.11 8.84
N PHE B 316 21.79 23.33 8.73
CA PHE B 316 21.82 21.89 8.78
C PHE B 316 20.95 21.28 7.72
N THR B 317 21.46 20.29 7.00
CA THR B 317 20.68 19.53 6.00
C THR B 317 20.60 18.05 6.33
N HIS B 318 19.40 17.49 6.02
CA HIS B 318 19.20 16.04 6.09
C HIS B 318 18.00 15.67 5.26
N PRO B 319 18.08 14.52 4.58
CA PRO B 319 16.86 14.04 3.90
C PRO B 319 15.75 13.65 4.89
N LEU B 320 14.51 13.82 4.48
CA LEU B 320 13.41 13.30 5.29
C LEU B 320 13.17 11.80 5.13
N ASN B 321 13.52 11.24 3.97
CA ASN B 321 13.50 9.78 3.73
C ASN B 321 12.10 9.16 3.98
N PHE B 322 11.12 9.73 3.31
CA PHE B 322 9.76 9.22 3.36
C PHE B 322 9.76 7.82 2.70
N LYS B 323 10.59 7.62 1.67
CA LYS B 323 10.60 6.32 0.97
C LYS B 323 11.20 5.22 1.78
N GLY B 324 12.14 5.53 2.67
CA GLY B 324 12.83 4.52 3.47
C GLY B 324 14.02 3.84 2.84
N ARG B 325 14.62 2.96 3.62
CA ARG B 325 15.89 2.36 3.27
C ARG B 325 16.88 3.49 3.01
N TRP B 326 17.71 3.38 2.01
CA TRP B 326 18.75 4.40 1.74
C TRP B 326 18.33 5.37 0.64
N LEU B 327 17.06 5.33 0.19
CA LEU B 327 16.62 6.17 -0.89
C LEU B 327 16.76 7.68 -0.50
N ARG B 328 16.29 8.02 0.69
CA ARG B 328 16.59 9.30 1.30
C ARG B 328 16.25 10.44 0.40
N ASP B 329 14.97 10.42 0.04
CA ASP B 329 14.33 11.51 -0.64
C ASP B 329 14.12 12.74 0.31
N ARG B 330 13.85 13.85 -0.32
CA ARG B 330 13.40 15.09 0.28
C ARG B 330 14.42 15.74 1.22
N LEU B 331 15.50 16.17 0.61
CA LEU B 331 16.56 16.89 1.28
C LEU B 331 16.01 18.17 1.89
N ASN B 332 16.15 18.32 3.19
N ASN B 332 16.12 18.32 3.20
CA ASN B 332 15.60 19.47 3.85
CA ASN B 332 15.57 19.50 3.84
C ASN B 332 16.70 20.34 4.48
C ASN B 332 16.67 20.33 4.57
N LEU B 333 16.48 21.65 4.55
CA LEU B 333 17.37 22.61 5.15
C LEU B 333 16.74 23.23 6.42
N TRP B 334 17.56 23.33 7.47
CA TRP B 334 17.22 23.85 8.78
C TRP B 334 18.15 24.98 9.20
N LEU B 335 17.56 25.97 9.89
CA LEU B 335 18.22 27.15 10.43
C LEU B 335 18.08 27.15 11.92
N THR B 336 19.19 27.28 12.65
CA THR B 336 19.11 27.35 14.11
C THR B 336 20.11 28.33 14.70
N ASP B 337 19.69 29.06 15.76
CA ASP B 337 20.59 29.87 16.55
C ASP B 337 20.93 29.19 17.88
N ASN B 338 20.80 27.87 17.93
CA ASN B 338 21.05 27.03 19.11
C ASN B 338 19.93 27.18 20.12
N GLN B 339 18.84 27.87 19.74
CA GLN B 339 17.66 28.04 20.61
C GLN B 339 16.41 27.62 19.84
N ARG B 340 16.16 28.38 18.80
CA ARG B 340 15.07 28.14 17.87
C ARG B 340 15.56 27.31 16.70
N ILE B 341 14.65 26.52 16.11
CA ILE B 341 14.99 25.61 15.04
C ILE B 341 13.89 25.71 13.97
N TYR B 342 14.26 26.26 12.84
CA TYR B 342 13.33 26.63 11.76
C TYR B 342 13.52 25.72 10.55
N ASN B 343 12.43 25.20 9.99
CA ASN B 343 12.47 24.39 8.79
C ASN B 343 12.43 25.33 7.59
N VAL B 344 13.56 25.53 6.91
CA VAL B 344 13.59 26.41 5.75
C VAL B 344 12.83 25.75 4.59
N GLY B 345 12.94 24.43 4.52
CA GLY B 345 12.17 23.66 3.57
C GLY B 345 12.97 22.67 2.74
N GLN B 346 12.36 22.25 1.66
CA GLN B 346 12.87 21.15 0.88
C GLN B 346 13.73 21.71 -0.22
N VAL B 347 15.01 21.35 -0.24
CA VAL B 347 15.96 21.84 -1.22
C VAL B 347 15.88 21.03 -2.51
N SER B 348 15.68 19.72 -2.36
CA SER B 348 15.56 18.87 -3.54
C SER B 348 14.19 19.10 -4.22
N ILE B 349 14.04 18.49 -5.39
CA ILE B 349 12.87 18.69 -6.23
C ILE B 349 11.97 17.51 -6.20
N GLY B 350 10.73 17.78 -5.79
CA GLY B 350 9.71 16.75 -5.78
C GLY B 350 10.09 15.55 -4.96
N ASP B 351 9.84 14.34 -5.46
CA ASP B 351 10.11 13.15 -4.68
C ASP B 351 11.45 12.49 -5.07
N GLU B 352 12.35 13.27 -5.62
CA GLU B 352 13.63 12.71 -6.06
C GLU B 352 14.42 12.21 -4.88
N ASN B 353 15.22 11.20 -5.09
CA ASN B 353 16.08 10.68 -4.03
C ASN B 353 17.28 11.63 -3.96
N SER B 354 17.68 12.10 -2.78
CA SER B 354 18.66 13.18 -2.66
C SER B 354 19.25 13.14 -1.26
N ALA B 355 20.18 12.23 -1.02
CA ALA B 355 20.68 11.99 0.34
C ALA B 355 21.73 12.97 0.86
N TYR B 356 22.93 12.95 0.25
N TYR B 356 22.90 12.99 0.22
CA TYR B 356 24.09 13.73 0.76
CA TYR B 356 24.07 13.73 0.73
C TYR B 356 24.16 15.13 0.14
C TYR B 356 24.19 15.13 0.13
N SER B 357 24.71 16.08 0.92
CA SER B 357 24.66 17.46 0.56
C SER B 357 25.71 18.34 1.21
N SER B 358 25.94 19.51 0.64
CA SER B 358 26.89 20.45 1.18
C SER B 358 26.42 21.85 0.90
N VAL B 359 26.23 22.65 1.93
CA VAL B 359 25.75 24.01 1.81
C VAL B 359 26.88 24.99 2.02
N LEU B 360 27.01 25.94 1.07
CA LEU B 360 28.03 26.97 1.14
C LEU B 360 27.37 28.33 1.12
N TYR B 361 27.75 29.20 2.03
CA TYR B 361 27.33 30.60 2.07
C TYR B 361 28.58 31.43 1.71
N LYS B 362 28.50 32.12 0.58
CA LYS B 362 29.62 32.87 0.02
C LYS B 362 29.16 34.19 -0.57
N ASP B 363 29.78 35.27 -0.11
CA ASP B 363 29.45 36.62 -0.59
C ASP B 363 27.96 36.87 -0.62
N ASP B 364 27.36 36.54 0.51
CA ASP B 364 25.89 36.69 0.72
C ASP B 364 25.00 35.98 -0.34
N LYS B 365 25.46 34.83 -0.82
CA LYS B 365 24.71 33.97 -1.69
C LYS B 365 24.81 32.58 -1.13
N LEU B 366 23.72 31.84 -1.22
CA LEU B 366 23.64 30.48 -0.66
C LEU B 366 23.59 29.45 -1.79
N TYR B 367 24.37 28.37 -1.65
CA TYR B 367 24.53 27.34 -2.63
C TYR B 367 24.50 25.98 -1.98
N CYS B 368 24.10 24.99 -2.76
CA CYS B 368 24.12 23.63 -2.27
C CYS B 368 24.52 22.70 -3.40
N LEU B 369 25.49 21.84 -3.10
CA LEU B 369 25.89 20.76 -3.95
C LEU B 369 25.30 19.50 -3.35
N HIS B 370 24.42 18.77 -4.05
CA HIS B 370 23.80 17.60 -3.45
C HIS B 370 23.49 16.47 -4.45
N GLU B 371 23.33 15.28 -3.94
CA GLU B 371 23.03 14.11 -4.73
C GLU B 371 21.63 14.06 -5.26
N ILE B 372 21.50 13.49 -6.44
CA ILE B 372 20.24 13.04 -6.96
C ILE B 372 20.51 11.62 -7.42
N ASN B 373 19.61 10.72 -7.11
CA ASN B 373 19.80 9.29 -7.35
C ASN B 373 18.58 8.71 -8.03
N SER B 374 18.81 8.22 -9.25
CA SER B 374 17.81 7.44 -9.96
C SER B 374 18.41 6.10 -10.32
N ASN B 375 17.79 5.04 -9.81
N ASN B 375 17.77 5.05 -9.85
CA ASN B 375 18.19 3.66 -10.09
CA ASN B 375 18.18 3.66 -10.09
C ASN B 375 19.63 3.36 -9.67
C ASN B 375 19.63 3.36 -9.67
N GLU B 376 20.04 3.96 -8.56
CA GLU B 376 21.38 3.81 -8.04
C GLU B 376 22.43 4.34 -8.97
N VAL B 377 22.08 5.39 -9.72
CA VAL B 377 23.07 6.12 -10.49
C VAL B 377 22.95 7.53 -9.94
N TYR B 378 24.08 8.11 -9.57
CA TYR B 378 24.06 9.38 -8.85
C TYR B 378 24.77 10.50 -9.55
N SER B 379 24.11 11.67 -9.62
CA SER B 379 24.71 12.90 -10.03
C SER B 379 24.77 13.87 -8.86
N LEU B 380 25.58 14.91 -8.99
CA LEU B 380 25.57 16.04 -8.03
C LEU B 380 25.08 17.25 -8.74
N VAL B 381 24.05 17.87 -8.18
CA VAL B 381 23.53 19.11 -8.72
C VAL B 381 24.11 20.24 -7.90
N PHE B 382 24.30 21.37 -8.56
CA PHE B 382 24.80 22.60 -7.94
C PHE B 382 23.66 23.62 -7.99
N ALA B 383 23.12 23.93 -6.81
CA ALA B 383 21.91 24.75 -6.68
C ALA B 383 22.20 26.07 -6.08
N ARG B 384 21.52 27.07 -6.67
CA ARG B 384 21.59 28.44 -6.22
C ARG B 384 20.31 28.64 -5.36
N LEU B 385 20.51 28.70 -4.05
CA LEU B 385 19.41 28.66 -3.08
C LEU B 385 18.94 30.06 -2.80
N VAL B 386 18.32 30.66 -3.84
CA VAL B 386 17.84 32.03 -3.76
C VAL B 386 16.58 32.15 -2.87
N GLY B 387 15.57 31.32 -3.12
CA GLY B 387 14.37 31.29 -2.32
C GLY B 387 14.69 31.03 -0.86
N GLU B 388 15.54 30.07 -0.65
CA GLU B 388 15.89 29.71 0.74
C GLU B 388 16.57 30.80 1.52
N LEU B 389 17.47 31.54 0.89
CA LEU B 389 18.17 32.61 1.58
C LEU B 389 17.18 33.72 1.91
N ARG B 390 16.25 33.99 0.98
CA ARG B 390 15.16 34.98 1.25
C ARG B 390 14.35 34.63 2.52
N ILE B 391 13.95 33.36 2.64
CA ILE B 391 13.24 32.84 3.82
C ILE B 391 14.12 32.97 5.06
N ILE B 392 15.38 32.55 4.96
CA ILE B 392 16.28 32.63 6.10
C ILE B 392 16.45 34.05 6.61
N LYS B 393 16.62 35.00 5.68
CA LYS B 393 16.77 36.39 6.12
C LYS B 393 15.49 36.91 6.77
N SER B 394 14.34 36.50 6.26
CA SER B 394 13.02 36.91 6.84
C SER B 394 12.92 36.44 8.28
N VAL B 395 13.24 35.15 8.49
CA VAL B 395 13.14 34.59 9.82
C VAL B 395 14.14 35.24 10.78
N LEU B 396 15.38 35.44 10.33
CA LEU B 396 16.36 36.07 11.13
C LEU B 396 15.96 37.48 11.52
N GLN B 397 15.30 38.21 10.61
CA GLN B 397 14.77 39.54 10.93
C GLN B 397 13.73 39.41 12.06
N SER B 398 12.87 38.43 12.01
CA SER B 398 11.92 38.21 13.08
C SER B 398 12.58 37.91 14.42
N TRP B 399 13.55 37.00 14.44
CA TRP B 399 14.28 36.69 15.66
C TRP B 399 14.94 37.96 16.24
N LYS B 400 15.60 38.72 15.39
CA LYS B 400 16.27 39.93 15.82
C LYS B 400 15.25 40.94 16.36
N ASN B 401 14.15 41.06 15.65
CA ASN B 401 13.12 42.03 16.03
C ASN B 401 12.50 41.71 17.41
N TRP B 402 12.10 40.47 17.61
CA TRP B 402 11.44 40.09 18.88
C TRP B 402 12.43 40.08 20.02
N ASP B 403 13.68 39.65 19.79
CA ASP B 403 14.66 39.72 20.86
C ASP B 403 14.95 41.17 21.28
N SER B 404 15.01 42.05 20.27
CA SER B 404 15.23 43.47 20.52
C SER B 404 14.02 44.07 21.24
N HIS B 405 12.82 43.71 20.83
CA HIS B 405 11.58 44.17 21.51
C HIS B 405 11.64 43.87 23.00
N LEU B 406 11.95 42.62 23.34
CA LEU B 406 11.95 42.21 24.75
C LEU B 406 13.12 42.84 25.53
N SER B 407 14.31 42.83 24.95
CA SER B 407 15.51 43.37 25.55
C SER B 407 15.46 44.87 25.79
N SER B 408 14.69 45.58 24.97
CA SER B 408 14.60 47.04 25.02
C SER B 408 13.63 47.54 26.10
N ILE B 409 12.75 46.65 26.56
CA ILE B 409 11.81 47.02 27.61
C ILE B 409 12.48 47.51 28.87
N CYS B 410 12.04 48.71 29.30
CA CYS B 410 12.51 49.25 30.55
C CYS B 410 11.65 48.61 31.66
N THR B 411 12.21 47.62 32.36
CA THR B 411 11.42 46.94 33.33
C THR B 411 11.33 47.77 34.65
N PRO B 412 10.29 47.53 35.43
CA PRO B 412 10.08 48.26 36.68
C PRO B 412 11.20 48.22 37.69
N ALA B 413 11.70 49.41 38.05
CA ALA B 413 12.85 49.47 38.92
C ALA B 413 12.69 48.48 40.06
N GLY B 423 15.56 53.81 37.94
CA GLY B 423 15.54 53.92 36.49
C GLY B 423 14.81 52.75 35.82
N CYS B 424 15.57 51.81 35.29
CA CYS B 424 14.98 50.60 34.69
C CYS B 424 15.58 49.43 35.47
N GLY B 425 14.81 48.36 35.64
CA GLY B 425 15.33 47.19 36.34
C GLY B 425 16.07 46.29 35.39
N PRO B 426 16.31 45.06 35.81
CA PRO B 426 17.07 44.14 34.96
C PRO B 426 16.25 43.91 33.68
N ALA B 427 16.96 43.61 32.61
CA ALA B 427 16.34 43.38 31.31
C ALA B 427 15.62 42.05 31.29
N VAL B 428 14.48 42.00 30.61
CA VAL B 428 13.82 40.72 30.32
C VAL B 428 14.88 39.85 29.60
N THR B 429 15.01 38.60 30.04
CA THR B 429 15.97 37.74 29.41
C THR B 429 15.47 37.05 28.13
N THR B 430 16.26 37.17 27.06
CA THR B 430 16.06 36.38 25.84
C THR B 430 16.99 35.18 25.66
N VAL B 431 17.84 34.93 26.65
CA VAL B 431 18.79 33.81 26.62
C VAL B 431 18.06 32.49 26.85
N GLY B 432 18.02 31.64 25.81
CA GLY B 432 17.30 30.40 25.84
C GLY B 432 15.82 30.54 25.52
N LEU B 433 15.41 31.72 25.09
CA LEU B 433 14.01 31.96 24.68
C LEU B 433 13.74 31.28 23.34
N VAL B 434 12.94 30.20 23.37
CA VAL B 434 12.68 29.43 22.17
C VAL B 434 11.40 29.75 21.43
N GLY B 435 10.32 30.01 22.17
CA GLY B 435 8.99 30.14 21.61
C GLY B 435 8.22 31.25 22.33
N PHE B 436 7.32 31.96 21.62
CA PHE B 436 6.54 33.04 22.24
C PHE B 436 5.20 33.12 21.55
N LEU B 437 4.12 32.92 22.31
CA LEU B 437 2.78 33.04 21.77
C LEU B 437 2.19 34.27 22.39
N SER B 438 1.81 35.20 21.51
CA SER B 438 1.35 36.50 21.96
C SER B 438 0.17 36.95 21.10
N HIS B 439 0.23 38.15 20.51
CA HIS B 439 -0.90 38.65 19.77
C HIS B 439 -1.32 37.92 18.50
N SER B 440 -0.35 37.46 17.69
CA SER B 440 -0.73 36.89 16.39
C SER B 440 -1.35 35.53 16.53
N ALA B 441 -2.49 35.33 15.87
CA ALA B 441 -3.17 34.06 15.85
C ALA B 441 -4.11 34.06 14.66
N THR B 442 -4.46 32.86 14.22
CA THR B 442 -5.49 32.62 13.21
C THR B 442 -6.63 31.82 13.82
N LYS B 443 -7.59 31.40 13.00
CA LYS B 443 -8.76 30.73 13.54
C LYS B 443 -8.42 29.47 14.32
N THR B 444 -7.39 28.72 13.92
CA THR B 444 -7.09 27.52 14.72
C THR B 444 -5.63 27.33 15.11
N GLU B 445 -4.86 28.41 15.05
CA GLU B 445 -3.46 28.39 15.49
C GLU B 445 -3.10 29.66 16.28
N TRP B 446 -2.23 29.50 17.27
CA TRP B 446 -1.63 30.59 18.01
C TRP B 446 -0.18 30.62 17.48
N GLU B 447 0.19 31.73 16.91
CA GLU B 447 1.49 31.77 16.14
C GLU B 447 2.68 32.06 17.02
N ASP B 448 3.73 31.28 16.78
CA ASP B 448 5.01 31.52 17.41
C ASP B 448 5.60 32.79 16.81
N ALA B 449 5.93 33.72 17.68
CA ALA B 449 6.61 34.96 17.24
C ALA B 449 7.93 34.62 16.59
N TYR B 450 8.49 33.49 17.01
CA TYR B 450 9.81 33.04 16.43
C TYR B 450 9.64 32.15 15.25
N ARG B 451 8.39 31.91 14.82
CA ARG B 451 8.05 31.29 13.54
C ARG B 451 8.45 29.83 13.37
N CYS B 452 8.68 29.12 14.45
CA CYS B 452 9.12 27.75 14.36
C CYS B 452 8.03 26.72 14.62
N VAL B 453 7.28 26.93 15.72
CA VAL B 453 6.29 25.94 16.14
C VAL B 453 5.04 26.66 16.66
N ASN B 454 3.94 26.55 15.92
CA ASN B 454 2.68 27.16 16.37
C ASN B 454 1.98 26.21 17.29
N ALA B 455 1.00 26.72 18.09
CA ALA B 455 0.15 25.89 18.88
C ALA B 455 -1.20 25.77 18.14
N SER B 456 -1.80 24.61 18.18
CA SER B 456 -3.12 24.42 17.64
C SER B 456 -4.14 24.81 18.71
N THR B 457 -5.26 25.37 18.27
CA THR B 457 -6.26 25.87 19.22
C THR B 457 -7.64 25.35 18.95
N ALA B 458 -8.42 25.34 20.04
CA ALA B 458 -9.87 25.12 19.94
C ALA B 458 -10.64 26.08 20.86
N ASN B 459 -11.83 26.49 20.36
CA ASN B 459 -12.67 27.41 21.12
C ASN B 459 -11.98 28.67 21.59
N ALA B 460 -11.13 29.24 20.75
CA ALA B 460 -10.37 30.38 21.17
C ALA B 460 -10.86 31.65 20.52
N GLU B 461 -11.00 32.68 21.33
CA GLU B 461 -11.41 33.99 20.88
C GLU B 461 -10.17 34.90 21.01
N ARG B 462 -9.79 35.58 19.93
CA ARG B 462 -8.68 36.50 20.00
C ARG B 462 -8.92 37.71 20.92
N VAL B 463 -7.97 37.99 21.81
CA VAL B 463 -7.92 39.16 22.67
C VAL B 463 -6.49 39.74 22.57
N PRO B 464 -6.26 40.95 23.01
CA PRO B 464 -4.92 41.52 22.92
C PRO B 464 -3.84 40.59 23.52
N ASN B 465 -2.80 40.30 22.73
CA ASN B 465 -1.69 39.52 23.18
C ASN B 465 -2.02 38.13 23.64
N GLY B 466 -3.12 37.59 23.17
CA GLY B 466 -3.42 36.19 23.45
C GLY B 466 -4.78 35.71 23.05
N LEU B 467 -5.29 34.77 23.82
CA LEU B 467 -6.53 34.08 23.49
C LEU B 467 -7.39 33.82 24.73
N LYS B 468 -8.72 33.80 24.52
CA LYS B 468 -9.67 33.57 25.59
C LYS B 468 -10.40 32.26 25.21
N PHE B 469 -10.39 31.30 26.10
CA PHE B 469 -10.87 29.98 25.81
C PHE B 469 -12.11 29.68 26.69
N ALA B 470 -12.91 28.73 26.21
CA ALA B 470 -14.06 28.29 26.95
C ALA B 470 -14.55 26.95 26.39
N GLY B 471 -15.22 26.19 27.23
CA GLY B 471 -15.90 25.00 26.75
C GLY B 471 -15.08 23.74 26.82
N VAL B 472 -15.77 22.62 26.99
CA VAL B 472 -15.14 21.32 26.90
C VAL B 472 -14.49 21.19 25.51
N GLY B 473 -13.22 20.82 25.53
CA GLY B 473 -12.47 20.74 24.28
C GLY B 473 -11.58 21.94 24.02
N GLY B 474 -11.81 23.00 24.79
CA GLY B 474 -11.07 24.24 24.59
C GLY B 474 -9.60 24.17 25.01
N GLY B 475 -8.84 25.10 24.45
CA GLY B 475 -7.42 25.23 24.83
C GLY B 475 -6.50 25.32 23.66
N ALA B 476 -5.21 25.28 23.97
CA ALA B 476 -4.18 25.30 22.94
C ALA B 476 -3.20 24.20 23.22
N LEU B 477 -2.68 23.62 22.16
CA LEU B 477 -1.74 22.52 22.29
C LEU B 477 -0.45 22.88 21.54
N TRP B 478 0.64 22.89 22.26
CA TRP B 478 1.95 23.28 21.69
C TRP B 478 2.76 21.97 21.66
N PRO B 479 2.87 21.38 20.49
CA PRO B 479 3.40 20.02 20.38
C PRO B 479 4.86 19.88 20.74
N VAL B 480 5.17 18.77 21.41
CA VAL B 480 6.57 18.44 21.79
C VAL B 480 6.84 17.14 20.99
N SER B 481 6.66 15.94 21.55
CA SER B 481 6.85 14.77 20.71
C SER B 481 5.93 14.74 19.53
N GLN B 482 4.76 15.36 19.69
CA GLN B 482 3.76 15.39 18.61
C GLN B 482 4.26 16.13 17.38
N GLN B 483 5.44 16.76 17.46
CA GLN B 483 6.03 17.38 16.26
C GLN B 483 6.39 16.33 15.21
N GLY B 484 6.59 15.10 15.66
CA GLY B 484 6.81 13.96 14.76
C GLY B 484 8.27 13.66 14.48
N GLN B 485 8.63 13.73 13.21
CA GLN B 485 9.98 13.27 12.81
C GLN B 485 11.03 14.15 13.41
N ASN B 486 10.79 15.46 13.37
CA ASN B 486 11.73 16.47 13.79
C ASN B 486 11.14 17.18 15.01
N GLN B 487 11.79 16.95 16.13
CA GLN B 487 11.28 17.32 17.46
C GLN B 487 12.10 18.46 18.03
N ARG B 488 11.75 19.66 17.63
CA ARG B 488 12.46 20.88 18.04
C ARG B 488 12.44 21.17 19.51
N TYR B 489 11.45 20.67 20.23
CA TYR B 489 11.36 20.94 21.66
C TYR B 489 11.74 19.75 22.52
N HIS B 490 12.63 18.90 22.04
CA HIS B 490 13.07 17.72 22.79
C HIS B 490 14.00 18.03 23.97
N PHE B 491 14.23 19.31 24.15
CA PHE B 491 15.05 19.84 25.21
C PHE B 491 14.21 19.90 26.46
N ALA B 492 12.90 20.04 26.30
CA ALA B 492 11.98 20.15 27.46
C ALA B 492 12.00 18.93 28.37
N ASN B 493 12.32 17.77 27.82
CA ASN B 493 12.48 16.58 28.60
C ASN B 493 13.61 16.66 29.59
N HIS B 494 14.48 17.63 29.40
CA HIS B 494 15.63 17.82 30.29
C HIS B 494 15.54 19.06 31.14
N ALA B 495 15.10 20.15 30.54
CA ALA B 495 14.87 21.36 31.30
C ALA B 495 14.03 22.35 30.51
N PHE B 496 13.15 23.08 31.21
CA PHE B 496 12.40 24.13 30.52
C PHE B 496 11.86 25.10 31.52
N THR B 497 11.47 26.26 31.04
CA THR B 497 10.62 27.18 31.79
C THR B 497 9.47 27.56 30.88
N LEU B 498 8.24 27.47 31.39
CA LEU B 498 7.06 27.83 30.60
C LEU B 498 6.34 28.92 31.42
N VAL B 499 6.07 30.03 30.80
CA VAL B 499 5.56 31.22 31.48
C VAL B 499 4.31 31.70 30.78
N ALA B 500 3.29 32.18 31.55
CA ALA B 500 2.14 32.77 30.87
C ALA B 500 1.46 33.69 31.87
N SER B 501 0.60 34.58 31.38
CA SER B 501 -0.28 35.38 32.24
C SER B 501 -1.67 34.80 32.02
N VAL B 502 -2.36 34.54 33.12
CA VAL B 502 -3.70 33.89 33.07
C VAL B 502 -4.75 34.65 33.85
N THR B 503 -5.97 34.59 33.33
CA THR B 503 -7.10 35.22 34.05
C THR B 503 -8.22 34.18 34.04
N ILE B 504 -8.83 33.94 35.20
CA ILE B 504 -9.87 32.95 35.30
C ILE B 504 -11.21 33.70 35.30
N HIS B 505 -12.14 33.31 34.44
CA HIS B 505 -13.42 34.03 34.26
C HIS B 505 -14.61 33.29 34.86
N GLU B 506 -14.40 32.10 35.34
CA GLU B 506 -15.50 31.37 35.96
C GLU B 506 -14.98 30.33 36.93
N VAL B 507 -15.66 30.24 38.08
CA VAL B 507 -15.27 29.27 39.10
C VAL B 507 -15.63 27.95 38.55
N PRO B 508 -14.70 27.02 38.54
CA PRO B 508 -15.00 25.73 37.93
C PRO B 508 -15.81 24.81 38.84
N LYS B 509 -16.41 23.78 38.23
CA LYS B 509 -17.17 22.74 38.94
C LYS B 509 -16.24 21.74 39.63
N GLY B 510 -15.01 21.62 39.11
CA GLY B 510 -13.98 20.75 39.68
C GLY B 510 -12.60 21.24 39.16
N ALA B 511 -11.51 20.56 39.53
CA ALA B 511 -10.17 21.02 39.13
C ALA B 511 -10.08 21.09 37.57
N SER B 512 -9.52 22.19 37.06
CA SER B 512 -9.50 22.49 35.65
C SER B 512 -8.13 23.00 35.33
N PRO B 513 -7.65 22.63 34.15
CA PRO B 513 -6.29 23.01 33.77
C PRO B 513 -6.09 24.41 33.33
N LEU B 514 -4.88 24.92 33.57
CA LEU B 514 -4.42 26.21 33.06
C LEU B 514 -3.19 26.07 32.16
N LEU B 515 -2.23 25.23 32.56
CA LEU B 515 -0.93 25.22 31.88
C LEU B 515 -0.18 23.97 32.31
N GLY B 516 0.53 23.34 31.40
CA GLY B 516 1.29 22.18 31.84
C GLY B 516 2.01 21.52 30.67
N ALA B 517 2.82 20.53 31.06
CA ALA B 517 3.50 19.62 30.15
C ALA B 517 2.95 18.22 30.37
N SER B 518 2.38 17.69 29.32
CA SER B 518 1.73 16.39 29.35
C SER B 518 2.61 15.29 28.78
N LEU B 519 2.57 14.16 29.46
CA LEU B 519 3.29 12.96 29.02
C LEU B 519 2.50 12.06 28.13
N ASP B 520 1.19 12.22 28.08
CA ASP B 520 0.37 11.43 27.14
C ASP B 520 -0.48 12.29 26.24
N SER B 521 -1.22 11.67 25.33
CA SER B 521 -1.92 12.47 24.36
C SER B 521 -3.08 13.26 25.02
N SER B 522 -3.69 12.75 26.09
CA SER B 522 -4.86 13.44 26.64
C SER B 522 -4.57 14.60 27.58
N GLY B 523 -3.45 14.55 28.27
CA GLY B 523 -3.16 15.46 29.34
C GLY B 523 -3.41 14.87 30.73
N GLY B 524 -3.87 13.61 30.77
CA GLY B 524 -4.12 12.87 32.02
C GLY B 524 -2.87 12.53 32.81
N LYS B 525 -1.76 12.27 32.10
CA LYS B 525 -0.52 11.97 32.80
C LYS B 525 0.36 13.18 32.58
N LYS B 526 0.68 13.87 33.65
CA LYS B 526 1.38 15.14 33.57
C LYS B 526 2.79 15.01 34.09
N LEU B 527 3.68 15.75 33.49
CA LEU B 527 5.00 15.95 34.09
C LEU B 527 4.96 17.04 35.11
N LEU B 528 4.34 18.18 34.72
CA LEU B 528 4.30 19.33 35.61
C LEU B 528 3.18 20.21 35.07
N GLY B 529 2.32 20.66 35.97
CA GLY B 529 1.27 21.56 35.55
C GLY B 529 0.62 22.33 36.68
N LEU B 530 -0.26 23.24 36.26
CA LEU B 530 -1.04 24.07 37.15
C LEU B 530 -2.50 23.97 36.78
N SER B 531 -3.30 23.63 37.79
CA SER B 531 -4.77 23.60 37.65
C SER B 531 -5.33 24.54 38.72
N TYR B 532 -6.64 24.74 38.68
CA TYR B 532 -7.34 25.61 39.66
C TYR B 532 -8.68 24.93 39.99
N ASP B 533 -9.20 25.18 41.20
CA ASP B 533 -10.36 24.40 41.67
C ASP B 533 -11.53 25.24 42.18
N LYS B 534 -12.57 24.52 42.54
CA LYS B 534 -13.83 25.13 42.90
C LYS B 534 -13.75 25.90 44.22
N ARG B 535 -12.75 25.61 45.05
CA ARG B 535 -12.57 26.31 46.35
C ARG B 535 -11.59 27.47 46.22
N HIS B 536 -11.40 27.93 45.00
CA HIS B 536 -10.55 29.06 44.78
C HIS B 536 -9.11 28.81 45.19
N GLN B 537 -8.67 27.56 45.07
CA GLN B 537 -7.28 27.23 45.31
C GLN B 537 -6.54 26.84 44.04
N TRP B 538 -5.21 26.93 44.11
CA TRP B 538 -4.35 26.44 43.03
C TRP B 538 -4.07 24.95 43.25
N GLN B 539 -3.95 24.19 42.16
CA GLN B 539 -3.61 22.78 42.24
C GLN B 539 -2.38 22.56 41.37
N PRO B 540 -1.20 22.79 41.93
CA PRO B 540 0.03 22.46 41.20
C PRO B 540 0.16 20.94 41.14
N ILE B 541 0.59 20.41 40.00
CA ILE B 541 0.72 18.97 39.79
C ILE B 541 2.14 18.64 39.51
N TYR B 542 2.69 17.83 40.41
CA TYR B 542 4.08 17.39 40.28
C TYR B 542 4.17 15.90 39.89
N GLY B 543 4.42 15.64 38.62
CA GLY B 543 4.43 14.29 38.09
C GLY B 543 3.16 13.54 38.47
N SER B 544 3.33 12.35 39.06
CA SER B 544 2.20 11.53 39.52
C SER B 544 1.97 11.65 41.04
N THR B 545 2.65 12.60 41.67
CA THR B 545 2.47 12.84 43.11
C THR B 545 1.06 13.29 43.43
N PRO B 546 0.50 12.84 44.56
CA PRO B 546 -0.88 13.27 44.88
C PRO B 546 -0.92 14.77 44.98
N VAL B 547 -2.00 15.39 44.51
CA VAL B 547 -2.09 16.84 44.46
C VAL B 547 -2.51 17.46 45.79
N THR B 548 -1.80 18.48 46.23
CA THR B 548 -2.19 19.22 47.42
C THR B 548 -2.60 20.63 47.00
N PRO B 549 -3.89 20.97 47.08
CA PRO B 549 -4.32 22.35 46.80
C PRO B 549 -3.67 23.34 47.70
N THR B 550 -3.40 24.54 47.18
CA THR B 550 -2.71 25.54 47.98
C THR B 550 -2.97 26.95 47.51
N GLY B 551 -2.74 27.95 48.36
CA GLY B 551 -2.94 29.33 47.96
C GLY B 551 -4.37 29.70 47.66
N SER B 552 -4.55 30.82 46.98
CA SER B 552 -5.85 31.37 46.80
C SER B 552 -5.80 32.26 45.60
N TRP B 553 -6.85 32.24 44.80
CA TRP B 553 -6.98 33.15 43.66
C TRP B 553 -8.41 33.73 43.53
N GLU B 554 -8.45 34.84 42.82
CA GLU B 554 -9.63 35.62 42.59
C GLU B 554 -10.01 35.62 41.12
N MET B 555 -11.30 35.57 40.82
CA MET B 555 -11.77 35.67 39.46
C MET B 555 -11.49 37.06 38.89
N GLY B 556 -11.12 37.08 37.61
CA GLY B 556 -10.85 38.33 36.91
C GLY B 556 -9.50 39.00 37.08
N LYS B 557 -8.68 38.53 38.02
CA LYS B 557 -7.39 39.08 38.30
C LYS B 557 -6.38 38.33 37.38
N ARG B 558 -5.46 39.06 36.81
CA ARG B 558 -4.42 38.50 35.96
C ARG B 558 -3.26 38.01 36.82
N TYR B 559 -2.95 36.71 36.74
CA TYR B 559 -1.87 36.06 37.48
C TYR B 559 -0.72 35.71 36.55
N HIS B 560 0.49 35.86 37.07
CA HIS B 560 1.69 35.40 36.37
C HIS B 560 2.05 33.99 36.80
N VAL B 561 2.11 33.06 35.84
CA VAL B 561 2.41 31.64 36.08
C VAL B 561 3.76 31.25 35.48
N VAL B 562 4.61 30.65 36.31
CA VAL B 562 5.88 30.14 35.79
C VAL B 562 5.98 28.68 36.20
N LEU B 563 6.27 27.80 35.26
CA LEU B 563 6.58 26.39 35.55
C LEU B 563 8.04 26.18 35.17
N THR B 564 8.85 25.69 36.11
CA THR B 564 10.26 25.36 35.77
C THR B 564 10.49 23.88 36.03
N MET B 565 11.32 23.27 35.19
CA MET B 565 11.72 21.91 35.45
C MET B 565 13.20 21.81 35.08
N ALA B 566 14.05 21.35 36.01
CA ALA B 566 15.43 21.01 35.67
C ALA B 566 15.86 20.00 36.74
N ASN B 567 16.84 19.18 36.41
CA ASN B 567 17.33 18.16 37.37
C ASN B 567 16.20 17.35 37.96
N LYS B 568 15.22 17.02 37.13
CA LYS B 568 14.06 16.20 37.44
C LYS B 568 13.18 16.79 38.51
N ILE B 569 13.35 18.07 38.82
CA ILE B 569 12.59 18.74 39.86
C ILE B 569 11.73 19.86 39.25
N GLY B 570 10.48 19.87 39.67
CA GLY B 570 9.53 20.87 39.15
C GLY B 570 9.11 21.88 40.20
N SER B 571 8.91 23.11 39.73
CA SER B 571 8.48 24.19 40.59
C SER B 571 7.39 24.96 39.89
N VAL B 572 6.47 25.54 40.68
CA VAL B 572 5.38 26.37 40.16
C VAL B 572 5.38 27.68 40.87
N TYR B 573 5.34 28.78 40.15
CA TYR B 573 5.36 30.12 40.76
C TYR B 573 4.11 30.84 40.35
N ILE B 574 3.52 31.55 41.30
CA ILE B 574 2.43 32.47 40.99
C ILE B 574 2.89 33.87 41.40
N ASP B 575 2.76 34.84 40.49
CA ASP B 575 3.17 36.23 40.79
C ASP B 575 4.60 36.29 41.34
N GLY B 576 5.44 35.48 40.73
CA GLY B 576 6.88 35.49 41.04
C GLY B 576 7.27 34.80 42.30
N GLU B 577 6.34 34.17 42.97
CA GLU B 577 6.62 33.49 44.24
C GLU B 577 6.28 32.00 44.15
N PRO B 578 7.15 31.15 44.68
CA PRO B 578 6.90 29.72 44.62
C PRO B 578 5.68 29.34 45.42
N LEU B 579 4.88 28.41 44.93
CA LEU B 579 3.79 27.87 45.70
C LEU B 579 4.42 27.09 46.88
N GLU B 580 3.80 27.19 48.06
CA GLU B 580 4.31 26.44 49.22
C GLU B 580 4.43 25.03 48.69
N GLY B 581 5.55 24.35 48.96
CA GLY B 581 5.71 22.99 48.47
C GLY B 581 6.22 22.79 47.03
N SER B 582 6.64 23.87 46.40
CA SER B 582 7.22 23.79 45.08
C SER B 582 8.59 23.12 45.22
N GLY B 583 9.14 22.59 44.15
CA GLY B 583 10.46 22.02 44.23
C GLY B 583 10.45 20.51 44.52
N GLN B 584 9.51 19.79 43.93
CA GLN B 584 9.42 18.34 44.10
C GLN B 584 9.91 17.60 42.86
N THR B 585 10.37 16.38 43.09
CA THR B 585 10.71 15.47 42.01
C THR B 585 9.51 15.18 41.13
N VAL B 586 9.72 15.32 39.83
CA VAL B 586 8.69 15.06 38.88
C VAL B 586 8.98 13.94 37.97
N VAL B 587 10.22 13.46 37.98
CA VAL B 587 10.64 12.40 37.09
C VAL B 587 11.46 11.36 37.85
N PRO B 588 11.06 10.10 37.76
CA PRO B 588 11.83 8.93 38.24
C PRO B 588 13.30 8.94 37.80
N ASP B 589 14.11 8.47 38.70
CA ASP B 589 15.53 8.69 38.57
C ASP B 589 16.17 8.08 37.31
N GLU B 590 15.67 6.95 36.82
CA GLU B 590 16.29 6.41 35.63
C GLU B 590 15.65 6.99 34.37
N ARG B 591 14.33 6.95 34.35
CA ARG B 591 13.56 7.33 33.16
C ARG B 591 13.78 8.77 32.69
N THR B 592 13.84 8.93 31.37
CA THR B 592 13.85 10.22 30.72
C THR B 592 12.43 10.45 30.20
N PRO B 593 11.84 11.58 30.51
CA PRO B 593 10.49 11.86 30.02
C PRO B 593 10.46 11.98 28.52
N ASP B 594 9.24 11.79 28.00
CA ASP B 594 8.91 11.92 26.60
C ASP B 594 7.65 12.76 26.51
N ILE B 595 7.80 14.06 26.69
CA ILE B 595 6.65 14.98 26.75
C ILE B 595 5.98 14.97 25.41
N SER B 596 4.64 14.86 25.44
CA SER B 596 3.84 14.90 24.25
C SER B 596 3.60 16.35 23.71
N HIS B 597 3.23 17.21 24.62
CA HIS B 597 2.86 18.56 24.27
C HIS B 597 2.78 19.37 25.56
N PHE B 598 2.83 20.67 25.39
CA PHE B 598 2.32 21.59 26.40
C PHE B 598 0.85 21.92 26.12
N TYR B 599 0.03 22.02 27.17
CA TYR B 599 -1.35 22.44 27.09
C TYR B 599 -1.47 23.81 27.76
N VAL B 600 -2.31 24.66 27.14
CA VAL B 600 -2.45 26.02 27.57
C VAL B 600 -3.92 26.42 27.50
N GLY B 601 -4.48 26.83 28.62
CA GLY B 601 -5.83 27.37 28.62
C GLY B 601 -6.93 26.32 28.51
N GLY B 602 -6.60 25.08 28.81
CA GLY B 602 -7.48 23.94 28.61
C GLY B 602 -6.58 22.79 28.22
N TYR B 603 -7.17 21.63 27.96
CA TYR B 603 -6.42 20.49 27.43
C TYR B 603 -6.40 20.45 25.91
N LYS B 604 -7.27 21.24 25.26
CA LYS B 604 -7.57 21.10 23.84
C LYS B 604 -8.00 19.66 23.53
N ARG B 605 -8.73 19.02 24.44
CA ARG B 605 -9.17 17.65 24.20
C ARG B 605 -10.64 17.49 24.58
N SER B 606 -11.46 17.18 23.57
CA SER B 606 -12.89 16.97 23.77
C SER B 606 -13.16 15.82 24.70
N GLY B 607 -12.24 14.86 24.79
CA GLY B 607 -12.34 13.74 25.70
C GLY B 607 -12.05 13.98 27.18
N MET B 608 -11.57 15.18 27.53
CA MET B 608 -11.41 15.54 28.91
C MET B 608 -12.62 16.42 29.32
N PRO B 609 -13.32 16.07 30.38
CA PRO B 609 -14.60 16.75 30.65
C PRO B 609 -14.49 18.11 31.31
N THR B 610 -13.28 18.68 31.38
CA THR B 610 -13.09 19.97 32.00
C THR B 610 -13.46 21.14 31.10
N ASP B 611 -13.79 22.24 31.76
CA ASP B 611 -14.22 23.47 31.06
C ASP B 611 -13.43 24.63 31.64
N SER B 612 -12.33 24.94 30.96
CA SER B 612 -11.50 26.00 31.46
C SER B 612 -11.87 27.30 30.79
N ARG B 613 -12.40 28.27 31.58
CA ARG B 613 -12.86 29.54 31.01
C ARG B 613 -11.85 30.56 31.47
N VAL B 614 -10.88 30.81 30.60
CA VAL B 614 -9.70 31.54 31.02
C VAL B 614 -9.12 32.25 29.82
N THR B 615 -8.46 33.37 30.10
CA THR B 615 -7.69 34.09 29.10
C THR B 615 -6.22 33.89 29.39
N VAL B 616 -5.45 33.63 28.34
CA VAL B 616 -4.02 33.43 28.48
C VAL B 616 -3.30 34.36 27.55
N ASN B 617 -2.34 35.11 28.10
CA ASN B 617 -1.59 36.03 27.28
C ASN B 617 -0.09 35.72 27.43
N ASN B 618 0.63 36.02 26.37
CA ASN B 618 2.13 36.07 26.39
C ASN B 618 2.83 34.80 26.97
N VAL B 619 2.72 33.69 26.23
CA VAL B 619 3.29 32.43 26.67
C VAL B 619 4.75 32.36 26.20
N LEU B 620 5.67 32.12 27.14
CA LEU B 620 7.11 32.13 26.75
C LEU B 620 7.60 30.74 27.07
N LEU B 621 8.47 30.18 26.21
CA LEU B 621 9.10 28.89 26.49
C LEU B 621 10.61 29.02 26.41
N TYR B 622 11.33 28.68 27.51
CA TYR B 622 12.76 28.71 27.51
C TYR B 622 13.32 27.30 27.63
N ASN B 623 14.53 27.12 27.10
CA ASN B 623 15.20 25.83 27.19
C ASN B 623 16.08 25.66 28.46
N ARG B 624 15.75 26.35 29.53
CA ARG B 624 16.48 26.21 30.78
C ARG B 624 15.59 26.64 31.92
N GLN B 625 16.01 26.35 33.15
CA GLN B 625 15.32 26.85 34.34
C GLN B 625 15.74 28.31 34.61
N LEU B 626 14.81 29.24 34.51
CA LEU B 626 15.11 30.63 34.78
C LEU B 626 15.42 30.79 36.26
N ASN B 627 16.25 31.79 36.55
CA ASN B 627 16.57 32.10 37.95
C ASN B 627 15.59 33.02 38.62
N ALA B 628 15.77 33.21 39.91
CA ALA B 628 14.89 34.04 40.71
C ALA B 628 14.66 35.44 40.17
N GLU B 629 15.74 36.09 39.82
CA GLU B 629 15.72 37.44 39.29
C GLU B 629 14.96 37.48 37.94
N GLU B 630 15.29 36.55 37.07
CA GLU B 630 14.62 36.47 35.77
C GLU B 630 13.12 36.30 35.90
N ILE B 631 12.69 35.44 36.82
CA ILE B 631 11.27 35.18 37.10
C ILE B 631 10.60 36.45 37.60
N ARG B 632 11.28 37.13 38.52
CA ARG B 632 10.71 38.36 39.07
C ARG B 632 10.56 39.43 38.05
N THR B 633 11.54 39.57 37.17
CA THR B 633 11.50 40.55 36.09
C THR B 633 10.39 40.22 35.17
N LEU B 634 10.20 38.94 34.84
CA LEU B 634 9.07 38.62 33.99
C LEU B 634 7.73 38.97 34.66
N PHE B 635 7.61 38.64 35.94
CA PHE B 635 6.40 39.01 36.66
C PHE B 635 6.16 40.52 36.61
N LEU B 636 7.19 41.31 36.88
CA LEU B 636 6.98 42.74 36.96
C LEU B 636 6.72 43.40 35.59
N SER B 637 7.12 42.73 34.53
CA SER B 637 7.03 43.29 33.19
C SER B 637 5.92 42.69 32.32
N GLN B 638 4.98 41.99 32.94
CA GLN B 638 3.89 41.34 32.20
C GLN B 638 3.10 42.16 31.24
N ASP B 639 2.85 43.43 31.57
CA ASP B 639 2.01 44.25 30.69
C ASP B 639 2.82 45.05 29.69
N LEU B 640 4.11 44.75 29.61
CA LEU B 640 4.99 45.41 28.68
C LEU B 640 5.46 44.50 27.57
N ILE B 641 5.35 43.18 27.71
CA ILE B 641 6.02 42.31 26.72
C ILE B 641 5.21 41.92 25.48
N GLY B 642 3.93 42.26 25.46
CA GLY B 642 3.09 41.88 24.35
C GLY B 642 3.52 42.42 23.02
N THR B 643 3.16 41.66 21.98
CA THR B 643 3.55 42.00 20.60
C THR B 643 2.51 42.86 19.93
N GLU B 644 1.31 43.02 20.52
CA GLU B 644 0.22 43.71 19.82
C GLU B 644 0.62 45.11 19.35
N ALA B 645 1.28 45.87 20.21
CA ALA B 645 1.49 47.27 19.91
C ALA B 645 2.76 47.51 19.10
N HIS B 646 3.56 46.47 18.96
CA HIS B 646 4.81 46.64 18.26
C HIS B 646 4.61 46.48 16.76
N MET B 647 3.71 45.58 16.37
CA MET B 647 3.46 45.29 14.96
C MET B 647 2.30 46.13 14.39
C2 BGC C . -18.42 -44.17 -1.65
C3 BGC C . -19.51 -43.14 -1.30
C4 BGC C . -20.23 -42.72 -2.56
C5 BGC C . -20.71 -43.98 -3.33
C6 BGC C . -21.42 -43.60 -4.62
C1 BGC C . -19.05 -45.33 -2.41
O1 BGC C . -18.13 -46.34 -2.77
O2 BGC C . -17.84 -44.66 -0.45
O3 BGC C . -18.99 -41.97 -0.65
O4 BGC C . -21.39 -41.95 -2.23
O5 BGC C . -19.62 -44.87 -3.61
O6 BGC C . -21.80 -44.77 -5.33
C1 GAL C . -21.27 -40.60 -1.86
C2 GAL C . -22.66 -39.99 -2.18
C3 GAL C . -22.88 -38.62 -1.60
C4 GAL C . -22.44 -38.64 -0.15
C5 GAL C . -21.02 -39.17 -0.07
C6 GAL C . -20.38 -39.00 1.30
O2 GAL C . -22.87 -39.93 -3.58
O3 GAL C . -24.26 -38.21 -1.67
O4 GAL C . -23.39 -39.40 0.60
O5 GAL C . -20.96 -40.54 -0.47
O6 GAL C . -19.11 -39.58 1.32
C2 BGC D . 21.54 -3.05 1.21
C3 BGC D . 22.42 -1.86 0.78
C4 BGC D . 23.15 -1.32 2.00
C5 BGC D . 23.83 -2.44 2.78
C6 BGC D . 24.34 -1.94 4.10
C1 BGC D . 22.43 -4.10 1.86
O1 BGC D . 21.75 -5.31 2.19
O2 BGC D . 20.85 -3.67 0.12
O3 BGC D . 21.68 -0.80 0.20
O4 BGC D . 24.20 -0.41 1.68
O5 BGC D . 22.95 -3.51 3.06
O6 BGC D . 24.78 -3.10 4.81
C1 GAL D . 23.91 0.93 1.40
C2 GAL D . 25.15 1.76 1.77
C3 GAL D . 25.13 3.17 1.21
C4 GAL D . 24.72 3.14 -0.26
C5 GAL D . 23.41 2.36 -0.35
C6 GAL D . 22.75 2.45 -1.70
O2 GAL D . 25.35 1.87 3.18
O3 GAL D . 26.42 3.77 1.43
O4 GAL D . 25.80 2.55 -1.00
O5 GAL D . 23.66 1.01 0.01
O6 GAL D . 21.67 1.55 -1.79
#